data_6XS3
#
_entry.id   6XS3
#
_cell.length_a   78.185
_cell.length_b   91.366
_cell.length_c   124.316
_cell.angle_alpha   90.000
_cell.angle_beta   94.700
_cell.angle_gamma   90.000
#
_symmetry.space_group_name_H-M   'P 1 21 1'
#
loop_
_entity.id
_entity.type
_entity.pdbx_description
1 polymer Lipase
2 non-polymer 'OCTANOIC ACID (CAPRYLIC ACID)'
3 non-polymer 'CALCIUM ION'
4 non-polymer 2-acetamido-2-deoxy-beta-D-glucopyranose
5 non-polymer '2-hydroxy-3-(octadecanoyloxy)propyl pentacosanoate'
6 non-polymer 'PHOSPHATE ION'
7 water water
#
_entity_poly.entity_id   1
_entity_poly.type   'polypeptide(L)'
_entity_poly.pdbx_seq_one_letter_code
;MRSSLVLFFVSAWTALASPIRREVSQDLFNQFNLFAQYSAAAYCGKNNDAPAGTNITCTGNACPEVEKADATFLYSFEDS
GVGDVTGFLALDNTNKLIVLSFRGSRSIENWIGNLNFDLKEINDICSGCRGHDGFTSSWRSVADTLRQKVEDAVREHPDY
RVVFTGHSLGGALATVAGADLRGNGYDIDVFSYGAPRVGNRAFAEFLTVQTGGTLYRITHTNDIVPRLPPREFGYSHSSP
EYWIKSGTLVPVTRNDIVKIEGIDATGGNNQPNIPDIPAHLWYFGLIGTCL
;
_entity_poly.pdbx_strand_id   A,B,C,E,D,F
#
loop_
_chem_comp.id
_chem_comp.type
_chem_comp.name
_chem_comp.formula
CA non-polymer 'CALCIUM ION' 'Ca 2'
LTV non-polymer '2-hydroxy-3-(octadecanoyloxy)propyl pentacosanoate' 'C46 H90 O5'
NAG D-saccharide, beta linking 2-acetamido-2-deoxy-beta-D-glucopyranose 'C8 H15 N O6'
OCA non-polymer 'OCTANOIC ACID (CAPRYLIC ACID)' 'C8 H16 O2'
PO4 non-polymer 'PHOSPHATE ION' 'O4 P -3'
#
# COMPACT_ATOMS: atom_id res chain seq x y z
N GLU A 23 -2.02 8.28 43.92
CA GLU A 23 -0.65 8.20 44.48
C GLU A 23 0.31 7.51 43.52
N VAL A 24 1.49 8.09 43.36
CA VAL A 24 2.60 7.43 42.67
C VAL A 24 3.79 7.42 43.60
N SER A 25 4.78 6.61 43.26
CA SER A 25 6.01 6.53 44.05
C SER A 25 6.81 7.82 43.91
N GLN A 26 7.61 8.13 44.92
CA GLN A 26 8.46 9.31 44.88
C GLN A 26 9.40 9.26 43.68
N ASP A 27 9.89 8.07 43.34
CA ASP A 27 10.78 7.94 42.18
C ASP A 27 10.05 8.33 40.91
N LEU A 28 8.84 7.82 40.72
CA LEU A 28 8.08 8.16 39.51
C LEU A 28 7.71 9.64 39.51
N PHE A 29 7.35 10.18 40.68
CA PHE A 29 7.10 11.61 40.78
C PHE A 29 8.30 12.42 40.33
N ASN A 30 9.50 12.01 40.73
CA ASN A 30 10.71 12.73 40.31
C ASN A 30 10.87 12.69 38.79
N GLN A 31 10.58 11.55 38.17
CA GLN A 31 10.64 11.48 36.72
C GLN A 31 9.57 12.37 36.09
N PHE A 32 8.35 12.32 36.60
CA PHE A 32 7.30 13.18 36.06
C PHE A 32 7.72 14.65 36.13
N ASN A 33 8.28 15.06 37.27
CA ASN A 33 8.72 16.44 37.42
C ASN A 33 9.87 16.77 36.47
N LEU A 34 10.82 15.85 36.30
CA LEU A 34 11.98 16.14 35.47
C LEU A 34 11.59 16.38 34.02
N PHE A 35 10.78 15.48 33.46
CA PHE A 35 10.46 15.55 32.04
C PHE A 35 9.40 16.58 31.72
N ALA A 36 8.62 17.01 32.71
CA ALA A 36 7.83 18.22 32.53
C ALA A 36 8.74 19.42 32.29
N GLN A 37 9.90 19.43 32.93
CA GLN A 37 10.84 20.53 32.75
C GLN A 37 11.58 20.40 31.43
N TYR A 38 11.91 19.18 31.01
CA TYR A 38 12.42 18.99 29.66
C TYR A 38 11.41 19.46 28.63
N SER A 39 10.12 19.20 28.88
CA SER A 39 9.09 19.68 27.96
C SER A 39 9.02 21.20 27.99
N ALA A 40 9.06 21.79 29.18
CA ALA A 40 9.03 23.24 29.29
C ALA A 40 10.23 23.86 28.57
N ALA A 41 11.38 23.20 28.62
CA ALA A 41 12.58 23.77 28.00
C ALA A 41 12.45 23.87 26.48
N ALA A 42 11.73 22.93 25.86
CA ALA A 42 11.59 22.94 24.40
C ALA A 42 10.94 24.21 23.89
N TYR A 43 10.20 24.93 24.73
CA TYR A 43 9.53 26.15 24.29
C TYR A 43 10.48 27.35 24.22
N CYS A 44 11.57 27.36 24.99
CA CYS A 44 12.48 28.49 24.96
C CYS A 44 13.15 28.60 23.60
N GLY A 45 13.08 29.78 22.99
CA GLY A 45 13.58 29.93 21.63
C GLY A 45 15.04 29.56 21.49
N LYS A 46 15.86 29.94 22.48
CA LYS A 46 17.28 29.63 22.42
C LYS A 46 17.57 28.14 22.49
N ASN A 47 16.58 27.32 22.84
CA ASN A 47 16.75 25.88 22.89
C ASN A 47 16.29 25.19 21.61
N ASN A 48 16.05 25.96 20.54
CA ASN A 48 15.69 25.38 19.25
C ASN A 48 16.71 25.68 18.15
N ASP A 49 17.74 26.48 18.44
CA ASP A 49 18.83 26.67 17.50
C ASP A 49 20.18 26.67 18.21
N ALA A 50 20.28 25.92 19.32
CA ALA A 50 21.48 25.92 20.13
C ALA A 50 22.57 25.08 19.47
N PRO A 51 23.83 25.51 19.57
CA PRO A 51 24.92 24.69 19.01
C PRO A 51 25.07 23.39 19.77
N ALA A 52 25.36 22.31 19.04
CA ALA A 52 25.57 21.02 19.69
C ALA A 52 26.66 21.14 20.75
N GLY A 53 26.48 20.41 21.84
CA GLY A 53 27.46 20.39 22.91
C GLY A 53 27.32 21.49 23.94
N THR A 54 26.45 22.46 23.71
CA THR A 54 26.25 23.52 24.68
C THR A 54 25.18 23.12 25.70
N ASN A 55 25.17 23.84 26.81
CA ASN A 55 24.32 23.48 27.93
C ASN A 55 22.88 23.91 27.70
N ILE A 56 21.97 23.10 28.23
CA ILE A 56 20.54 23.37 28.15
C ILE A 56 20.17 24.25 29.34
N THR A 57 19.68 25.44 29.06
CA THR A 57 19.23 26.36 30.08
C THR A 57 17.88 26.92 29.67
N CYS A 58 17.13 27.40 30.67
CA CYS A 58 15.85 28.04 30.44
C CYS A 58 15.85 29.39 31.13
N THR A 59 14.76 30.13 30.92
CA THR A 59 14.56 31.44 31.51
C THR A 59 13.36 31.39 32.44
N GLY A 60 13.40 32.23 33.47
CA GLY A 60 12.29 32.30 34.40
C GLY A 60 12.08 31.06 35.24
N ASN A 61 13.15 30.33 35.56
CA ASN A 61 13.06 29.15 36.42
C ASN A 61 12.18 28.08 35.80
N ALA A 62 12.23 27.97 34.47
CA ALA A 62 11.37 27.02 33.77
C ALA A 62 11.87 25.59 33.89
N CYS A 63 13.18 25.39 34.02
CA CYS A 63 13.74 24.03 34.06
C CYS A 63 14.94 23.95 35.00
N PRO A 64 14.74 24.23 36.30
CA PRO A 64 15.90 24.17 37.22
C PRO A 64 16.55 22.79 37.27
N GLU A 65 15.76 21.72 37.39
CA GLU A 65 16.34 20.38 37.49
C GLU A 65 17.13 20.01 36.24
N VAL A 66 16.73 20.51 35.07
CA VAL A 66 17.50 20.24 33.85
C VAL A 66 18.83 20.99 33.88
N GLU A 67 18.82 22.20 34.42
CA GLU A 67 20.06 22.98 34.51
C GLU A 67 21.02 22.34 35.50
N LYS A 68 20.52 21.91 36.65
CA LYS A 68 21.37 21.22 37.62
C LYS A 68 22.09 20.03 36.98
N ALA A 69 21.41 19.31 36.10
CA ALA A 69 22.01 18.13 35.47
C ALA A 69 23.09 18.54 34.47
N ASP A 70 23.97 17.59 34.17
CA ASP A 70 24.97 17.78 33.13
C ASP A 70 24.32 17.42 31.79
N ALA A 71 23.51 18.35 31.29
CA ALA A 71 22.68 18.12 30.11
C ALA A 71 23.10 19.09 29.02
N THR A 72 23.34 18.55 27.83
CA THR A 72 23.80 19.32 26.69
C THR A 72 23.00 18.93 25.47
N PHE A 73 23.08 19.77 24.44
CA PHE A 73 22.39 19.52 23.19
C PHE A 73 23.17 18.55 22.32
N LEU A 74 22.49 17.50 21.86
CA LEU A 74 23.00 16.71 20.74
C LEU A 74 22.51 17.25 19.40
N TYR A 75 21.29 17.80 19.39
CA TYR A 75 20.66 18.31 18.18
C TYR A 75 19.59 19.30 18.62
N SER A 76 19.46 20.39 17.87
CA SER A 76 18.46 21.42 18.17
C SER A 76 17.80 21.81 16.86
N PHE A 77 16.47 21.74 16.80
CA PHE A 77 15.76 21.93 15.57
C PHE A 77 14.56 22.85 15.75
N GLU A 78 14.19 23.52 14.66
CA GLU A 78 13.04 24.41 14.61
C GLU A 78 12.65 24.53 13.15
N ASP A 79 11.36 24.80 12.91
CA ASP A 79 10.85 24.95 11.55
C ASP A 79 11.13 23.71 10.71
N SER A 80 11.17 22.54 11.35
CA SER A 80 11.48 21.31 10.64
C SER A 80 10.23 20.69 10.05
N GLY A 81 10.46 19.85 9.03
CA GLY A 81 9.40 19.11 8.38
C GLY A 81 8.21 19.97 8.02
N VAL A 82 7.03 19.39 8.13
CA VAL A 82 5.78 20.09 7.92
C VAL A 82 5.13 20.32 9.29
N GLY A 83 4.51 21.47 9.46
CA GLY A 83 3.89 21.80 10.73
C GLY A 83 4.81 22.44 11.75
N ASP A 84 6.02 22.81 11.35
CA ASP A 84 6.94 23.56 12.21
C ASP A 84 7.37 22.71 13.41
N VAL A 85 7.87 21.51 13.13
CA VAL A 85 8.35 20.64 14.19
C VAL A 85 9.56 21.31 14.85
N THR A 86 9.57 21.31 16.18
CA THR A 86 10.54 22.08 16.94
C THR A 86 10.84 21.37 18.26
N GLY A 87 12.09 21.44 18.68
CA GLY A 87 12.49 20.82 19.93
C GLY A 87 14.00 20.63 19.97
N PHE A 88 14.42 19.60 20.71
CA PHE A 88 15.84 19.29 20.79
C PHE A 88 16.03 17.85 21.22
N LEU A 89 17.22 17.34 20.94
CA LEU A 89 17.70 16.06 21.46
C LEU A 89 18.82 16.35 22.46
N ALA A 90 18.68 15.84 23.67
CA ALA A 90 19.58 16.15 24.76
C ALA A 90 20.35 14.92 25.21
N LEU A 91 21.54 15.16 25.78
CA LEU A 91 22.35 14.13 26.42
C LEU A 91 22.47 14.49 27.89
N ASP A 92 21.90 13.68 28.76
CA ASP A 92 21.92 13.91 30.21
C ASP A 92 22.87 12.90 30.83
N ASN A 93 24.06 13.36 31.20
CA ASN A 93 25.05 12.49 31.81
C ASN A 93 24.80 12.28 33.29
N THR A 94 24.06 13.18 33.94
CA THR A 94 23.72 12.98 35.35
C THR A 94 22.70 11.87 35.51
N ASN A 95 21.59 11.94 34.80
CA ASN A 95 20.54 10.94 34.86
C ASN A 95 20.73 9.81 33.85
N LYS A 96 21.74 9.90 33.00
CA LYS A 96 22.04 8.87 31.99
C LYS A 96 20.84 8.68 31.06
N LEU A 97 20.50 9.79 30.38
CA LEU A 97 19.34 9.84 29.52
C LEU A 97 19.70 10.40 28.16
N ILE A 98 19.05 9.87 27.13
CA ILE A 98 18.92 10.51 25.82
C ILE A 98 17.48 10.98 25.73
N VAL A 99 17.27 12.29 25.71
CA VAL A 99 15.93 12.87 25.79
C VAL A 99 15.64 13.57 24.48
N LEU A 100 14.55 13.16 23.83
CA LEU A 100 13.98 13.87 22.69
C LEU A 100 12.76 14.63 23.17
N SER A 101 12.82 15.96 23.15
CA SER A 101 11.78 16.82 23.68
C SER A 101 11.19 17.64 22.54
N PHE A 102 9.90 17.45 22.28
CA PHE A 102 9.19 18.23 21.28
C PHE A 102 8.51 19.43 21.91
N ARG A 103 8.53 20.56 21.21
CA ARG A 103 7.80 21.74 21.65
C ARG A 103 6.32 21.61 21.30
N GLY A 104 5.48 22.18 22.16
CA GLY A 104 4.06 22.30 21.89
C GLY A 104 3.78 23.48 20.96
N SER A 105 2.53 23.90 20.95
CA SER A 105 2.08 24.87 19.94
C SER A 105 2.53 26.27 20.33
N ARG A 106 3.25 26.92 19.41
CA ARG A 106 3.55 28.32 19.58
C ARG A 106 3.33 29.12 18.29
N SER A 107 3.66 28.54 17.15
CA SER A 107 3.55 29.25 15.88
C SER A 107 2.16 29.07 15.27
N ILE A 108 1.81 29.97 14.35
CA ILE A 108 0.59 29.80 13.58
CA ILE A 108 0.59 29.80 13.58
C ILE A 108 0.60 28.45 12.88
N GLU A 109 1.75 28.07 12.33
CA GLU A 109 1.84 26.79 11.63
CA GLU A 109 1.87 26.79 11.64
C GLU A 109 1.55 25.62 12.58
N ASN A 110 1.96 25.73 13.84
CA ASN A 110 1.61 24.69 14.81
C ASN A 110 0.10 24.58 14.95
N TRP A 111 -0.57 25.72 15.14
CA TRP A 111 -2.01 25.70 15.39
C TRP A 111 -2.77 25.15 14.19
N ILE A 112 -2.31 25.46 12.98
CA ILE A 112 -2.98 24.95 11.78
C ILE A 112 -2.83 23.44 11.68
N GLY A 113 -1.65 22.92 12.02
CA GLY A 113 -1.48 21.48 12.05
C GLY A 113 -2.40 20.80 13.04
N ASN A 114 -2.65 21.45 14.18
CA ASN A 114 -3.58 20.88 15.14
C ASN A 114 -4.96 20.72 14.55
N LEU A 115 -5.37 21.64 13.69
CA LEU A 115 -6.70 21.64 13.11
C LEU A 115 -6.89 20.61 12.01
N ASN A 116 -5.83 19.92 11.62
CA ASN A 116 -5.93 18.86 10.61
C ASN A 116 -6.27 17.54 11.31
N PHE A 117 -7.53 17.47 11.75
CA PHE A 117 -7.94 16.47 12.72
C PHE A 117 -8.66 15.27 12.12
N ASP A 118 -8.71 15.14 10.79
CA ASP A 118 -9.31 13.95 10.22
C ASP A 118 -8.34 12.77 10.37
N LEU A 119 -8.92 11.58 10.45
CA LEU A 119 -8.17 10.38 10.85
C LEU A 119 -7.58 9.71 9.62
N LYS A 120 -6.26 9.52 9.65
CA LYS A 120 -5.51 8.95 8.53
CA LYS A 120 -5.51 8.95 8.53
C LYS A 120 -4.97 7.58 8.91
N GLU A 121 -5.00 6.65 7.96
CA GLU A 121 -4.51 5.31 8.20
CA GLU A 121 -4.52 5.30 8.20
C GLU A 121 -3.02 5.32 8.52
N ILE A 122 -2.64 4.58 9.56
CA ILE A 122 -1.24 4.40 9.92
C ILE A 122 -0.99 2.90 9.98
N ASN A 123 -1.24 2.21 8.85
CA ASN A 123 -1.03 0.77 8.79
C ASN A 123 0.42 0.37 9.05
N ASP A 124 1.37 1.28 8.79
CA ASP A 124 2.76 0.96 9.07
C ASP A 124 3.07 0.90 10.56
N ILE A 125 2.14 1.30 11.42
CA ILE A 125 2.29 1.15 12.86
C ILE A 125 1.43 0.01 13.39
N CYS A 126 0.16 -0.06 12.98
CA CYS A 126 -0.70 -1.18 13.34
C CYS A 126 -1.90 -1.22 12.41
N SER A 127 -2.37 -2.44 12.15
CA SER A 127 -3.52 -2.63 11.27
C SER A 127 -4.78 -2.11 11.95
N GLY A 128 -5.62 -1.44 11.17
CA GLY A 128 -6.83 -0.85 11.69
C GLY A 128 -6.62 0.43 12.46
N CYS A 129 -5.38 0.84 12.65
CA CYS A 129 -5.08 2.06 13.38
C CYS A 129 -5.21 3.29 12.49
N ARG A 130 -5.71 4.37 13.06
CA ARG A 130 -5.77 5.66 12.38
C ARG A 130 -5.34 6.75 13.36
N GLY A 131 -4.63 7.75 12.84
CA GLY A 131 -4.10 8.80 13.66
C GLY A 131 -4.47 10.17 13.12
N HIS A 132 -4.47 11.13 14.04
CA HIS A 132 -4.60 12.54 13.69
C HIS A 132 -3.69 12.88 12.51
N ASP A 133 -4.31 13.30 11.40
CA ASP A 133 -3.56 13.60 10.18
C ASP A 133 -2.40 14.53 10.46
N GLY A 134 -2.66 15.64 11.15
CA GLY A 134 -1.63 16.62 11.43
C GLY A 134 -0.43 16.05 12.16
N PHE A 135 -0.69 15.43 13.32
CA PHE A 135 0.42 14.91 14.12
C PHE A 135 1.20 13.85 13.35
N THR A 136 0.50 12.95 12.67
CA THR A 136 1.19 11.87 11.96
C THR A 136 1.95 12.40 10.76
N SER A 137 1.39 13.38 10.04
CA SER A 137 2.10 13.97 8.92
C SER A 137 3.37 14.66 9.39
N SER A 138 3.27 15.43 10.49
CA SER A 138 4.43 16.14 11.02
C SER A 138 5.54 15.17 11.42
N TRP A 139 5.18 14.10 12.14
CA TRP A 139 6.20 13.13 12.53
C TRP A 139 6.82 12.46 11.32
N ARG A 140 5.99 11.97 10.39
CA ARG A 140 6.51 11.34 9.18
C ARG A 140 7.56 12.23 8.52
N SER A 141 7.33 13.55 8.51
CA SER A 141 8.19 14.46 7.79
C SER A 141 9.55 14.66 8.44
N VAL A 142 9.73 14.21 9.69
CA VAL A 142 11.00 14.32 10.39
C VAL A 142 11.48 12.97 10.93
N ALA A 143 10.77 11.88 10.64
CA ALA A 143 11.09 10.60 11.26
C ALA A 143 12.49 10.16 10.90
N ASP A 144 12.83 10.16 9.61
CA ASP A 144 14.13 9.63 9.17
C ASP A 144 15.28 10.40 9.82
N THR A 145 15.20 11.73 9.82
CA THR A 145 16.28 12.51 10.42
C THR A 145 16.41 12.20 11.90
N LEU A 146 15.31 12.31 12.65
CA LEU A 146 15.39 12.18 14.10
C LEU A 146 15.70 10.75 14.52
N ARG A 147 15.15 9.75 13.81
CA ARG A 147 15.50 8.37 14.12
C ARG A 147 17.01 8.17 14.05
N GLN A 148 17.64 8.74 13.03
CA GLN A 148 19.09 8.61 12.88
C GLN A 148 19.83 9.30 14.03
N LYS A 149 19.35 10.48 14.44
CA LYS A 149 19.99 11.18 15.54
C LYS A 149 19.90 10.38 16.84
N VAL A 150 18.73 9.79 17.11
CA VAL A 150 18.56 9.04 18.34
C VAL A 150 19.45 7.81 18.33
N GLU A 151 19.48 7.09 17.21
CA GLU A 151 20.23 5.83 17.16
C GLU A 151 21.73 6.06 17.10
N ASP A 152 22.16 7.21 16.56
CA ASP A 152 23.56 7.61 16.75
C ASP A 152 23.88 7.78 18.22
N ALA A 153 22.99 8.41 18.98
CA ALA A 153 23.23 8.64 20.40
C ALA A 153 23.23 7.33 21.18
N VAL A 154 22.35 6.39 20.82
CA VAL A 154 22.34 5.10 21.49
C VAL A 154 23.62 4.34 21.21
N ARG A 155 24.13 4.44 19.97
CA ARG A 155 25.42 3.82 19.66
C ARG A 155 26.52 4.39 20.53
N GLU A 156 26.54 5.71 20.73
CA GLU A 156 27.61 6.34 21.49
C GLU A 156 27.45 6.09 22.99
N HIS A 157 26.22 6.08 23.49
CA HIS A 157 25.94 5.91 24.91
C HIS A 157 24.93 4.78 25.10
N PRO A 158 25.32 3.54 24.80
CA PRO A 158 24.38 2.41 24.92
C PRO A 158 23.91 2.14 26.35
N ASP A 159 24.58 2.71 27.36
CA ASP A 159 24.17 2.54 28.74
CA ASP A 159 24.15 2.52 28.74
C ASP A 159 22.99 3.42 29.12
N TYR A 160 22.69 4.44 28.31
CA TYR A 160 21.69 5.41 28.69
C TYR A 160 20.29 4.96 28.27
N ARG A 161 19.30 5.70 28.77
CA ARG A 161 17.88 5.41 28.60
C ARG A 161 17.26 6.45 27.67
N VAL A 162 16.52 5.99 26.68
CA VAL A 162 15.92 6.87 25.68
C VAL A 162 14.53 7.28 26.14
N VAL A 163 14.29 8.59 26.19
CA VAL A 163 13.01 9.14 26.63
C VAL A 163 12.55 10.18 25.63
N PHE A 164 11.33 10.01 25.11
CA PHE A 164 10.65 11.03 24.32
C PHE A 164 9.67 11.76 25.23
N THR A 165 9.61 13.08 25.10
CA THR A 165 8.69 13.85 25.92
C THR A 165 8.18 15.07 25.16
N GLY A 166 7.09 15.64 25.69
CA GLY A 166 6.56 16.89 25.15
C GLY A 166 5.26 17.28 25.85
N HIS A 167 4.96 18.57 25.75
CA HIS A 167 3.75 19.15 26.33
C HIS A 167 2.78 19.47 25.21
N SER A 168 1.53 19.03 25.36
CA SER A 168 0.46 19.36 24.42
C SER A 168 0.81 18.76 23.06
N LEU A 169 0.87 19.57 21.99
CA LEU A 169 1.27 19.05 20.69
C LEU A 169 2.57 18.28 20.76
N GLY A 170 3.54 18.80 21.51
CA GLY A 170 4.79 18.08 21.68
C GLY A 170 4.60 16.70 22.29
N GLY A 171 3.62 16.57 23.19
CA GLY A 171 3.35 15.25 23.75
C GLY A 171 2.70 14.32 22.75
N ALA A 172 1.83 14.87 21.90
CA ALA A 172 1.26 14.07 20.83
C ALA A 172 2.33 13.57 19.87
N LEU A 173 3.31 14.42 19.57
CA LEU A 173 4.41 14.01 18.70
C LEU A 173 5.29 12.97 19.37
N ALA A 174 5.61 13.17 20.65
CA ALA A 174 6.41 12.19 21.37
C ALA A 174 5.71 10.83 21.41
N THR A 175 4.38 10.83 21.51
CA THR A 175 3.63 9.58 21.57
C THR A 175 3.66 8.86 20.24
N VAL A 176 3.37 9.57 19.14
CA VAL A 176 3.41 8.95 17.82
C VAL A 176 4.81 8.45 17.51
N ALA A 177 5.83 9.28 17.79
CA ALA A 177 7.21 8.90 17.51
C ALA A 177 7.59 7.63 18.27
N GLY A 178 7.24 7.55 19.55
CA GLY A 178 7.56 6.36 20.32
C GLY A 178 6.93 5.10 19.76
N ALA A 179 5.67 5.19 19.36
CA ALA A 179 5.01 4.05 18.73
C ALA A 179 5.76 3.61 17.48
N ASP A 180 6.24 4.57 16.69
CA ASP A 180 6.84 4.25 15.40
C ASP A 180 8.23 3.65 15.54
N LEU A 181 9.01 4.10 16.52
CA LEU A 181 10.41 3.74 16.62
C LEU A 181 10.69 2.64 17.65
N ARG A 182 9.73 2.27 18.47
CA ARG A 182 9.94 1.17 19.39
C ARG A 182 10.21 -0.12 18.61
N GLY A 183 10.80 -1.08 19.30
CA GLY A 183 11.03 -2.39 18.74
C GLY A 183 12.32 -2.54 17.96
N ASN A 184 13.25 -1.60 18.05
CA ASN A 184 14.52 -1.68 17.33
C ASN A 184 15.71 -1.86 18.26
N GLY A 185 15.51 -2.50 19.41
CA GLY A 185 16.60 -2.93 20.27
C GLY A 185 16.79 -2.12 21.52
N TYR A 186 16.27 -0.88 21.57
CA TYR A 186 16.34 -0.04 22.75
C TYR A 186 14.93 0.38 23.14
N ASP A 187 14.66 0.37 24.45
CA ASP A 187 13.37 0.82 24.95
C ASP A 187 13.23 2.33 24.76
N ILE A 188 11.99 2.76 24.56
CA ILE A 188 11.65 4.17 24.45
C ILE A 188 10.49 4.43 25.40
N ASP A 189 10.75 5.19 26.46
CA ASP A 189 9.70 5.66 27.36
C ASP A 189 9.21 7.02 26.88
N VAL A 190 7.91 7.26 27.00
CA VAL A 190 7.28 8.49 26.57
C VAL A 190 6.59 9.14 27.76
N PHE A 191 6.86 10.42 27.97
CA PHE A 191 6.18 11.22 28.99
C PHE A 191 5.50 12.37 28.25
N SER A 192 4.16 12.37 28.25
CA SER A 192 3.39 13.44 27.63
C SER A 192 2.60 14.19 28.70
N TYR A 193 2.43 15.49 28.48
CA TYR A 193 1.80 16.39 29.46
C TYR A 193 0.73 17.18 28.74
N GLY A 194 -0.53 16.93 29.12
CA GLY A 194 -1.64 17.59 28.47
C GLY A 194 -1.76 17.25 26.99
N ALA A 195 -1.39 16.03 26.61
CA ALA A 195 -1.44 15.64 25.21
C ALA A 195 -2.90 15.50 24.77
N PRO A 196 -3.22 15.89 23.53
CA PRO A 196 -4.53 15.55 22.97
C PRO A 196 -4.61 14.07 22.61
N ARG A 197 -5.83 13.62 22.36
CA ARG A 197 -6.02 12.31 21.74
C ARG A 197 -5.38 12.30 20.37
N VAL A 198 -4.70 11.20 20.03
CA VAL A 198 -3.92 11.13 18.80
C VAL A 198 -4.49 10.17 17.76
N GLY A 199 -5.46 9.34 18.10
CA GLY A 199 -6.00 8.44 17.10
C GLY A 199 -7.29 7.79 17.54
N ASN A 200 -7.69 6.79 16.74
CA ASN A 200 -8.92 6.05 16.99
C ASN A 200 -8.69 4.99 18.06
N ARG A 201 -9.73 4.20 18.33
CA ARG A 201 -9.65 3.25 19.44
C ARG A 201 -8.61 2.16 19.17
N ALA A 202 -8.49 1.72 17.93
CA ALA A 202 -7.47 0.72 17.60
C ALA A 202 -6.09 1.21 17.99
N PHE A 203 -5.77 2.45 17.63
CA PHE A 203 -4.48 3.03 18.01
C PHE A 203 -4.37 3.16 19.52
N ALA A 204 -5.46 3.55 20.18
CA ALA A 204 -5.42 3.71 21.63
C ALA A 204 -5.17 2.37 22.31
N GLU A 205 -5.74 1.28 21.79
CA GLU A 205 -5.47 -0.03 22.38
C GLU A 205 -4.05 -0.47 22.09
N PHE A 206 -3.54 -0.20 20.89
CA PHE A 206 -2.14 -0.50 20.58
C PHE A 206 -1.21 0.25 21.53
N LEU A 207 -1.45 1.54 21.72
CA LEU A 207 -0.59 2.32 22.62
C LEU A 207 -0.65 1.76 24.05
N THR A 208 -1.76 1.11 24.39
CA THR A 208 -1.91 0.57 25.75
C THR A 208 -1.13 -0.73 25.93
N VAL A 209 -0.97 -1.54 24.89
CA VAL A 209 -0.36 -2.86 25.02
C VAL A 209 1.02 -2.95 24.40
N GLN A 210 1.44 -1.96 23.62
CA GLN A 210 2.76 -2.01 23.01
C GLN A 210 3.84 -2.19 24.07
N THR A 211 4.83 -3.01 23.76
CA THR A 211 6.01 -3.19 24.60
C THR A 211 7.20 -2.51 23.94
N GLY A 212 8.35 -2.60 24.60
CA GLY A 212 9.52 -1.86 24.18
C GLY A 212 9.60 -0.48 24.76
N GLY A 213 9.05 -0.27 25.95
CA GLY A 213 8.99 1.03 26.57
C GLY A 213 7.61 1.30 27.13
N THR A 214 7.50 2.27 28.04
CA THR A 214 6.25 2.61 28.70
C THR A 214 5.82 4.02 28.33
N LEU A 215 4.52 4.24 28.19
CA LEU A 215 3.95 5.55 27.95
C LEU A 215 3.32 6.05 29.24
N TYR A 216 3.75 7.23 29.69
CA TYR A 216 3.21 7.89 30.87
C TYR A 216 2.42 9.10 30.36
N ARG A 217 1.10 8.98 30.34
CA ARG A 217 0.22 10.03 29.81
C ARG A 217 -0.35 10.81 30.97
N ILE A 218 0.17 12.02 31.17
CA ILE A 218 -0.07 12.81 32.37
C ILE A 218 -1.02 13.95 32.02
N THR A 219 -2.10 14.06 32.80
CA THR A 219 -3.11 15.08 32.62
C THR A 219 -3.22 15.92 33.88
N HIS A 220 -3.88 17.07 33.77
CA HIS A 220 -4.08 17.97 34.91
C HIS A 220 -5.55 18.38 34.99
N THR A 221 -6.17 18.10 36.14
CA THR A 221 -7.54 18.49 36.45
C THR A 221 -8.45 18.53 35.23
N ASN A 222 -9.01 19.70 34.90
CA ASN A 222 -9.98 19.82 33.81
C ASN A 222 -9.38 20.53 32.60
N ASP A 223 -8.09 20.37 32.38
CA ASP A 223 -7.43 20.79 31.16
C ASP A 223 -8.26 20.39 29.94
N ILE A 224 -8.48 21.34 29.04
CA ILE A 224 -9.32 21.08 27.87
C ILE A 224 -8.60 20.23 26.83
N VAL A 225 -7.28 20.37 26.70
CA VAL A 225 -6.60 19.78 25.54
C VAL A 225 -6.72 18.27 25.52
N PRO A 226 -6.54 17.54 26.62
CA PRO A 226 -6.74 16.08 26.58
C PRO A 226 -8.16 15.66 26.25
N ARG A 227 -9.09 16.59 26.16
CA ARG A 227 -10.46 16.28 25.73
C ARG A 227 -10.65 16.51 24.24
N LEU A 228 -9.58 16.85 23.52
CA LEU A 228 -9.61 17.15 22.10
C LEU A 228 -8.70 16.19 21.34
N PRO A 229 -9.08 15.80 20.11
CA PRO A 229 -10.39 16.10 19.52
C PRO A 229 -11.48 15.28 20.23
N PRO A 230 -12.73 15.70 20.12
CA PRO A 230 -13.79 15.02 20.85
C PRO A 230 -13.95 13.57 20.43
N ARG A 231 -14.47 12.76 21.35
CA ARG A 231 -14.79 11.37 21.04
C ARG A 231 -15.64 11.26 19.79
N GLU A 232 -16.58 12.20 19.59
CA GLU A 232 -17.54 12.08 18.50
C GLU A 232 -16.89 12.11 17.12
N PHE A 233 -15.63 12.52 17.02
CA PHE A 233 -14.90 12.46 15.77
C PHE A 233 -14.12 11.16 15.61
N GLY A 234 -14.31 10.20 16.51
CA GLY A 234 -13.67 8.91 16.40
C GLY A 234 -12.40 8.74 17.21
N TYR A 235 -12.12 9.62 18.16
CA TYR A 235 -10.87 9.58 18.90
C TYR A 235 -11.05 8.90 20.25
N SER A 236 -9.98 8.26 20.70
CA SER A 236 -9.96 7.56 21.98
C SER A 236 -8.61 7.81 22.65
N HIS A 237 -8.58 7.62 23.97
CA HIS A 237 -7.36 7.75 24.74
C HIS A 237 -6.80 6.38 25.11
N SER A 238 -5.47 6.29 25.07
CA SER A 238 -4.79 5.11 25.57
C SER A 238 -4.85 5.08 27.10
N SER A 239 -4.51 3.94 27.66
CA SER A 239 -4.48 3.72 29.09
C SER A 239 -3.08 3.31 29.50
N PRO A 240 -2.64 3.65 30.72
CA PRO A 240 -3.39 4.38 31.75
C PRO A 240 -3.23 5.89 31.67
N GLU A 241 -3.95 6.59 32.55
CA GLU A 241 -3.83 8.04 32.72
C GLU A 241 -3.28 8.33 34.10
N TYR A 242 -2.34 9.27 34.17
CA TYR A 242 -1.85 9.81 35.42
C TYR A 242 -2.42 11.22 35.56
N TRP A 243 -3.30 11.41 36.52
CA TRP A 243 -4.14 12.60 36.61
C TRP A 243 -3.71 13.43 37.81
N ILE A 244 -3.32 14.68 37.55
CA ILE A 244 -2.91 15.61 38.59
C ILE A 244 -4.16 16.32 39.11
N LYS A 245 -4.50 16.07 40.37
CA LYS A 245 -5.69 16.65 40.98
C LYS A 245 -5.45 18.00 41.62
N SER A 246 -4.19 18.33 41.92
CA SER A 246 -3.89 19.61 42.54
C SER A 246 -4.07 20.74 41.54
N GLY A 247 -4.51 21.88 42.04
CA GLY A 247 -4.98 22.96 41.20
C GLY A 247 -3.88 23.71 40.48
N THR A 248 -4.31 24.70 39.69
CA THR A 248 -3.39 25.54 38.94
C THR A 248 -2.66 26.48 39.88
N LEU A 249 -1.35 26.60 39.68
CA LEU A 249 -0.44 27.37 40.53
C LEU A 249 -0.20 26.70 41.89
N VAL A 250 -0.74 25.50 42.09
CA VAL A 250 -0.54 24.74 43.33
C VAL A 250 0.60 23.75 43.12
N PRO A 251 1.56 23.65 44.03
CA PRO A 251 2.61 22.63 43.88
C PRO A 251 2.03 21.22 43.88
N VAL A 252 2.68 20.33 43.14
CA VAL A 252 2.23 18.95 43.01
C VAL A 252 3.08 18.07 43.92
N THR A 253 2.44 17.16 44.63
CA THR A 253 3.12 16.12 45.38
C THR A 253 2.71 14.76 44.82
N ARG A 254 3.45 13.72 45.22
CA ARG A 254 3.19 12.38 44.71
C ARG A 254 1.81 11.87 45.10
N ASN A 255 1.18 12.48 46.10
CA ASN A 255 -0.15 12.10 46.53
C ASN A 255 -1.25 12.76 45.71
N ASP A 256 -0.91 13.73 44.87
CA ASP A 256 -1.87 14.45 44.04
C ASP A 256 -2.06 13.83 42.67
N ILE A 257 -1.41 12.71 42.39
CA ILE A 257 -1.43 12.07 41.08
C ILE A 257 -2.13 10.73 41.22
N VAL A 258 -3.14 10.50 40.37
CA VAL A 258 -3.99 9.32 40.43
C VAL A 258 -3.79 8.53 39.16
N LYS A 259 -3.42 7.26 39.28
CA LYS A 259 -3.36 6.35 38.14
C LYS A 259 -4.78 5.88 37.83
N ILE A 260 -5.19 6.02 36.56
CA ILE A 260 -6.54 5.68 36.13
C ILE A 260 -6.43 4.76 34.93
N GLU A 261 -6.91 3.52 35.09
CA GLU A 261 -6.80 2.50 34.06
C GLU A 261 -8.10 2.43 33.25
N GLY A 262 -7.96 2.09 31.97
CA GLY A 262 -9.12 1.83 31.12
C GLY A 262 -9.17 2.72 29.88
N ILE A 263 -9.39 2.07 28.73
CA ILE A 263 -9.56 2.81 27.49
C ILE A 263 -10.70 3.79 27.66
N ASP A 264 -10.46 5.06 27.27
CA ASP A 264 -11.44 6.12 27.43
C ASP A 264 -12.04 6.13 28.84
N ALA A 265 -11.18 5.90 29.83
CA ALA A 265 -11.63 5.91 31.22
C ALA A 265 -12.14 7.29 31.59
N THR A 266 -13.23 7.31 32.34
CA THR A 266 -13.76 8.53 32.93
C THR A 266 -13.30 8.64 34.38
N GLY A 267 -13.51 9.81 34.97
CA GLY A 267 -13.16 10.04 36.35
C GLY A 267 -11.82 10.68 36.59
N GLY A 268 -11.02 10.87 35.54
CA GLY A 268 -9.83 11.71 35.62
C GLY A 268 -10.04 13.00 34.86
N ASN A 269 -9.19 13.28 33.87
CA ASN A 269 -9.41 14.47 33.06
C ASN A 269 -10.66 14.32 32.19
N ASN A 270 -11.06 13.09 31.86
CA ASN A 270 -12.22 12.87 31.01
C ASN A 270 -13.46 12.79 31.90
N GLN A 271 -13.94 13.97 32.29
CA GLN A 271 -15.16 14.11 33.06
C GLN A 271 -16.12 15.05 32.33
N PRO A 272 -17.42 14.91 32.56
CA PRO A 272 -18.41 15.79 31.91
C PRO A 272 -18.64 17.09 32.70
N ASN A 273 -17.58 17.88 32.84
CA ASN A 273 -17.64 19.17 33.52
C ASN A 273 -17.01 20.22 32.62
N ILE A 274 -16.98 21.46 33.12
CA ILE A 274 -16.52 22.58 32.29
C ILE A 274 -15.00 22.51 32.17
N PRO A 275 -14.44 22.52 30.95
CA PRO A 275 -12.99 22.49 30.81
C PRO A 275 -12.37 23.81 31.20
N ASP A 276 -11.03 23.86 31.20
CA ASP A 276 -10.30 25.02 31.68
C ASP A 276 -9.04 25.18 30.84
N ILE A 277 -8.74 26.42 30.47
CA ILE A 277 -7.57 26.69 29.63
C ILE A 277 -6.33 26.90 30.50
N PRO A 278 -6.38 27.71 31.56
CA PRO A 278 -5.18 27.89 32.39
C PRO A 278 -4.69 26.60 33.03
N ALA A 279 -5.53 25.58 33.22
CA ALA A 279 -5.05 24.31 33.73
C ALA A 279 -4.12 23.62 32.76
N HIS A 280 -4.17 23.99 31.48
CA HIS A 280 -3.29 23.42 30.49
C HIS A 280 -1.85 23.90 30.62
N LEU A 281 -1.62 24.97 31.38
CA LEU A 281 -0.31 25.59 31.49
C LEU A 281 0.39 25.25 32.79
N TRP A 282 -0.23 24.46 33.66
CA TRP A 282 0.34 24.18 34.96
C TRP A 282 0.46 22.66 35.13
N TYR A 283 1.64 22.16 34.77
CA TYR A 283 2.01 20.75 34.92
C TYR A 283 3.30 20.75 35.74
N PHE A 284 3.14 20.71 37.07
CA PHE A 284 4.25 20.82 38.02
C PHE A 284 4.78 22.25 38.10
N GLY A 285 4.86 22.93 36.96
CA GLY A 285 5.12 24.36 36.94
C GLY A 285 4.48 25.01 35.72
N LEU A 286 4.80 26.28 35.46
CA LEU A 286 4.33 26.89 34.22
C LEU A 286 5.06 26.28 33.03
N ILE A 287 4.30 25.98 31.98
CA ILE A 287 4.80 25.28 30.81
C ILE A 287 4.13 25.87 29.59
N GLY A 288 4.87 26.01 28.50
CA GLY A 288 4.40 26.69 27.32
C GLY A 288 4.63 28.18 27.33
N THR A 289 5.28 28.72 28.36
CA THR A 289 5.41 30.15 28.55
C THR A 289 6.84 30.64 28.47
N CYS A 290 7.81 29.75 28.29
CA CYS A 290 9.20 30.19 28.14
C CYS A 290 9.38 30.89 26.81
N LEU A 291 9.92 32.11 26.86
CA LEU A 291 10.20 32.87 25.65
C LEU A 291 11.42 32.29 24.94
N GLU B 23 23.13 -4.38 -6.35
CA GLU B 23 23.27 -4.52 -4.88
C GLU B 23 22.01 -4.09 -4.12
N VAL B 24 21.61 -4.90 -3.15
CA VAL B 24 20.55 -4.56 -2.22
C VAL B 24 21.13 -4.59 -0.80
N SER B 25 20.37 -4.03 0.14
CA SER B 25 20.79 -4.03 1.52
C SER B 25 20.65 -5.42 2.15
N GLN B 26 21.45 -5.68 3.19
CA GLN B 26 21.42 -6.99 3.82
C GLN B 26 20.08 -7.26 4.51
N ASP B 27 19.40 -6.22 4.97
CA ASP B 27 18.07 -6.41 5.55
C ASP B 27 17.07 -6.85 4.48
N LEU B 28 17.15 -6.24 3.29
CA LEU B 28 16.27 -6.65 2.21
C LEU B 28 16.68 -8.01 1.66
N PHE B 29 17.97 -8.27 1.56
CA PHE B 29 18.45 -9.60 1.16
C PHE B 29 17.88 -10.67 2.08
N ASN B 30 17.88 -10.42 3.38
CA ASN B 30 17.38 -11.42 4.33
C ASN B 30 15.88 -11.66 4.14
N GLN B 31 15.12 -10.60 3.83
CA GLN B 31 13.70 -10.78 3.57
C GLN B 31 13.48 -11.62 2.32
N PHE B 32 14.19 -11.30 1.24
CA PHE B 32 14.11 -12.11 0.03
C PHE B 32 14.41 -13.57 0.32
N ASN B 33 15.44 -13.83 1.13
CA ASN B 33 15.82 -15.22 1.41
C ASN B 33 14.77 -15.90 2.28
N LEU B 34 14.16 -15.16 3.21
CA LEU B 34 13.19 -15.76 4.11
C LEU B 34 11.93 -16.18 3.37
N PHE B 35 11.39 -15.29 2.55
CA PHE B 35 10.15 -15.58 1.85
C PHE B 35 10.37 -16.49 0.65
N ALA B 36 11.60 -16.58 0.15
CA ALA B 36 11.94 -17.66 -0.77
C ALA B 36 11.75 -19.01 -0.10
N GLN B 37 11.99 -19.08 1.21
CA GLN B 37 11.84 -20.34 1.94
C GLN B 37 10.41 -20.59 2.38
N TYR B 38 9.64 -19.53 2.63
CA TYR B 38 8.21 -19.70 2.80
C TYR B 38 7.57 -20.17 1.50
N SER B 39 8.05 -19.64 0.36
CA SER B 39 7.57 -20.10 -0.94
C SER B 39 7.93 -21.57 -1.17
N ALA B 40 9.15 -21.97 -0.79
CA ALA B 40 9.55 -23.35 -0.98
C ALA B 40 8.77 -24.28 -0.07
N ALA B 41 8.40 -23.82 1.12
CA ALA B 41 7.69 -24.66 2.08
C ALA B 41 6.31 -25.06 1.57
N ALA B 42 5.68 -24.21 0.74
CA ALA B 42 4.33 -24.51 0.27
C ALA B 42 4.30 -25.74 -0.63
N TYR B 43 5.44 -26.14 -1.20
CA TYR B 43 5.48 -27.32 -2.07
C TYR B 43 5.47 -28.63 -1.28
N CYS B 44 5.93 -28.62 -0.03
CA CYS B 44 5.97 -29.84 0.76
C CYS B 44 4.54 -30.31 1.05
N GLY B 45 4.20 -31.52 0.59
CA GLY B 45 2.83 -31.99 0.72
C GLY B 45 2.30 -31.91 2.14
N LYS B 46 3.16 -32.21 3.13
CA LYS B 46 2.71 -32.20 4.51
C LYS B 46 2.29 -30.82 4.98
N ASN B 47 2.69 -29.76 4.27
CA ASN B 47 2.33 -28.40 4.61
C ASN B 47 1.06 -27.94 3.91
N ASN B 48 0.34 -28.84 3.25
CA ASN B 48 -0.91 -28.52 2.58
C ASN B 48 -2.13 -29.13 3.26
N ASP B 49 -1.93 -30.01 4.23
CA ASP B 49 -3.02 -30.57 5.04
C ASP B 49 -2.61 -30.62 6.51
N ALA B 50 -1.88 -29.61 6.95
CA ALA B 50 -1.37 -29.63 8.31
C ALA B 50 -2.44 -29.14 9.29
N PRO B 51 -2.56 -29.76 10.46
CA PRO B 51 -3.49 -29.24 11.46
C PRO B 51 -3.12 -27.84 11.88
N ALA B 52 -4.14 -27.03 12.16
CA ALA B 52 -3.91 -25.67 12.64
C ALA B 52 -3.18 -25.71 13.98
N GLY B 53 -2.19 -24.84 14.13
CA GLY B 53 -1.45 -24.75 15.37
C GLY B 53 -0.21 -25.61 15.44
N THR B 54 0.06 -26.41 14.42
CA THR B 54 1.28 -27.20 14.39
C THR B 54 2.40 -26.41 13.71
N ASN B 55 3.62 -26.89 13.87
CA ASN B 55 4.79 -26.14 13.43
C ASN B 55 5.11 -26.40 11.97
N ILE B 56 5.69 -25.39 11.34
CA ILE B 56 6.06 -25.44 9.93
C ILE B 56 7.46 -26.01 9.83
N THR B 57 7.58 -27.14 9.12
CA THR B 57 8.86 -27.74 8.84
C THR B 57 8.89 -28.12 7.38
N CYS B 58 10.10 -28.31 6.86
CA CYS B 58 10.28 -28.80 5.50
C CYS B 58 11.13 -30.06 5.54
N THR B 59 11.23 -30.71 4.38
CA THR B 59 12.09 -31.86 4.22
C THR B 59 13.46 -31.41 3.76
N GLY B 60 14.50 -31.86 4.44
CA GLY B 60 15.83 -31.40 4.11
C GLY B 60 16.02 -29.93 4.47
N ASN B 61 16.84 -29.26 3.67
CA ASN B 61 17.20 -27.87 3.91
C ASN B 61 16.28 -26.90 3.17
N ALA B 62 15.02 -27.26 2.97
CA ALA B 62 14.16 -26.47 2.10
C ALA B 62 13.74 -25.15 2.74
N CYS B 63 13.58 -25.12 4.07
CA CYS B 63 13.19 -23.87 4.73
C CYS B 63 13.80 -23.78 6.13
N PRO B 64 15.14 -23.79 6.23
CA PRO B 64 15.76 -23.79 7.57
C PRO B 64 15.46 -22.55 8.37
N GLU B 65 15.32 -21.38 7.75
CA GLU B 65 15.01 -20.17 8.50
C GLU B 65 13.57 -20.22 9.02
N VAL B 66 12.64 -20.77 8.23
CA VAL B 66 11.26 -20.89 8.68
C VAL B 66 11.16 -21.83 9.88
N GLU B 67 11.90 -22.95 9.83
CA GLU B 67 11.90 -23.87 10.96
C GLU B 67 12.46 -23.20 12.21
N LYS B 68 13.56 -22.45 12.04
CA LYS B 68 14.17 -21.73 13.14
C LYS B 68 13.15 -20.84 13.85
N ALA B 69 12.24 -20.24 13.10
CA ALA B 69 11.27 -19.32 13.69
C ALA B 69 10.19 -20.09 14.45
N ASP B 70 9.48 -19.35 15.32
CA ASP B 70 8.27 -19.86 15.97
C ASP B 70 7.10 -19.62 15.02
N ALA B 71 6.99 -20.47 14.01
CA ALA B 71 6.03 -20.31 12.93
C ALA B 71 5.09 -21.51 12.90
N THR B 72 3.78 -21.23 12.90
CA THR B 72 2.76 -22.26 12.99
C THR B 72 1.69 -22.03 11.95
N PHE B 73 1.01 -23.13 11.58
CA PHE B 73 -0.07 -23.04 10.60
C PHE B 73 -1.31 -22.40 11.22
N LEU B 74 -1.82 -21.36 10.57
CA LEU B 74 -3.18 -20.89 10.84
C LEU B 74 -4.20 -21.64 10.00
N TYR B 75 -3.84 -21.97 8.76
CA TYR B 75 -4.74 -22.61 7.81
C TYR B 75 -3.91 -23.25 6.71
N SER B 76 -4.15 -24.53 6.47
CA SER B 76 -3.46 -25.29 5.42
C SER B 76 -4.49 -25.74 4.41
N PHE B 77 -4.20 -25.56 3.12
CA PHE B 77 -5.20 -25.86 2.09
C PHE B 77 -4.58 -26.51 0.87
N GLU B 78 -5.37 -27.41 0.26
CA GLU B 78 -5.00 -28.08 -0.97
C GLU B 78 -6.29 -28.35 -1.75
N ASP B 79 -6.14 -28.58 -3.06
CA ASP B 79 -7.27 -28.92 -3.92
C ASP B 79 -8.40 -27.91 -3.81
N SER B 80 -8.05 -26.65 -3.58
CA SER B 80 -9.05 -25.63 -3.31
C SER B 80 -9.47 -24.91 -4.59
N GLY B 81 -10.75 -24.52 -4.63
CA GLY B 81 -11.26 -23.74 -5.73
C GLY B 81 -11.05 -24.45 -7.06
N VAL B 82 -10.81 -23.65 -8.08
CA VAL B 82 -10.48 -24.15 -9.42
C VAL B 82 -9.00 -23.98 -9.62
N GLY B 83 -8.38 -24.93 -10.32
CA GLY B 83 -6.96 -24.87 -10.56
C GLY B 83 -6.09 -25.44 -9.47
N ASP B 84 -6.68 -26.09 -8.47
CA ASP B 84 -5.92 -26.78 -7.43
C ASP B 84 -5.08 -25.78 -6.63
N VAL B 85 -5.77 -24.77 -6.10
CA VAL B 85 -5.10 -23.77 -5.28
C VAL B 85 -4.61 -24.41 -4.00
N THR B 86 -3.31 -24.23 -3.71
CA THR B 86 -2.64 -24.95 -2.65
C THR B 86 -1.70 -24.00 -1.94
N GLY B 87 -1.57 -24.17 -0.63
CA GLY B 87 -0.61 -23.38 0.12
C GLY B 87 -0.95 -23.41 1.61
N PHE B 88 -0.55 -22.35 2.29
CA PHE B 88 -0.85 -22.25 3.71
C PHE B 88 -0.79 -20.80 4.15
N LEU B 89 -1.46 -20.54 5.26
CA LEU B 89 -1.40 -19.26 5.97
C LEU B 89 -0.69 -19.50 7.29
N ALA B 90 0.32 -18.69 7.58
CA ALA B 90 1.22 -18.94 8.69
C ALA B 90 1.24 -17.75 9.65
N LEU B 91 1.41 -18.07 10.93
CA LEU B 91 1.70 -17.09 11.97
C LEU B 91 3.15 -17.25 12.38
N ASP B 92 3.94 -16.18 12.24
CA ASP B 92 5.36 -16.18 12.57
C ASP B 92 5.57 -15.22 13.73
N ASN B 93 5.69 -15.77 14.95
CA ASN B 93 5.85 -14.93 16.13
C ASN B 93 7.26 -14.36 16.25
N THR B 94 8.26 -15.00 15.64
CA THR B 94 9.62 -14.50 15.70
C THR B 94 9.77 -13.23 14.86
N ASN B 95 9.48 -13.34 13.56
CA ASN B 95 9.56 -12.21 12.66
C ASN B 95 8.28 -11.36 12.65
N LYS B 96 7.28 -11.76 13.44
CA LYS B 96 6.02 -11.02 13.58
C LYS B 96 5.34 -10.85 12.23
N LEU B 97 5.02 -11.99 11.61
CA LEU B 97 4.43 -12.01 10.28
C LEU B 97 3.17 -12.84 10.23
N ILE B 98 2.24 -12.41 9.38
CA ILE B 98 1.18 -13.24 8.85
C ILE B 98 1.55 -13.51 7.40
N VAL B 99 1.81 -14.78 7.06
CA VAL B 99 2.34 -15.14 5.74
C VAL B 99 1.33 -16.04 5.03
N LEU B 100 0.85 -15.57 3.88
CA LEU B 100 0.07 -16.40 2.96
C LEU B 100 1.02 -16.84 1.84
N SER B 101 1.30 -18.15 1.80
CA SER B 101 2.24 -18.71 0.84
C SER B 101 1.49 -19.62 -0.12
N PHE B 102 1.50 -19.26 -1.40
CA PHE B 102 0.89 -20.07 -2.43
C PHE B 102 1.91 -21.03 -3.04
N ARG B 103 1.52 -22.30 -3.17
CA ARG B 103 2.33 -23.25 -3.91
C ARG B 103 2.29 -22.96 -5.40
N GLY B 104 3.40 -23.19 -6.08
CA GLY B 104 3.46 -23.12 -7.52
C GLY B 104 2.95 -24.40 -8.15
N SER B 105 3.34 -24.59 -9.41
CA SER B 105 2.78 -25.68 -10.22
C SER B 105 3.35 -27.03 -9.78
N ARG B 106 2.45 -28.00 -9.58
CA ARG B 106 2.87 -29.38 -9.39
C ARG B 106 1.87 -30.35 -10.02
N SER B 107 0.59 -30.16 -9.75
CA SER B 107 -0.43 -31.05 -10.26
C SER B 107 -0.70 -30.75 -11.74
N ILE B 108 -1.34 -31.72 -12.41
CA ILE B 108 -1.78 -31.48 -13.79
C ILE B 108 -2.79 -30.35 -13.82
N GLU B 109 -3.69 -30.30 -12.84
CA GLU B 109 -4.66 -29.22 -12.77
C GLU B 109 -3.95 -27.87 -12.67
N ASN B 110 -2.84 -27.80 -11.93
CA ASN B 110 -2.06 -26.56 -11.89
C ASN B 110 -1.58 -26.17 -13.29
N TRP B 111 -1.11 -27.14 -14.07
CA TRP B 111 -0.53 -26.85 -15.37
CA TRP B 111 -0.53 -26.80 -15.36
C TRP B 111 -1.59 -26.48 -16.40
N ILE B 112 -2.75 -27.14 -16.34
CA ILE B 112 -3.85 -26.77 -17.22
C ILE B 112 -4.29 -25.33 -16.92
N GLY B 113 -4.33 -24.98 -15.64
CA GLY B 113 -4.66 -23.62 -15.28
C GLY B 113 -3.70 -22.61 -15.88
N ASN B 114 -2.42 -22.94 -15.93
CA ASN B 114 -1.44 -22.00 -16.48
C ASN B 114 -1.70 -21.73 -17.95
N LEU B 115 -2.23 -22.72 -18.67
CA LEU B 115 -2.41 -22.63 -20.11
C LEU B 115 -3.67 -21.84 -20.49
N ASN B 116 -4.43 -21.38 -19.50
CA ASN B 116 -5.60 -20.52 -19.75
C ASN B 116 -5.13 -19.06 -19.79
N PHE B 117 -4.43 -18.73 -20.88
CA PHE B 117 -3.65 -17.50 -20.93
C PHE B 117 -4.31 -16.38 -21.73
N ASP B 118 -5.60 -16.45 -22.00
CA ASP B 118 -6.23 -15.28 -22.58
C ASP B 118 -6.63 -14.31 -21.46
N LEU B 119 -6.81 -13.05 -21.83
CA LEU B 119 -6.90 -11.96 -20.88
C LEU B 119 -8.35 -11.67 -20.53
N LYS B 120 -8.63 -11.59 -19.24
CA LYS B 120 -9.98 -11.43 -18.72
C LYS B 120 -10.07 -10.12 -17.94
N GLU B 121 -11.19 -9.41 -18.12
CA GLU B 121 -11.39 -8.13 -17.46
C GLU B 121 -11.37 -8.28 -15.94
N ILE B 122 -10.53 -7.49 -15.29
CA ILE B 122 -10.52 -7.41 -13.83
C ILE B 122 -10.69 -5.96 -13.41
N ASN B 123 -11.85 -5.37 -13.74
CA ASN B 123 -12.11 -3.99 -13.37
C ASN B 123 -12.36 -3.83 -11.88
N ASP B 124 -12.84 -4.89 -11.22
CA ASP B 124 -13.01 -4.84 -9.77
C ASP B 124 -11.69 -4.66 -9.05
N ILE B 125 -10.56 -5.02 -9.68
CA ILE B 125 -9.25 -4.78 -9.11
C ILE B 125 -8.70 -3.42 -9.54
N CYS B 126 -8.78 -3.11 -10.82
CA CYS B 126 -8.41 -1.78 -11.31
C CYS B 126 -8.99 -1.56 -12.70
N SER B 127 -9.21 -0.30 -13.03
CA SER B 127 -9.95 0.09 -14.22
C SER B 127 -9.10 -0.09 -15.47
N GLY B 128 -9.67 -0.72 -16.49
CA GLY B 128 -8.95 -1.02 -17.70
C GLY B 128 -8.03 -2.20 -17.62
N CYS B 129 -7.96 -2.86 -16.47
CA CYS B 129 -7.02 -3.94 -16.24
C CYS B 129 -7.58 -5.26 -16.76
N ARG B 130 -6.67 -6.10 -17.26
CA ARG B 130 -7.02 -7.45 -17.70
C ARG B 130 -5.96 -8.40 -17.16
N GLY B 131 -6.39 -9.58 -16.73
CA GLY B 131 -5.50 -10.55 -16.13
C GLY B 131 -5.64 -11.91 -16.76
N HIS B 132 -4.53 -12.66 -16.71
CA HIS B 132 -4.49 -14.08 -17.05
C HIS B 132 -5.70 -14.83 -16.50
N ASP B 133 -6.53 -15.34 -17.41
CA ASP B 133 -7.79 -15.99 -17.01
C ASP B 133 -7.58 -17.04 -15.94
N GLY B 134 -6.55 -17.89 -16.09
CA GLY B 134 -6.34 -18.95 -15.12
C GLY B 134 -6.03 -18.42 -13.73
N PHE B 135 -5.07 -17.49 -13.65
CA PHE B 135 -4.66 -16.97 -12.35
C PHE B 135 -5.81 -16.23 -11.69
N THR B 136 -6.48 -15.34 -12.43
CA THR B 136 -7.56 -14.56 -11.83
CA THR B 136 -7.56 -14.56 -11.83
C THR B 136 -8.76 -15.44 -11.47
N SER B 137 -9.02 -16.49 -12.28
CA SER B 137 -10.11 -17.39 -11.94
C SER B 137 -9.79 -18.20 -10.69
N SER B 138 -8.53 -18.66 -10.56
CA SER B 138 -8.14 -19.42 -9.39
C SER B 138 -8.25 -18.58 -8.12
N TRP B 139 -7.81 -17.32 -8.18
CA TRP B 139 -7.91 -16.47 -7.00
C TRP B 139 -9.36 -16.17 -6.65
N ARG B 140 -10.17 -15.78 -7.65
CA ARG B 140 -11.58 -15.49 -7.39
C ARG B 140 -12.27 -16.67 -6.69
N SER B 141 -11.83 -17.91 -6.97
CA SER B 141 -12.52 -19.07 -6.43
C SER B 141 -12.23 -19.31 -4.96
N VAL B 142 -11.17 -18.72 -4.40
CA VAL B 142 -10.83 -18.88 -3.00
C VAL B 142 -10.80 -17.57 -2.25
N ALA B 143 -11.09 -16.45 -2.92
CA ALA B 143 -10.83 -15.14 -2.33
C ALA B 143 -11.62 -14.93 -1.04
N ASP B 144 -12.92 -15.23 -1.08
CA ASP B 144 -13.73 -15.00 0.12
C ASP B 144 -13.25 -15.84 1.30
N THR B 145 -12.83 -17.08 1.04
CA THR B 145 -12.33 -17.92 2.13
C THR B 145 -11.01 -17.37 2.68
N LEU B 146 -10.06 -17.07 1.80
CA LEU B 146 -8.73 -16.69 2.27
C LEU B 146 -8.68 -15.27 2.83
N ARG B 147 -9.47 -14.36 2.28
CA ARG B 147 -9.54 -13.00 2.84
C ARG B 147 -9.99 -13.05 4.30
N GLN B 148 -11.01 -13.86 4.61
CA GLN B 148 -11.49 -13.94 5.99
C GLN B 148 -10.42 -14.50 6.91
N LYS B 149 -9.71 -15.53 6.47
CA LYS B 149 -8.62 -16.08 7.27
C LYS B 149 -7.56 -15.02 7.54
N VAL B 150 -7.14 -14.32 6.49
CA VAL B 150 -6.14 -13.27 6.66
C VAL B 150 -6.64 -12.23 7.66
N GLU B 151 -7.87 -11.74 7.45
CA GLU B 151 -8.36 -10.63 8.25
C GLU B 151 -8.65 -11.04 9.70
N ASP B 152 -9.02 -12.30 9.92
CA ASP B 152 -9.12 -12.77 11.30
C ASP B 152 -7.76 -12.70 11.98
N ALA B 153 -6.71 -13.17 11.31
CA ALA B 153 -5.37 -13.10 11.88
C ALA B 153 -4.93 -11.66 12.07
N VAL B 154 -5.26 -10.78 11.11
CA VAL B 154 -4.91 -9.37 11.25
C VAL B 154 -5.59 -8.76 12.46
N ARG B 155 -6.80 -9.19 12.76
CA ARG B 155 -7.51 -8.64 13.92
C ARG B 155 -6.91 -9.13 15.23
N GLU B 156 -6.34 -10.33 15.25
CA GLU B 156 -5.73 -10.87 16.45
C GLU B 156 -4.27 -10.45 16.62
N HIS B 157 -3.63 -9.95 15.56
CA HIS B 157 -2.24 -9.53 15.61
C HIS B 157 -2.09 -8.24 14.81
N PRO B 158 -2.46 -7.11 15.41
CA PRO B 158 -2.41 -5.84 14.65
C PRO B 158 -1.01 -5.35 14.37
N ASP B 159 -0.01 -5.84 15.08
CA ASP B 159 1.36 -5.37 14.89
C ASP B 159 2.18 -6.29 13.99
N TYR B 160 1.56 -7.32 13.42
CA TYR B 160 2.26 -8.21 12.50
C TYR B 160 2.12 -7.73 11.07
N ARG B 161 3.18 -7.92 10.29
CA ARG B 161 3.20 -7.55 8.89
CA ARG B 161 3.18 -7.54 8.89
C ARG B 161 2.58 -8.66 8.05
N VAL B 162 1.63 -8.30 7.20
CA VAL B 162 0.98 -9.26 6.30
C VAL B 162 1.84 -9.39 5.05
N VAL B 163 2.17 -10.63 4.68
CA VAL B 163 2.97 -10.89 3.49
C VAL B 163 2.34 -12.04 2.71
N PHE B 164 2.09 -11.80 1.43
CA PHE B 164 1.72 -12.85 0.48
C PHE B 164 2.97 -13.22 -0.31
N THR B 165 3.18 -14.51 -0.52
CA THR B 165 4.40 -14.91 -1.21
C THR B 165 4.15 -16.19 -2.00
N GLY B 166 5.07 -16.46 -2.93
CA GLY B 166 5.00 -17.66 -3.73
C GLY B 166 5.98 -17.69 -4.88
N HIS B 167 6.26 -18.89 -5.36
CA HIS B 167 7.18 -19.13 -6.47
C HIS B 167 6.40 -19.57 -7.69
N SER B 168 6.75 -19.02 -8.84
CA SER B 168 6.15 -19.41 -10.12
C SER B 168 4.65 -19.11 -10.05
N LEU B 169 3.78 -20.05 -10.39
CA LEU B 169 2.34 -19.84 -10.27
C LEU B 169 1.97 -19.30 -8.91
N GLY B 170 2.67 -19.72 -7.86
CA GLY B 170 2.39 -19.19 -6.53
C GLY B 170 2.67 -17.70 -6.44
N GLY B 171 3.76 -17.26 -7.09
CA GLY B 171 4.04 -15.83 -7.13
C GLY B 171 3.00 -15.05 -7.90
N ALA B 172 2.40 -15.66 -8.93
CA ALA B 172 1.35 -14.99 -9.67
C ALA B 172 0.09 -14.85 -8.82
N LEU B 173 -0.31 -15.92 -8.14
CA LEU B 173 -1.46 -15.84 -7.25
C LEU B 173 -1.23 -14.82 -6.15
N ALA B 174 -0.05 -14.85 -5.53
CA ALA B 174 0.25 -13.87 -4.49
C ALA B 174 0.13 -12.45 -5.01
N THR B 175 0.48 -12.23 -6.28
CA THR B 175 0.46 -10.88 -6.83
C THR B 175 -0.96 -10.40 -7.09
N VAL B 176 -1.80 -11.28 -7.65
CA VAL B 176 -3.20 -10.93 -7.89
C VAL B 176 -3.94 -10.75 -6.57
N ALA B 177 -3.71 -11.67 -5.62
CA ALA B 177 -4.38 -11.57 -4.33
C ALA B 177 -4.01 -10.26 -3.63
N GLY B 178 -2.72 -9.89 -3.67
CA GLY B 178 -2.31 -8.65 -3.04
C GLY B 178 -2.98 -7.43 -3.67
N ALA B 179 -3.05 -7.40 -4.99
CA ALA B 179 -3.68 -6.26 -5.67
C ALA B 179 -5.15 -6.16 -5.30
N ASP B 180 -5.80 -7.29 -5.03
CA ASP B 180 -7.23 -7.32 -4.79
C ASP B 180 -7.57 -6.90 -3.36
N LEU B 181 -6.77 -7.34 -2.39
CA LEU B 181 -7.10 -7.16 -0.99
C LEU B 181 -6.43 -5.94 -0.35
N ARG B 182 -5.57 -5.23 -1.06
CA ARG B 182 -5.03 -4.00 -0.51
C ARG B 182 -6.15 -2.97 -0.33
N GLY B 183 -5.90 -2.01 0.56
CA GLY B 183 -6.83 -0.93 0.78
C GLY B 183 -7.91 -1.18 1.81
N ASN B 184 -7.79 -2.23 2.63
CA ASN B 184 -8.81 -2.59 3.59
C ASN B 184 -8.27 -2.63 5.01
N GLY B 185 -7.40 -1.69 5.36
CA GLY B 185 -6.98 -1.51 6.73
C GLY B 185 -5.69 -2.18 7.13
N TYR B 186 -5.03 -2.89 6.22
CA TYR B 186 -3.73 -3.48 6.51
C TYR B 186 -2.87 -3.42 5.26
N ASP B 187 -1.58 -3.17 5.45
CA ASP B 187 -0.64 -3.25 4.34
C ASP B 187 -0.40 -4.72 3.96
N ILE B 188 -0.12 -4.93 2.67
CA ILE B 188 0.21 -6.25 2.16
C ILE B 188 1.46 -6.10 1.29
N ASP B 189 2.57 -6.65 1.77
CA ASP B 189 3.74 -6.81 0.92
C ASP B 189 3.63 -8.14 0.17
N VAL B 190 4.19 -8.16 -1.03
CA VAL B 190 4.20 -9.35 -1.87
C VAL B 190 5.63 -9.62 -2.31
N PHE B 191 6.09 -10.85 -2.07
CA PHE B 191 7.38 -11.33 -2.57
C PHE B 191 7.10 -12.47 -3.55
N SER B 192 7.38 -12.25 -4.82
CA SER B 192 7.20 -13.28 -5.84
C SER B 192 8.55 -13.70 -6.41
N TYR B 193 8.71 -15.00 -6.61
CA TYR B 193 9.95 -15.59 -7.09
C TYR B 193 9.68 -16.27 -8.42
N GLY B 194 10.35 -15.80 -9.47
CA GLY B 194 10.20 -16.39 -10.78
C GLY B 194 8.76 -16.42 -11.26
N ALA B 195 8.03 -15.33 -11.05
CA ALA B 195 6.62 -15.31 -11.40
C ALA B 195 6.44 -15.00 -12.87
N PRO B 196 5.42 -15.56 -13.51
CA PRO B 196 5.07 -15.15 -14.88
C PRO B 196 4.44 -13.77 -14.88
N ARG B 197 4.27 -13.23 -16.08
CA ARG B 197 3.45 -12.03 -16.25
C ARG B 197 1.99 -12.39 -15.95
N VAL B 198 1.27 -11.45 -15.34
CA VAL B 198 -0.07 -11.72 -14.84
C VAL B 198 -1.16 -10.92 -15.55
N GLY B 199 -0.82 -9.93 -16.35
CA GLY B 199 -1.86 -9.16 -16.99
C GLY B 199 -1.32 -8.21 -18.04
N ASN B 200 -2.20 -7.32 -18.49
CA ASN B 200 -1.90 -6.36 -19.54
C ASN B 200 -1.16 -5.16 -18.96
N ARG B 201 -0.86 -4.19 -19.83
CA ARG B 201 -0.03 -3.07 -19.39
C ARG B 201 -0.72 -2.24 -18.31
N ALA B 202 -2.03 -2.04 -18.43
CA ALA B 202 -2.76 -1.30 -17.41
C ALA B 202 -2.56 -1.96 -16.04
N PHE B 203 -2.64 -3.29 -15.97
CA PHE B 203 -2.43 -3.99 -14.70
C PHE B 203 -0.99 -3.81 -14.22
N ALA B 204 -0.02 -3.93 -15.14
CA ALA B 204 1.37 -3.72 -14.77
C ALA B 204 1.59 -2.33 -14.19
N GLU B 205 0.92 -1.33 -14.74
CA GLU B 205 1.06 0.04 -14.22
C GLU B 205 0.40 0.16 -12.86
N PHE B 206 -0.76 -0.47 -12.68
CA PHE B 206 -1.41 -0.45 -11.38
C PHE B 206 -0.54 -1.11 -10.32
N LEU B 207 0.05 -2.27 -10.65
CA LEU B 207 0.92 -2.96 -9.70
C LEU B 207 2.17 -2.12 -9.40
N THR B 208 2.58 -1.27 -10.33
CA THR B 208 3.78 -0.47 -10.12
C THR B 208 3.54 0.61 -9.08
N VAL B 209 2.35 1.21 -9.07
CA VAL B 209 2.08 2.41 -8.29
C VAL B 209 1.11 2.18 -7.15
N GLN B 210 0.47 1.01 -7.06
CA GLN B 210 -0.52 0.80 -6.02
C GLN B 210 0.09 1.02 -4.64
N THR B 211 -0.69 1.64 -3.76
CA THR B 211 -0.26 1.87 -2.39
C THR B 211 -0.77 0.75 -1.48
N GLY B 212 -0.36 0.79 -0.22
CA GLY B 212 -0.82 -0.19 0.74
C GLY B 212 0.06 -1.41 0.82
N GLY B 213 1.33 -1.29 0.44
CA GLY B 213 2.23 -2.41 0.43
C GLY B 213 3.15 -2.33 -0.77
N THR B 214 4.22 -3.10 -0.74
CA THR B 214 5.23 -3.12 -1.79
C THR B 214 5.26 -4.50 -2.43
N LEU B 215 5.41 -4.52 -3.76
CA LEU B 215 5.58 -5.76 -4.52
C LEU B 215 7.07 -5.93 -4.81
N TYR B 216 7.63 -7.02 -4.31
CA TYR B 216 9.02 -7.39 -4.60
C TYR B 216 8.98 -8.54 -5.61
N ARG B 217 9.15 -8.19 -6.89
CA ARG B 217 9.15 -9.17 -7.98
C ARG B 217 10.58 -9.59 -8.26
N ILE B 218 10.92 -10.82 -7.90
CA ILE B 218 12.30 -11.31 -7.90
C ILE B 218 12.46 -12.31 -9.05
N THR B 219 13.51 -12.13 -9.84
CA THR B 219 13.80 -13.00 -10.97
C THR B 219 15.23 -13.51 -10.86
N HIS B 220 15.52 -14.59 -11.58
CA HIS B 220 16.83 -15.24 -11.54
C HIS B 220 17.35 -15.44 -12.96
N THR B 221 18.52 -14.85 -13.23
CA THR B 221 19.24 -14.96 -14.50
C THR B 221 18.30 -15.06 -15.70
N ASN B 222 18.35 -16.17 -16.44
CA ASN B 222 17.54 -16.33 -17.65
C ASN B 222 16.39 -17.32 -17.42
N ASP B 223 15.82 -17.31 -16.22
CA ASP B 223 14.63 -18.09 -15.93
C ASP B 223 13.54 -17.81 -16.96
N ILE B 224 13.02 -18.88 -17.57
CA ILE B 224 12.09 -18.70 -18.67
C ILE B 224 10.73 -18.19 -18.20
N VAL B 225 10.34 -18.52 -16.97
CA VAL B 225 8.94 -18.38 -16.57
C VAL B 225 8.55 -16.90 -16.52
N PRO B 226 9.40 -16.00 -16.00
CA PRO B 226 9.06 -14.57 -16.07
C PRO B 226 8.99 -14.01 -17.48
N ARG B 227 9.35 -14.79 -18.49
CA ARG B 227 9.19 -14.38 -19.87
C ARG B 227 7.88 -14.90 -20.47
N LEU B 228 7.03 -15.51 -19.66
CA LEU B 228 5.76 -16.03 -20.09
C LEU B 228 4.61 -15.39 -19.31
N PRO B 229 3.45 -15.20 -19.95
CA PRO B 229 3.25 -15.38 -21.39
C PRO B 229 4.06 -14.32 -22.13
N PRO B 230 4.28 -14.49 -23.42
CA PRO B 230 5.08 -13.50 -24.15
C PRO B 230 4.34 -12.18 -24.31
N ARG B 231 5.14 -11.12 -24.49
CA ARG B 231 4.57 -9.79 -24.72
C ARG B 231 3.53 -9.81 -25.82
N GLU B 232 3.76 -10.60 -26.87
CA GLU B 232 2.92 -10.56 -28.06
C GLU B 232 1.49 -10.97 -27.78
N PHE B 233 1.23 -11.68 -26.69
CA PHE B 233 -0.13 -12.04 -26.31
C PHE B 233 -0.82 -10.95 -25.49
N GLY B 234 -0.17 -9.81 -25.28
CA GLY B 234 -0.75 -8.71 -24.55
C GLY B 234 -0.36 -8.57 -23.11
N TYR B 235 0.81 -9.08 -22.71
CA TYR B 235 1.21 -9.16 -21.32
C TYR B 235 2.38 -8.22 -21.04
N SER B 236 2.36 -7.61 -19.85
CA SER B 236 3.42 -6.73 -19.40
C SER B 236 3.85 -7.13 -18.00
N HIS B 237 5.04 -6.68 -17.62
CA HIS B 237 5.54 -6.83 -16.26
C HIS B 237 5.49 -5.50 -15.53
N SER B 238 5.22 -5.57 -14.23
CA SER B 238 5.27 -4.41 -13.36
C SER B 238 6.71 -4.03 -13.06
N SER B 239 6.88 -2.88 -12.44
CA SER B 239 8.18 -2.37 -12.03
C SER B 239 8.16 -2.10 -10.53
N PRO B 240 9.30 -2.28 -9.83
CA PRO B 240 10.59 -2.69 -10.39
C PRO B 240 10.81 -4.19 -10.46
N GLU B 241 12.01 -4.57 -10.88
CA GLU B 241 12.44 -5.96 -10.93
C GLU B 241 13.71 -6.09 -10.11
N TYR B 242 13.75 -7.09 -9.24
CA TYR B 242 14.95 -7.45 -8.49
C TYR B 242 15.51 -8.71 -9.14
N TRP B 243 16.68 -8.59 -9.75
CA TRP B 243 17.23 -9.63 -10.63
C TRP B 243 18.45 -10.24 -9.98
N ILE B 244 18.38 -11.55 -9.73
CA ILE B 244 19.50 -12.29 -9.14
C ILE B 244 20.44 -12.69 -10.28
N LYS B 245 21.69 -12.22 -10.21
CA LYS B 245 22.64 -12.47 -11.28
C LYS B 245 23.48 -13.73 -11.07
N SER B 246 23.61 -14.21 -9.84
CA SER B 246 24.38 -15.41 -9.59
C SER B 246 23.69 -16.62 -10.22
N GLY B 247 24.49 -17.64 -10.53
CA GLY B 247 24.04 -18.74 -11.33
C GLY B 247 23.28 -19.80 -10.55
N THR B 248 22.84 -20.81 -11.29
CA THR B 248 22.12 -21.92 -10.70
C THR B 248 23.04 -22.73 -9.78
N LEU B 249 22.50 -23.14 -8.63
CA LEU B 249 23.24 -23.83 -7.58
C LEU B 249 24.37 -22.99 -6.99
N VAL B 250 24.37 -21.69 -7.24
CA VAL B 250 25.37 -20.78 -6.67
C VAL B 250 24.72 -19.99 -5.54
N PRO B 251 25.29 -19.98 -4.34
CA PRO B 251 24.68 -19.19 -3.26
C PRO B 251 24.60 -17.72 -3.64
N VAL B 252 23.57 -17.06 -3.12
CA VAL B 252 23.30 -15.65 -3.42
C VAL B 252 23.86 -14.78 -2.31
N THR B 253 24.47 -13.67 -2.69
CA THR B 253 24.85 -12.61 -1.75
C THR B 253 24.15 -11.33 -2.18
N ARG B 254 24.09 -10.36 -1.26
CA ARG B 254 23.33 -9.15 -1.55
C ARG B 254 23.93 -8.35 -2.69
N ASN B 255 25.17 -8.61 -3.06
CA ASN B 255 25.79 -7.94 -4.20
C ASN B 255 25.37 -8.56 -5.53
N ASP B 256 24.72 -9.71 -5.50
CA ASP B 256 24.30 -10.43 -6.69
C ASP B 256 22.89 -10.07 -7.14
N ILE B 257 22.24 -9.10 -6.49
CA ILE B 257 20.88 -8.70 -6.80
C ILE B 257 20.90 -7.24 -7.23
N VAL B 258 20.24 -6.93 -8.34
CA VAL B 258 20.20 -5.58 -8.89
C VAL B 258 18.75 -5.17 -9.13
N LYS B 259 18.42 -3.95 -8.74
CA LYS B 259 17.07 -3.40 -8.93
C LYS B 259 16.99 -2.78 -10.32
N ILE B 260 15.91 -3.10 -11.04
CA ILE B 260 15.76 -2.71 -12.43
C ILE B 260 14.40 -2.02 -12.57
N GLU B 261 14.42 -0.73 -12.91
CA GLU B 261 13.24 0.11 -12.94
C GLU B 261 12.67 0.20 -14.34
N GLY B 262 11.35 0.32 -14.43
CA GLY B 262 10.70 0.58 -15.72
C GLY B 262 9.80 -0.56 -16.16
N ILE B 263 8.60 -0.20 -16.61
CA ILE B 263 7.67 -1.20 -17.11
C ILE B 263 8.31 -1.94 -18.28
N ASP B 264 8.19 -3.26 -18.29
CA ASP B 264 8.77 -4.10 -19.33
C ASP B 264 10.25 -3.79 -19.56
N ALA B 265 10.94 -3.34 -18.51
CA ALA B 265 12.37 -3.06 -18.62
C ALA B 265 13.10 -4.29 -19.14
N THR B 266 14.20 -4.04 -19.85
CA THR B 266 15.12 -5.07 -20.29
C THR B 266 16.40 -4.99 -19.45
N GLY B 267 17.33 -5.89 -19.71
CA GLY B 267 18.57 -5.89 -18.98
C GLY B 267 18.51 -6.56 -17.62
N GLY B 268 17.37 -7.13 -17.25
CA GLY B 268 17.31 -8.08 -16.15
C GLY B 268 17.05 -9.47 -16.69
N ASN B 269 15.97 -10.09 -16.23
CA ASN B 269 15.57 -11.36 -16.80
C ASN B 269 15.01 -11.20 -18.21
N ASN B 270 14.42 -10.04 -18.51
CA ASN B 270 13.79 -9.80 -19.81
C ASN B 270 14.85 -9.38 -20.82
N GLN B 271 15.72 -10.35 -21.16
CA GLN B 271 16.75 -10.17 -22.17
C GLN B 271 16.53 -11.18 -23.29
N PRO B 272 17.00 -10.86 -24.50
CA PRO B 272 16.73 -11.74 -25.65
C PRO B 272 17.72 -12.88 -25.81
N ASN B 273 18.39 -13.27 -24.72
CA ASN B 273 19.27 -14.43 -24.79
C ASN B 273 18.43 -15.70 -24.76
N ILE B 274 19.06 -16.84 -24.49
CA ILE B 274 18.35 -18.12 -24.48
C ILE B 274 17.78 -18.36 -23.08
N PRO B 275 16.51 -18.72 -22.97
CA PRO B 275 15.95 -18.99 -21.63
C PRO B 275 16.44 -20.32 -21.08
N ASP B 276 16.25 -20.49 -19.77
CA ASP B 276 16.73 -21.67 -19.06
C ASP B 276 15.65 -22.15 -18.10
N ILE B 277 15.60 -23.46 -17.92
CA ILE B 277 14.58 -24.07 -17.06
C ILE B 277 15.14 -24.30 -15.66
N PRO B 278 16.31 -24.93 -15.51
CA PRO B 278 16.87 -25.09 -14.15
C PRO B 278 17.00 -23.79 -13.38
N ALA B 279 17.20 -22.66 -14.07
CA ALA B 279 17.29 -21.38 -13.38
C ALA B 279 16.00 -21.05 -12.64
N HIS B 280 14.87 -21.59 -13.11
CA HIS B 280 13.59 -21.40 -12.44
C HIS B 280 13.56 -22.04 -11.06
N LEU B 281 14.45 -23.00 -10.80
CA LEU B 281 14.42 -23.78 -9.57
C LEU B 281 15.42 -23.32 -8.54
N TRP B 282 16.19 -22.28 -8.82
CA TRP B 282 17.23 -21.82 -7.91
C TRP B 282 16.97 -20.35 -7.60
N TYR B 283 16.29 -20.12 -6.48
CA TYR B 283 16.05 -18.78 -5.93
C TYR B 283 16.55 -18.85 -4.49
N PHE B 284 17.83 -18.53 -4.29
CA PHE B 284 18.53 -18.63 -3.00
C PHE B 284 18.78 -20.09 -2.63
N GLY B 285 17.82 -20.97 -2.90
CA GLY B 285 18.05 -22.39 -2.85
C GLY B 285 17.17 -23.12 -3.84
N LEU B 286 17.04 -24.45 -3.71
CA LEU B 286 16.11 -25.18 -4.57
C LEU B 286 14.68 -24.90 -4.13
N ILE B 287 13.84 -24.57 -5.10
N ILE B 287 13.85 -24.48 -5.08
CA ILE B 287 12.46 -24.18 -4.86
CA ILE B 287 12.44 -24.20 -4.84
C ILE B 287 11.57 -24.93 -5.85
C ILE B 287 11.62 -25.01 -5.83
N GLY B 288 10.49 -25.53 -5.34
CA GLY B 288 9.61 -26.34 -6.15
C GLY B 288 9.87 -27.83 -6.08
N THR B 289 10.87 -28.25 -5.30
CA THR B 289 11.31 -29.64 -5.29
C THR B 289 11.02 -30.36 -3.99
N CYS B 290 10.54 -29.66 -2.96
CA CYS B 290 10.20 -30.32 -1.72
C CYS B 290 9.04 -31.28 -1.96
N LEU B 291 9.20 -32.52 -1.54
CA LEU B 291 8.16 -33.51 -1.74
C LEU B 291 7.06 -33.34 -0.70
N GLU C 23 -10.12 -20.50 -48.67
CA GLU C 23 -11.51 -20.10 -48.34
C GLU C 23 -12.42 -21.33 -48.30
N VAL C 24 -13.40 -21.31 -47.40
CA VAL C 24 -14.47 -22.30 -47.35
C VAL C 24 -15.80 -21.55 -47.29
N SER C 25 -16.87 -22.28 -47.53
CA SER C 25 -18.21 -21.69 -47.43
C SER C 25 -18.47 -21.26 -45.99
N GLN C 26 -19.47 -20.40 -45.82
CA GLN C 26 -19.82 -19.97 -44.48
C GLN C 26 -20.41 -21.12 -43.66
N ASP C 27 -21.17 -22.01 -44.31
CA ASP C 27 -21.81 -23.09 -43.57
C ASP C 27 -20.80 -24.16 -43.15
N LEU C 28 -19.78 -24.41 -43.97
CA LEU C 28 -18.73 -25.34 -43.56
C LEU C 28 -17.86 -24.72 -42.47
N PHE C 29 -17.54 -23.44 -42.61
CA PHE C 29 -16.87 -22.72 -41.53
C PHE C 29 -17.62 -22.88 -40.22
N ASN C 30 -18.96 -22.75 -40.26
CA ASN C 30 -19.74 -22.89 -39.04
C ASN C 30 -19.65 -24.31 -38.48
N GLN C 31 -19.62 -25.31 -39.36
CA GLN C 31 -19.41 -26.68 -38.89
C GLN C 31 -18.04 -26.82 -38.23
N PHE C 32 -17.00 -26.25 -38.84
CA PHE C 32 -15.68 -26.32 -38.25
C PHE C 32 -15.64 -25.69 -36.86
N ASN C 33 -16.31 -24.55 -36.70
CA ASN C 33 -16.30 -23.87 -35.41
C ASN C 33 -17.13 -24.63 -34.37
N LEU C 34 -18.24 -25.23 -34.79
CA LEU C 34 -19.10 -25.94 -33.84
C LEU C 34 -18.40 -27.17 -33.27
N PHE C 35 -17.76 -27.96 -34.14
CA PHE C 35 -17.15 -29.20 -33.68
C PHE C 35 -15.80 -28.95 -33.01
N ALA C 36 -15.17 -27.80 -33.26
CA ALA C 36 -14.04 -27.41 -32.43
C ALA C 36 -14.49 -27.17 -30.99
N GLN C 37 -15.70 -26.65 -30.81
CA GLN C 37 -16.22 -26.42 -29.48
C GLN C 37 -16.74 -27.71 -28.85
N TYR C 38 -17.24 -28.65 -29.66
CA TYR C 38 -17.54 -29.97 -29.12
C TYR C 38 -16.26 -30.66 -28.67
N SER C 39 -15.18 -30.53 -29.46
CA SER C 39 -13.89 -31.09 -29.06
C SER C 39 -13.42 -30.46 -27.76
N ALA C 40 -13.53 -29.13 -27.66
CA ALA C 40 -13.09 -28.43 -26.45
C ALA C 40 -13.89 -28.89 -25.23
N ALA C 41 -15.19 -29.17 -25.42
CA ALA C 41 -16.04 -29.55 -24.31
C ALA C 41 -15.66 -30.90 -23.72
N ALA C 42 -15.02 -31.77 -24.50
CA ALA C 42 -14.62 -33.07 -23.98
C ALA C 42 -13.57 -32.96 -22.89
N TYR C 43 -12.83 -31.85 -22.85
CA TYR C 43 -11.79 -31.70 -21.82
C TYR C 43 -12.36 -31.31 -20.46
N CYS C 44 -13.53 -30.67 -20.43
CA CYS C 44 -14.12 -30.31 -19.15
C CYS C 44 -14.44 -31.58 -18.37
N GLY C 45 -13.93 -31.66 -17.13
CA GLY C 45 -14.13 -32.86 -16.34
C GLY C 45 -15.59 -33.19 -16.11
N LYS C 46 -16.42 -32.15 -15.92
CA LYS C 46 -17.83 -32.39 -15.65
C LYS C 46 -18.55 -33.03 -16.83
N ASN C 47 -17.95 -33.00 -18.02
CA ASN C 47 -18.54 -33.61 -19.20
C ASN C 47 -18.06 -35.04 -19.43
N ASN C 48 -17.26 -35.61 -18.51
CA ASN C 48 -16.81 -36.99 -18.63
C ASN C 48 -17.45 -37.92 -17.61
N ASP C 49 -18.28 -37.40 -16.69
CA ASP C 49 -18.99 -38.23 -15.72
C ASP C 49 -20.40 -37.70 -15.50
N ALA C 50 -21.02 -37.16 -16.53
CA ALA C 50 -22.34 -36.57 -16.41
C ALA C 50 -23.42 -37.63 -16.60
N PRO C 51 -24.61 -37.42 -16.03
CA PRO C 51 -25.71 -38.33 -16.31
C PRO C 51 -26.34 -38.06 -17.66
N ALA C 52 -26.85 -39.13 -18.28
CA ALA C 52 -27.50 -38.98 -19.57
C ALA C 52 -28.69 -38.04 -19.46
N GLY C 53 -28.90 -37.23 -20.49
CA GLY C 53 -30.04 -36.36 -20.56
C GLY C 53 -29.86 -34.98 -19.96
N THR C 54 -28.70 -34.68 -19.39
CA THR C 54 -28.43 -33.35 -18.84
C THR C 54 -27.73 -32.48 -19.88
N ASN C 55 -27.84 -31.17 -19.69
CA ASN C 55 -27.29 -30.24 -20.67
C ASN C 55 -25.77 -30.31 -20.68
N ILE C 56 -25.20 -30.15 -21.87
CA ILE C 56 -23.77 -30.01 -22.01
C ILE C 56 -23.43 -28.54 -21.84
N THR C 57 -22.49 -28.25 -20.94
CA THR C 57 -21.98 -26.90 -20.75
C THR C 57 -20.47 -26.97 -20.57
N CYS C 58 -19.83 -25.81 -20.70
CA CYS C 58 -18.41 -25.67 -20.47
C CYS C 58 -18.17 -24.52 -19.50
N THR C 59 -16.91 -24.32 -19.17
CA THR C 59 -16.50 -23.27 -18.24
C THR C 59 -15.89 -22.12 -19.03
N GLY C 60 -16.25 -20.91 -18.64
CA GLY C 60 -15.84 -19.77 -19.43
C GLY C 60 -16.45 -19.84 -20.82
N ASN C 61 -15.69 -19.40 -21.81
CA ASN C 61 -16.17 -19.30 -23.19
C ASN C 61 -15.76 -20.50 -24.02
N ALA C 62 -15.65 -21.69 -23.40
CA ALA C 62 -15.06 -22.81 -24.10
C ALA C 62 -15.98 -23.36 -25.19
N CYS C 63 -17.29 -23.37 -24.96
CA CYS C 63 -18.21 -23.93 -25.94
C CYS C 63 -19.57 -23.21 -25.94
N PRO C 64 -19.60 -21.91 -26.21
CA PRO C 64 -20.90 -21.21 -26.21
C PRO C 64 -21.88 -21.72 -27.25
N GLU C 65 -21.41 -22.05 -28.46
CA GLU C 65 -22.33 -22.58 -29.48
C GLU C 65 -22.94 -23.91 -29.03
N VAL C 66 -22.16 -24.76 -28.36
CA VAL C 66 -22.74 -26.01 -27.86
C VAL C 66 -23.79 -25.71 -26.81
N GLU C 67 -23.53 -24.74 -25.94
CA GLU C 67 -24.50 -24.38 -24.91
C GLU C 67 -25.75 -23.76 -25.53
N LYS C 68 -25.58 -22.96 -26.58
CA LYS C 68 -26.73 -22.43 -27.30
C LYS C 68 -27.68 -23.56 -27.70
N ALA C 69 -27.13 -24.61 -28.28
CA ALA C 69 -27.94 -25.68 -28.85
C ALA C 69 -28.65 -26.48 -27.76
N ASP C 70 -29.66 -27.24 -28.18
CA ASP C 70 -30.32 -28.23 -27.33
C ASP C 70 -29.49 -29.50 -27.42
N ALA C 71 -28.37 -29.51 -26.69
CA ALA C 71 -27.41 -30.60 -26.71
C ALA C 71 -27.37 -31.26 -25.33
N THR C 72 -27.60 -32.57 -25.29
CA THR C 72 -27.65 -33.31 -24.04
C THR C 72 -26.80 -34.58 -24.15
N PHE C 73 -26.40 -35.09 -22.99
CA PHE C 73 -25.55 -36.27 -22.94
C PHE C 73 -26.35 -37.53 -23.24
N LEU C 74 -25.88 -38.32 -24.20
CA LEU C 74 -26.31 -39.71 -24.32
C LEU C 74 -25.45 -40.62 -23.46
N TYR C 75 -24.14 -40.37 -23.43
CA TYR C 75 -23.19 -41.22 -22.71
C TYR C 75 -21.93 -40.42 -22.45
N SER C 76 -21.52 -40.37 -21.17
CA SER C 76 -20.34 -39.63 -20.74
CA SER C 76 -20.34 -39.63 -20.75
C SER C 76 -19.38 -40.61 -20.08
N PHE C 77 -18.14 -40.67 -20.59
CA PHE C 77 -17.19 -41.68 -20.12
C PHE C 77 -15.82 -41.09 -19.81
N GLU C 78 -15.14 -41.76 -18.88
CA GLU C 78 -13.77 -41.42 -18.51
C GLU C 78 -13.08 -42.70 -18.03
N ASP C 79 -11.76 -42.71 -18.11
CA ASP C 79 -10.94 -43.82 -17.61
C ASP C 79 -11.31 -45.14 -18.28
N SER C 80 -11.78 -45.08 -19.51
CA SER C 80 -12.25 -46.27 -20.21
C SER C 80 -11.11 -46.96 -20.95
N GLY C 81 -11.23 -48.28 -21.07
CA GLY C 81 -10.31 -49.05 -21.88
C GLY C 81 -8.87 -48.86 -21.43
N VAL C 82 -7.95 -48.94 -22.39
CA VAL C 82 -6.54 -48.72 -22.14
C VAL C 82 -6.16 -47.37 -22.75
N GLY C 83 -5.32 -46.63 -22.03
CA GLY C 83 -4.94 -45.30 -22.44
C GLY C 83 -5.82 -44.20 -21.91
N ASP C 84 -6.80 -44.51 -21.07
CA ASP C 84 -7.67 -43.50 -20.45
C ASP C 84 -8.51 -42.80 -21.51
N VAL C 85 -9.36 -43.58 -22.18
CA VAL C 85 -10.23 -43.03 -23.21
C VAL C 85 -11.36 -42.27 -22.53
N THR C 86 -11.57 -41.02 -22.96
CA THR C 86 -12.41 -40.08 -22.25
C THR C 86 -13.11 -39.19 -23.28
N GLY C 87 -14.34 -38.79 -22.95
CA GLY C 87 -15.11 -37.93 -23.84
C GLY C 87 -16.60 -38.08 -23.55
N PHE C 88 -17.40 -37.83 -24.59
CA PHE C 88 -18.84 -38.01 -24.44
C PHE C 88 -19.49 -38.25 -25.79
N LEU C 89 -20.68 -38.83 -25.74
CA LEU C 89 -21.59 -38.95 -26.87
C LEU C 89 -22.78 -38.04 -26.63
N ALA C 90 -23.06 -37.15 -27.58
CA ALA C 90 -24.04 -36.09 -27.39
C ALA C 90 -25.17 -36.20 -28.41
N LEU C 91 -26.34 -35.73 -28.01
CA LEU C 91 -27.51 -35.59 -28.89
C LEU C 91 -27.81 -34.11 -29.02
N ASP C 92 -27.76 -33.60 -30.25
CA ASP C 92 -27.99 -32.18 -30.54
C ASP C 92 -29.25 -32.06 -31.39
N ASN C 93 -30.35 -31.67 -30.76
CA ASN C 93 -31.62 -31.54 -31.46
C ASN C 93 -31.71 -30.24 -32.27
N THR C 94 -30.92 -29.23 -31.94
CA THR C 94 -30.91 -28.02 -32.74
C THR C 94 -30.28 -28.27 -34.10
N ASN C 95 -29.11 -28.88 -34.12
CA ASN C 95 -28.38 -29.15 -35.35
C ASN C 95 -28.60 -30.56 -35.88
N LYS C 96 -29.51 -31.32 -35.27
CA LYS C 96 -29.82 -32.68 -35.69
C LYS C 96 -28.54 -33.51 -35.85
N LEU C 97 -27.84 -33.67 -34.73
CA LEU C 97 -26.55 -34.34 -34.73
C LEU C 97 -26.48 -35.39 -33.64
N ILE C 98 -25.72 -36.44 -33.93
CA ILE C 98 -25.21 -37.37 -32.94
C ILE C 98 -23.69 -37.19 -32.95
N VAL C 99 -23.14 -36.70 -31.83
CA VAL C 99 -21.74 -36.31 -31.77
C VAL C 99 -21.03 -37.19 -30.75
N LEU C 100 -19.99 -37.88 -31.21
CA LEU C 100 -19.05 -38.57 -30.34
C LEU C 100 -17.78 -37.72 -30.27
N SER C 101 -17.47 -37.22 -29.08
CA SER C 101 -16.33 -36.32 -28.89
C SER C 101 -15.32 -36.98 -27.98
N PHE C 102 -14.11 -37.17 -28.49
CA PHE C 102 -13.01 -37.75 -27.71
C PHE C 102 -12.18 -36.63 -27.09
N ARG C 103 -11.83 -36.81 -25.83
CA ARG C 103 -10.89 -35.89 -25.19
C ARG C 103 -9.48 -36.19 -25.66
N GLY C 104 -8.65 -35.15 -25.68
CA GLY C 104 -7.24 -35.26 -25.98
C GLY C 104 -6.42 -35.62 -24.76
N SER C 105 -5.12 -35.32 -24.84
CA SER C 105 -4.17 -35.74 -23.82
C SER C 105 -4.28 -34.85 -22.59
N ARG C 106 -4.52 -35.45 -21.43
CA ARG C 106 -4.43 -34.72 -20.18
C ARG C 106 -3.76 -35.56 -19.10
N SER C 107 -4.11 -36.85 -19.03
CA SER C 107 -3.58 -37.70 -17.98
C SER C 107 -2.22 -38.27 -18.37
N ILE C 108 -1.50 -38.79 -17.37
CA ILE C 108 -0.27 -39.50 -17.64
C ILE C 108 -0.56 -40.71 -18.52
N GLU C 109 -1.69 -41.39 -18.26
CA GLU C 109 -2.03 -42.56 -19.06
CA GLU C 109 -2.05 -42.56 -19.05
C GLU C 109 -2.24 -42.19 -20.52
N ASN C 110 -2.84 -41.03 -20.79
CA ASN C 110 -2.93 -40.56 -22.16
C ASN C 110 -1.53 -40.47 -22.77
N TRP C 111 -0.59 -39.88 -22.03
CA TRP C 111 0.73 -39.57 -22.57
C TRP C 111 1.53 -40.82 -22.85
N ILE C 112 1.42 -41.83 -21.99
CA ILE C 112 2.07 -43.10 -22.25
C ILE C 112 1.52 -43.73 -23.52
N GLY C 113 0.20 -43.70 -23.68
CA GLY C 113 -0.39 -44.21 -24.90
C GLY C 113 0.18 -43.53 -26.14
N ASN C 114 0.35 -42.20 -26.07
CA ASN C 114 0.89 -41.47 -27.22
C ASN C 114 2.26 -41.98 -27.60
N LEU C 115 3.10 -42.28 -26.61
CA LEU C 115 4.48 -42.68 -26.86
C LEU C 115 4.61 -44.10 -27.40
N ASN C 116 3.51 -44.85 -27.47
N ASN C 116 3.51 -44.86 -27.46
CA ASN C 116 3.52 -46.18 -28.09
CA ASN C 116 3.49 -46.17 -28.09
C ASN C 116 3.35 -46.00 -29.60
C ASN C 116 3.34 -45.98 -29.60
N PHE C 117 4.38 -45.42 -30.21
CA PHE C 117 4.31 -44.93 -31.58
C PHE C 117 4.84 -45.89 -32.64
N ASP C 118 5.05 -47.15 -32.31
CA ASP C 118 5.39 -48.11 -33.35
C ASP C 118 4.13 -48.60 -34.05
N LEU C 119 4.28 -49.02 -35.30
CA LEU C 119 3.14 -49.29 -36.18
C LEU C 119 2.64 -50.72 -36.01
N LYS C 120 1.33 -50.85 -35.84
CA LYS C 120 0.68 -52.12 -35.61
C LYS C 120 -0.27 -52.41 -36.78
N GLU C 121 -0.49 -53.70 -37.04
CA GLU C 121 -1.30 -54.11 -38.18
CA GLU C 121 -1.30 -54.12 -38.17
C GLU C 121 -2.78 -53.90 -37.88
N ILE C 122 -3.45 -53.20 -38.80
CA ILE C 122 -4.89 -53.01 -38.69
C ILE C 122 -5.53 -53.44 -40.01
N ASN C 123 -5.33 -54.70 -40.40
CA ASN C 123 -5.98 -55.22 -41.59
C ASN C 123 -7.49 -55.31 -41.42
N ASP C 124 -7.98 -55.37 -40.17
CA ASP C 124 -9.43 -55.36 -39.95
C ASP C 124 -10.06 -54.05 -40.38
N ILE C 125 -9.30 -52.96 -40.44
CA ILE C 125 -9.82 -51.69 -40.95
C ILE C 125 -9.57 -51.55 -42.45
N CYS C 126 -8.35 -51.80 -42.90
CA CYS C 126 -8.07 -51.86 -44.33
C CYS C 126 -6.81 -52.67 -44.57
N SER C 127 -6.71 -53.23 -45.78
CA SER C 127 -5.64 -54.17 -46.10
C SER C 127 -4.33 -53.45 -46.33
N GLY C 128 -3.26 -54.00 -45.75
CA GLY C 128 -1.95 -53.37 -45.80
C GLY C 128 -1.79 -52.19 -44.88
N CYS C 129 -2.84 -51.81 -44.15
CA CYS C 129 -2.81 -50.64 -43.31
C CYS C 129 -2.19 -50.93 -41.96
N ARG C 130 -1.42 -49.96 -41.46
N ARG C 130 -1.41 -49.96 -41.47
CA ARG C 130 -0.80 -50.04 -40.14
CA ARG C 130 -0.80 -50.04 -40.14
C ARG C 130 -1.07 -48.73 -39.41
C ARG C 130 -1.07 -48.73 -39.41
N GLY C 131 -1.28 -48.81 -38.10
CA GLY C 131 -1.64 -47.66 -37.32
C GLY C 131 -0.78 -47.52 -36.06
N HIS C 132 -0.76 -46.30 -35.55
CA HIS C 132 -0.15 -46.00 -34.26
C HIS C 132 -0.62 -46.99 -33.21
N ASP C 133 0.33 -47.67 -32.55
CA ASP C 133 -0.01 -48.74 -31.63
C ASP C 133 -0.91 -48.25 -30.50
N GLY C 134 -0.59 -47.10 -29.93
CA GLY C 134 -1.37 -46.59 -28.82
C GLY C 134 -2.79 -46.21 -29.21
N PHE C 135 -2.94 -45.45 -30.30
CA PHE C 135 -4.27 -45.00 -30.70
C PHE C 135 -5.16 -46.19 -31.04
N THR C 136 -4.61 -47.17 -31.76
CA THR C 136 -5.43 -48.29 -32.22
C THR C 136 -5.74 -49.25 -31.07
N SER C 137 -4.78 -49.46 -30.18
CA SER C 137 -5.06 -50.23 -28.97
C SER C 137 -6.13 -49.55 -28.14
N SER C 138 -6.04 -48.23 -27.98
CA SER C 138 -7.03 -47.52 -27.18
C SER C 138 -8.42 -47.61 -27.80
N TRP C 139 -8.50 -47.46 -29.12
CA TRP C 139 -9.80 -47.59 -29.77
C TRP C 139 -10.33 -49.00 -29.66
N ARG C 140 -9.50 -50.00 -29.99
CA ARG C 140 -9.93 -51.39 -29.89
C ARG C 140 -10.54 -51.69 -28.53
N SER C 141 -10.01 -51.09 -27.46
CA SER C 141 -10.43 -51.42 -26.12
C SER C 141 -11.79 -50.83 -25.74
N VAL C 142 -12.33 -49.93 -26.56
CA VAL C 142 -13.65 -49.35 -26.30
C VAL C 142 -14.59 -49.49 -27.48
N ALA C 143 -14.15 -50.10 -28.58
CA ALA C 143 -14.91 -50.07 -29.82
C ALA C 143 -16.30 -50.69 -29.64
N ASP C 144 -16.37 -51.89 -29.04
CA ASP C 144 -17.65 -52.57 -28.91
C ASP C 144 -18.63 -51.77 -28.06
N THR C 145 -18.14 -51.15 -26.99
CA THR C 145 -19.01 -50.38 -26.12
C THR C 145 -19.52 -49.13 -26.84
N LEU C 146 -18.62 -48.39 -27.47
CA LEU C 146 -19.01 -47.13 -28.08
C LEU C 146 -19.80 -47.35 -29.37
N ARG C 147 -19.44 -48.36 -30.16
CA ARG C 147 -20.23 -48.66 -31.34
C ARG C 147 -21.68 -48.96 -30.96
N GLN C 148 -21.89 -49.66 -29.85
CA GLN C 148 -23.26 -49.96 -29.44
C GLN C 148 -24.00 -48.69 -29.05
N LYS C 149 -23.35 -47.78 -28.32
CA LYS C 149 -24.00 -46.53 -27.94
C LYS C 149 -24.37 -45.72 -29.17
N VAL C 150 -23.45 -45.61 -30.13
CA VAL C 150 -23.73 -44.88 -31.35
C VAL C 150 -24.93 -45.51 -32.08
N GLU C 151 -24.99 -46.84 -32.09
CA GLU C 151 -26.09 -47.51 -32.79
C GLU C 151 -27.41 -47.34 -32.04
N ASP C 152 -27.38 -47.37 -30.71
CA ASP C 152 -28.58 -47.01 -29.95
C ASP C 152 -29.13 -45.68 -30.42
N ALA C 153 -28.25 -44.68 -30.58
CA ALA C 153 -28.71 -43.34 -30.94
C ALA C 153 -29.20 -43.29 -32.38
N VAL C 154 -28.50 -43.95 -33.30
CA VAL C 154 -28.95 -44.00 -34.69
C VAL C 154 -30.34 -44.61 -34.77
N ARG C 155 -30.60 -45.64 -33.97
CA ARG C 155 -31.93 -46.24 -33.96
CA ARG C 155 -31.93 -46.25 -33.93
C ARG C 155 -32.99 -45.21 -33.59
N GLU C 156 -32.74 -44.41 -32.56
CA GLU C 156 -33.73 -43.44 -32.09
C GLU C 156 -33.86 -42.26 -33.03
N HIS C 157 -32.79 -41.87 -33.72
CA HIS C 157 -32.80 -40.69 -34.57
C HIS C 157 -32.09 -41.02 -35.88
N PRO C 158 -32.74 -41.84 -36.73
CA PRO C 158 -32.09 -42.24 -37.99
C PRO C 158 -31.87 -41.10 -38.96
N ASP C 159 -32.55 -39.96 -38.78
CA ASP C 159 -32.38 -38.82 -39.67
C ASP C 159 -31.30 -37.84 -39.19
N TYR C 160 -30.71 -38.06 -38.02
CA TYR C 160 -29.65 -37.19 -37.56
C TYR C 160 -28.32 -37.57 -38.20
N ARG C 161 -27.39 -36.60 -38.20
CA ARG C 161 -26.06 -36.78 -38.77
C ARG C 161 -25.09 -37.24 -37.70
N VAL C 162 -24.29 -38.26 -38.02
CA VAL C 162 -23.35 -38.86 -37.08
C VAL C 162 -21.97 -38.25 -37.33
N VAL C 163 -21.37 -37.69 -36.28
CA VAL C 163 -20.12 -36.95 -36.38
C VAL C 163 -19.22 -37.39 -35.24
N PHE C 164 -18.02 -37.84 -35.57
CA PHE C 164 -16.96 -38.07 -34.59
C PHE C 164 -16.01 -36.87 -34.64
N THR C 165 -15.55 -36.43 -33.47
CA THR C 165 -14.66 -35.27 -33.44
C THR C 165 -13.74 -35.37 -32.24
N GLY C 166 -12.66 -34.59 -32.29
CA GLY C 166 -11.72 -34.51 -31.19
C GLY C 166 -10.60 -33.55 -31.55
N HIS C 167 -9.81 -33.24 -30.52
CA HIS C 167 -8.63 -32.37 -30.65
C HIS C 167 -7.39 -33.21 -30.35
N SER C 168 -6.42 -33.13 -31.27
CA SER C 168 -5.16 -33.87 -31.14
C SER C 168 -5.41 -35.36 -30.88
N LEU C 169 -4.91 -35.92 -29.78
CA LEU C 169 -5.19 -37.33 -29.47
C LEU C 169 -6.66 -37.64 -29.70
N GLY C 170 -7.56 -36.78 -29.21
CA GLY C 170 -8.98 -37.00 -29.46
C GLY C 170 -9.30 -37.05 -30.94
N GLY C 171 -8.67 -36.18 -31.73
CA GLY C 171 -8.84 -36.24 -33.17
C GLY C 171 -8.31 -37.51 -33.77
N ALA C 172 -7.22 -38.06 -33.20
CA ALA C 172 -6.67 -39.31 -33.70
C ALA C 172 -7.61 -40.48 -33.41
N LEU C 173 -8.15 -40.54 -32.19
CA LEU C 173 -9.13 -41.57 -31.88
C LEU C 173 -10.37 -41.45 -32.75
N ALA C 174 -10.86 -40.22 -32.94
CA ALA C 174 -12.04 -40.02 -33.78
C ALA C 174 -11.79 -40.52 -35.20
N THR C 175 -10.58 -40.29 -35.72
CA THR C 175 -10.23 -40.75 -37.06
C THR C 175 -10.22 -42.27 -37.13
N VAL C 176 -9.52 -42.92 -36.20
CA VAL C 176 -9.46 -44.38 -36.20
C VAL C 176 -10.85 -44.95 -36.00
N ALA C 177 -11.61 -44.40 -35.05
CA ALA C 177 -12.96 -44.89 -34.78
C ALA C 177 -13.83 -44.77 -36.02
N GLY C 178 -13.70 -43.69 -36.77
CA GLY C 178 -14.53 -43.51 -37.95
C GLY C 178 -14.16 -44.47 -39.07
N ALA C 179 -12.87 -44.69 -39.28
CA ALA C 179 -12.44 -45.65 -40.28
C ALA C 179 -12.92 -47.06 -39.95
N ASP C 180 -13.09 -47.37 -38.67
CA ASP C 180 -13.47 -48.71 -38.26
C ASP C 180 -14.98 -48.92 -38.38
N LEU C 181 -15.78 -47.93 -37.99
CA LEU C 181 -17.22 -48.09 -37.89
C LEU C 181 -17.98 -47.65 -39.13
N ARG C 182 -17.29 -47.10 -40.13
CA ARG C 182 -17.96 -46.76 -41.38
C ARG C 182 -18.33 -48.02 -42.14
N GLY C 183 -19.44 -47.94 -42.88
CA GLY C 183 -19.90 -49.07 -43.66
C GLY C 183 -20.86 -49.98 -42.95
N ASN C 184 -21.67 -49.45 -42.02
CA ASN C 184 -22.66 -50.23 -41.31
C ASN C 184 -24.04 -49.60 -41.43
N GLY C 185 -24.27 -48.81 -42.47
CA GLY C 185 -25.60 -48.31 -42.81
C GLY C 185 -25.81 -46.84 -42.55
N TYR C 186 -24.95 -46.19 -41.77
CA TYR C 186 -25.03 -44.76 -41.54
C TYR C 186 -23.68 -44.14 -41.86
N ASP C 187 -23.71 -42.92 -42.41
CA ASP C 187 -22.48 -42.20 -42.67
C ASP C 187 -21.89 -41.66 -41.38
N ILE C 188 -20.56 -41.56 -41.35
CA ILE C 188 -19.83 -41.00 -40.21
C ILE C 188 -18.85 -39.97 -40.75
N ASP C 189 -19.09 -38.71 -40.45
CA ASP C 189 -18.13 -37.65 -40.73
C ASP C 189 -17.23 -37.45 -39.52
N VAL C 190 -15.98 -37.07 -39.78
CA VAL C 190 -14.99 -36.87 -38.74
C VAL C 190 -14.42 -35.47 -38.88
N PHE C 191 -14.38 -34.74 -37.76
CA PHE C 191 -13.70 -33.44 -37.68
C PHE C 191 -12.59 -33.57 -36.66
N SER C 192 -11.34 -33.52 -37.11
CA SER C 192 -10.18 -33.59 -36.23
C SER C 192 -9.44 -32.26 -36.23
N TYR C 193 -8.98 -31.85 -35.05
CA TYR C 193 -8.34 -30.56 -34.84
C TYR C 193 -6.95 -30.79 -34.24
N GLY C 194 -5.92 -30.38 -34.97
CA GLY C 194 -4.56 -30.55 -34.49
C GLY C 194 -4.21 -31.99 -34.23
N ALA C 195 -4.65 -32.89 -35.10
CA ALA C 195 -4.46 -34.32 -34.92
C ALA C 195 -3.08 -34.76 -35.42
N PRO C 196 -2.42 -35.67 -34.72
CA PRO C 196 -1.18 -36.24 -35.26
C PRO C 196 -1.48 -37.17 -36.42
N ARG C 197 -0.41 -37.63 -37.07
CA ARG C 197 -0.53 -38.70 -38.05
C ARG C 197 -0.87 -40.00 -37.33
N VAL C 198 -1.78 -40.79 -37.92
CA VAL C 198 -2.30 -41.98 -37.26
C VAL C 198 -1.78 -43.29 -37.85
N GLY C 199 -1.12 -43.27 -39.00
CA GLY C 199 -0.65 -44.52 -39.55
C GLY C 199 0.21 -44.33 -40.78
N ASN C 200 0.45 -45.45 -41.47
CA ASN C 200 1.34 -45.48 -42.63
C ASN C 200 0.61 -44.94 -43.86
N ARG C 201 1.25 -45.03 -45.02
CA ARG C 201 0.68 -44.46 -46.22
C ARG C 201 -0.54 -45.24 -46.69
N ALA C 202 -0.57 -46.55 -46.45
CA ALA C 202 -1.76 -47.33 -46.80
C ALA C 202 -2.97 -46.83 -46.03
N PHE C 203 -2.79 -46.51 -44.75
CA PHE C 203 -3.89 -45.99 -43.95
C PHE C 203 -4.25 -44.57 -44.39
N ALA C 204 -3.23 -43.78 -44.76
CA ALA C 204 -3.47 -42.41 -45.21
C ALA C 204 -4.25 -42.40 -46.53
N GLU C 205 -3.97 -43.36 -47.42
CA GLU C 205 -4.71 -43.42 -48.67
C GLU C 205 -6.14 -43.90 -48.44
N PHE C 206 -6.31 -44.93 -47.61
CA PHE C 206 -7.65 -45.38 -47.25
C PHE C 206 -8.48 -44.22 -46.70
N LEU C 207 -7.93 -43.48 -45.73
CA LEU C 207 -8.66 -42.37 -45.13
C LEU C 207 -9.00 -41.29 -46.15
N THR C 208 -8.27 -41.22 -47.26
CA THR C 208 -8.55 -40.20 -48.27
C THR C 208 -9.73 -40.57 -49.16
N VAL C 209 -9.98 -41.87 -49.37
CA VAL C 209 -10.95 -42.33 -50.35
C VAL C 209 -12.07 -43.15 -49.75
N GLN C 210 -12.02 -43.49 -48.46
CA GLN C 210 -13.05 -44.33 -47.87
C GLN C 210 -14.42 -43.70 -48.04
N THR C 211 -15.39 -44.53 -48.39
CA THR C 211 -16.77 -44.09 -48.58
C THR C 211 -17.52 -44.13 -47.25
N GLY C 212 -18.74 -43.60 -47.26
CA GLY C 212 -19.56 -43.63 -46.06
C GLY C 212 -19.25 -42.54 -45.06
N GLY C 213 -18.70 -41.43 -45.50
CA GLY C 213 -18.42 -40.32 -44.62
C GLY C 213 -17.20 -39.55 -45.08
N THR C 214 -17.05 -38.35 -44.54
CA THR C 214 -16.00 -37.43 -44.92
C THR C 214 -15.14 -37.08 -43.71
N LEU C 215 -13.84 -37.01 -43.92
CA LEU C 215 -12.89 -36.59 -42.89
C LEU C 215 -12.45 -35.17 -43.16
N TYR C 216 -12.69 -34.29 -42.19
CA TYR C 216 -12.23 -32.90 -42.25
C TYR C 216 -11.06 -32.78 -41.28
N ARG C 217 -9.85 -32.82 -41.84
CA ARG C 217 -8.63 -32.78 -41.05
C ARG C 217 -8.14 -31.34 -40.99
N ILE C 218 -8.26 -30.72 -39.82
CA ILE C 218 -8.01 -29.30 -39.65
C ILE C 218 -6.72 -29.11 -38.87
N THR C 219 -5.90 -28.18 -39.34
CA THR C 219 -4.62 -27.86 -38.72
C THR C 219 -4.54 -26.36 -38.53
N HIS C 220 -3.53 -25.90 -37.79
CA HIS C 220 -3.37 -24.49 -37.48
C HIS C 220 -1.92 -24.08 -37.61
N THR C 221 -1.67 -23.07 -38.44
CA THR C 221 -0.35 -22.53 -38.70
C THR C 221 0.75 -23.58 -38.55
N ASN C 222 1.63 -23.42 -37.57
CA ASN C 222 2.77 -24.31 -37.37
C ASN C 222 2.65 -25.12 -36.08
N ASP C 223 1.43 -25.57 -35.80
CA ASP C 223 1.19 -26.51 -34.71
C ASP C 223 2.10 -27.73 -34.86
N ILE C 224 2.75 -28.12 -33.76
CA ILE C 224 3.74 -29.19 -33.83
C ILE C 224 3.11 -30.57 -33.89
N VAL C 225 1.87 -30.74 -33.46
CA VAL C 225 1.30 -32.07 -33.26
C VAL C 225 0.93 -32.74 -34.59
N PRO C 226 0.37 -32.03 -35.57
CA PRO C 226 0.15 -32.66 -36.88
C PRO C 226 1.44 -33.03 -37.59
N ARG C 227 2.59 -32.61 -37.08
CA ARG C 227 3.88 -33.02 -37.62
C ARG C 227 4.45 -34.26 -36.92
N LEU C 228 3.69 -34.85 -36.00
CA LEU C 228 4.11 -36.01 -35.24
C LEU C 228 3.16 -37.18 -35.46
N PRO C 229 3.66 -38.42 -35.43
CA PRO C 229 5.08 -38.78 -35.41
C PRO C 229 5.72 -38.41 -36.76
N PRO C 230 7.03 -38.20 -36.78
CA PRO C 230 7.66 -37.73 -38.03
C PRO C 230 7.55 -38.75 -39.15
N ARG C 231 7.66 -38.23 -40.37
CA ARG C 231 7.57 -39.05 -41.57
C ARG C 231 8.59 -40.18 -41.54
N GLU C 232 9.76 -39.93 -40.95
CA GLU C 232 10.83 -40.93 -40.94
CA GLU C 232 10.83 -40.93 -40.94
C GLU C 232 10.45 -42.19 -40.19
N PHE C 233 9.46 -42.11 -39.27
CA PHE C 233 9.04 -43.29 -38.52
C PHE C 233 8.03 -44.15 -39.27
N GLY C 234 7.64 -43.75 -40.48
CA GLY C 234 6.69 -44.51 -41.27
C GLY C 234 5.29 -43.95 -41.33
N TYR C 235 5.09 -42.68 -40.99
CA TYR C 235 3.75 -42.10 -40.84
C TYR C 235 3.43 -41.16 -42.00
N SER C 236 2.18 -41.21 -42.43
CA SER C 236 1.68 -40.34 -43.49
C SER C 236 0.38 -39.67 -43.04
N HIS C 237 0.03 -38.59 -43.70
CA HIS C 237 -1.20 -37.82 -43.44
C HIS C 237 -2.18 -38.05 -44.58
N SER C 238 -3.45 -38.26 -44.26
CA SER C 238 -4.50 -38.35 -45.26
C SER C 238 -4.72 -36.99 -45.92
N SER C 239 -5.41 -37.02 -47.07
CA SER C 239 -5.78 -35.82 -47.79
C SER C 239 -7.29 -35.66 -47.79
N PRO C 240 -7.81 -34.42 -47.82
CA PRO C 240 -7.09 -33.15 -47.82
C PRO C 240 -6.78 -32.60 -46.43
N GLU C 241 -6.17 -31.41 -46.40
CA GLU C 241 -5.87 -30.68 -45.18
C GLU C 241 -6.60 -29.34 -45.24
N TYR C 242 -7.26 -28.98 -44.15
CA TYR C 242 -7.87 -27.66 -44.00
C TYR C 242 -6.99 -26.88 -43.04
N TRP C 243 -6.26 -25.91 -43.57
CA TRP C 243 -5.20 -25.23 -42.83
C TRP C 243 -5.67 -23.85 -42.43
N ILE C 244 -5.67 -23.59 -41.12
CA ILE C 244 -5.97 -22.27 -40.59
C ILE C 244 -4.70 -21.45 -40.60
N LYS C 245 -4.74 -20.29 -41.27
CA LYS C 245 -3.57 -19.44 -41.39
C LYS C 245 -3.51 -18.35 -40.33
N SER C 246 -4.65 -17.87 -39.85
CA SER C 246 -4.64 -16.83 -38.84
C SER C 246 -3.87 -17.28 -37.61
N GLY C 247 -3.45 -16.31 -36.81
CA GLY C 247 -2.52 -16.56 -35.73
C GLY C 247 -3.18 -16.99 -34.43
N THR C 248 -2.34 -17.33 -33.47
CA THR C 248 -2.81 -17.69 -32.14
C THR C 248 -3.52 -16.50 -31.49
N LEU C 249 -4.63 -16.79 -30.82
CA LEU C 249 -5.49 -15.78 -30.19
C LEU C 249 -6.12 -14.82 -31.19
N VAL C 250 -6.11 -15.17 -32.48
CA VAL C 250 -6.69 -14.34 -33.54
C VAL C 250 -7.99 -15.00 -34.00
N PRO C 251 -9.10 -14.26 -34.07
CA PRO C 251 -10.34 -14.87 -34.56
C PRO C 251 -10.19 -15.36 -35.99
N VAL C 252 -10.83 -16.48 -36.29
CA VAL C 252 -10.78 -17.09 -37.61
C VAL C 252 -11.95 -16.58 -38.44
N THR C 253 -11.70 -16.34 -39.72
CA THR C 253 -12.73 -16.05 -40.70
C THR C 253 -12.63 -17.09 -41.81
N ARG C 254 -13.72 -17.24 -42.57
CA ARG C 254 -13.74 -18.30 -43.57
C ARG C 254 -12.68 -18.11 -44.65
N ASN C 255 -12.09 -16.93 -44.74
CA ASN C 255 -11.00 -16.66 -45.68
C ASN C 255 -9.64 -17.07 -45.15
N ASP C 256 -9.54 -17.41 -43.86
CA ASP C 256 -8.28 -17.81 -43.26
C ASP C 256 -8.01 -19.31 -43.36
N ILE C 257 -8.93 -20.06 -43.94
CA ILE C 257 -8.82 -21.52 -44.05
C ILE C 257 -8.60 -21.86 -45.51
N VAL C 258 -7.56 -22.64 -45.79
CA VAL C 258 -7.20 -23.01 -47.16
C VAL C 258 -7.12 -24.53 -47.26
N LYS C 259 -7.81 -25.09 -48.25
CA LYS C 259 -7.87 -26.53 -48.47
C LYS C 259 -6.67 -26.96 -49.30
N ILE C 260 -5.92 -27.93 -48.78
CA ILE C 260 -4.67 -28.38 -49.38
C ILE C 260 -4.81 -29.86 -49.71
N GLU C 261 -4.72 -30.19 -50.99
CA GLU C 261 -4.89 -31.56 -51.47
C GLU C 261 -3.54 -32.25 -51.57
N GLY C 262 -3.56 -33.58 -51.44
CA GLY C 262 -2.37 -34.37 -51.65
C GLY C 262 -1.85 -35.09 -50.42
N ILE C 263 -1.64 -36.40 -50.54
CA ILE C 263 -1.08 -37.18 -49.43
C ILE C 263 0.25 -36.56 -49.02
N ASP C 264 0.44 -36.35 -47.72
CA ASP C 264 1.66 -35.74 -47.20
C ASP C 264 1.98 -34.44 -47.91
N ALA C 265 0.95 -33.75 -48.38
CA ALA C 265 1.16 -32.44 -48.99
C ALA C 265 1.98 -31.55 -48.06
N THR C 266 2.72 -30.62 -48.66
CA THR C 266 3.43 -29.59 -47.93
C THR C 266 2.75 -28.25 -48.23
N GLY C 267 3.29 -27.19 -47.62
CA GLY C 267 2.75 -25.86 -47.83
C GLY C 267 1.61 -25.48 -46.92
N GLY C 268 1.14 -26.39 -46.07
CA GLY C 268 0.20 -26.04 -45.03
C GLY C 268 0.87 -26.12 -43.67
N ASN C 269 0.41 -27.02 -42.81
CA ASN C 269 1.07 -27.22 -41.53
C ASN C 269 2.39 -27.99 -41.71
N ASN C 270 2.46 -28.85 -42.72
CA ASN C 270 3.65 -29.67 -42.95
C ASN C 270 4.68 -28.86 -43.74
N GLN C 271 5.31 -27.92 -43.03
CA GLN C 271 6.36 -27.09 -43.60
C GLN C 271 7.65 -27.26 -42.82
N PRO C 272 8.81 -27.17 -43.49
CA PRO C 272 10.11 -27.25 -42.80
C PRO C 272 10.48 -25.95 -42.10
N ASN C 273 9.62 -25.49 -41.21
CA ASN C 273 9.88 -24.33 -40.37
C ASN C 273 9.84 -24.74 -38.91
N ILE C 274 10.09 -23.78 -38.02
CA ILE C 274 10.09 -24.09 -36.58
C ILE C 274 8.65 -24.31 -36.12
N PRO C 275 8.37 -25.37 -35.37
CA PRO C 275 7.01 -25.59 -34.87
C PRO C 275 6.75 -24.78 -33.61
N ASP C 276 5.47 -24.76 -33.22
CA ASP C 276 4.99 -23.91 -32.14
C ASP C 276 4.01 -24.70 -31.29
N ILE C 277 4.06 -24.49 -29.98
CA ILE C 277 3.21 -25.23 -29.04
C ILE C 277 1.93 -24.45 -28.78
N PRO C 278 1.98 -23.15 -28.46
CA PRO C 278 0.71 -22.42 -28.24
C PRO C 278 -0.21 -22.46 -29.46
N ALA C 279 0.30 -22.64 -30.66
CA ALA C 279 -0.57 -22.77 -31.82
C ALA C 279 -1.46 -24.00 -31.71
N HIS C 280 -0.99 -25.04 -30.99
CA HIS C 280 -1.77 -26.25 -30.81
C HIS C 280 -3.05 -25.99 -30.03
N LEU C 281 -3.11 -24.89 -29.28
CA LEU C 281 -4.20 -24.66 -28.34
C LEU C 281 -5.23 -23.66 -28.85
N TRP C 282 -5.08 -23.18 -30.08
CA TRP C 282 -5.96 -22.16 -30.62
C TRP C 282 -6.50 -22.66 -31.94
N TYR C 283 -7.68 -23.27 -31.89
CA TYR C 283 -8.43 -23.73 -33.06
C TYR C 283 -9.80 -23.09 -32.93
N PHE C 284 -9.94 -21.88 -33.48
CA PHE C 284 -11.14 -21.04 -33.36
C PHE C 284 -11.23 -20.42 -31.97
N GLY C 285 -10.92 -21.19 -30.94
CA GLY C 285 -10.77 -20.66 -29.60
C GLY C 285 -9.77 -21.49 -28.82
N LEU C 286 -9.61 -21.21 -27.53
CA LEU C 286 -8.75 -22.07 -26.73
C LEU C 286 -9.36 -23.46 -26.65
N ILE C 287 -8.51 -24.47 -26.77
CA ILE C 287 -8.93 -25.86 -26.77
C ILE C 287 -7.89 -26.66 -25.99
N GLY C 288 -8.37 -27.57 -25.15
CA GLY C 288 -7.51 -28.35 -24.28
C GLY C 288 -7.33 -27.80 -22.89
N THR C 289 -7.94 -26.66 -22.58
CA THR C 289 -7.69 -25.96 -21.33
C THR C 289 -8.88 -26.00 -20.37
N CYS C 290 -10.04 -26.50 -20.79
CA CYS C 290 -11.18 -26.56 -19.90
C CYS C 290 -10.92 -27.56 -18.78
N LEU C 291 -11.10 -27.11 -17.54
CA LEU C 291 -10.85 -27.96 -16.38
C LEU C 291 -12.05 -28.85 -16.10
N GLU D 23 31.70 -52.36 -32.52
CA GLU D 23 31.40 -53.83 -32.45
C GLU D 23 31.63 -54.37 -31.06
N VAL D 24 30.68 -55.17 -30.57
CA VAL D 24 30.82 -55.91 -29.33
C VAL D 24 30.61 -57.39 -29.64
N SER D 25 30.98 -58.23 -28.68
CA SER D 25 30.80 -59.67 -28.84
C SER D 25 29.31 -60.02 -28.80
N GLN D 26 28.95 -61.10 -29.51
CA GLN D 26 27.56 -61.54 -29.51
C GLN D 26 27.07 -61.87 -28.10
N ASP D 27 27.95 -62.38 -27.24
CA ASP D 27 27.53 -62.69 -25.88
C ASP D 27 27.16 -61.43 -25.10
N LEU D 28 27.96 -60.37 -25.25
CA LEU D 28 27.62 -59.12 -24.59
C LEU D 28 26.34 -58.53 -25.17
N PHE D 29 26.21 -58.53 -26.49
CA PHE D 29 24.98 -58.10 -27.14
C PHE D 29 23.77 -58.81 -26.54
N ASN D 30 23.86 -60.12 -26.34
CA ASN D 30 22.74 -60.85 -25.78
C ASN D 30 22.41 -60.38 -24.37
N GLN D 31 23.43 -60.14 -23.55
CA GLN D 31 23.19 -59.63 -22.21
C GLN D 31 22.58 -58.23 -22.26
N PHE D 32 23.12 -57.36 -23.13
CA PHE D 32 22.56 -56.02 -23.27
C PHE D 32 21.08 -56.10 -23.65
N ASN D 33 20.75 -56.99 -24.58
CA ASN D 33 19.37 -57.15 -25.04
C ASN D 33 18.49 -57.68 -23.92
N LEU D 34 18.96 -58.70 -23.20
CA LEU D 34 18.11 -59.31 -22.17
C LEU D 34 17.76 -58.30 -21.07
N PHE D 35 18.74 -57.53 -20.61
CA PHE D 35 18.50 -56.62 -19.51
C PHE D 35 17.84 -55.32 -19.95
N ALA D 36 17.90 -54.99 -21.23
CA ALA D 36 17.06 -53.91 -21.76
C ALA D 36 15.58 -54.27 -21.64
N GLN D 37 15.26 -55.55 -21.68
CA GLN D 37 13.88 -56.00 -21.52
C GLN D 37 13.48 -56.17 -20.06
N TYR D 38 14.42 -56.56 -19.20
CA TYR D 38 14.16 -56.51 -17.77
C TYR D 38 13.90 -55.08 -17.31
N SER D 39 14.61 -54.12 -17.93
CA SER D 39 14.36 -52.71 -17.62
C SER D 39 13.00 -52.28 -18.14
N ALA D 40 12.64 -52.70 -19.35
CA ALA D 40 11.33 -52.36 -19.89
C ALA D 40 10.21 -52.96 -19.05
N ALA D 41 10.43 -54.17 -18.53
CA ALA D 41 9.37 -54.84 -17.77
C ALA D 41 9.00 -54.07 -16.51
N ALA D 42 9.95 -53.33 -15.95
CA ALA D 42 9.69 -52.60 -14.70
C ALA D 42 8.60 -51.55 -14.87
N TYR D 43 8.37 -51.08 -16.11
CA TYR D 43 7.38 -50.03 -16.33
C TYR D 43 5.95 -50.57 -16.27
N CYS D 44 5.72 -51.83 -16.64
CA CYS D 44 4.38 -52.38 -16.64
C CYS D 44 3.78 -52.35 -15.24
N GLY D 45 2.62 -51.72 -15.10
CA GLY D 45 2.04 -51.54 -13.78
C GLY D 45 1.74 -52.84 -13.05
N LYS D 46 1.45 -53.90 -13.80
CA LYS D 46 1.16 -55.19 -13.17
C LYS D 46 2.41 -55.80 -12.54
N ASN D 47 3.60 -55.36 -12.96
CA ASN D 47 4.85 -55.87 -12.43
C ASN D 47 5.32 -55.09 -11.20
N ASN D 48 4.50 -54.17 -10.69
CA ASN D 48 4.86 -53.39 -9.52
C ASN D 48 4.00 -53.68 -8.30
N ASP D 49 2.94 -54.50 -8.44
CA ASP D 49 2.15 -54.95 -7.31
C ASP D 49 1.92 -56.46 -7.36
N ALA D 50 2.71 -57.17 -8.14
CA ALA D 50 2.51 -58.60 -8.30
C ALA D 50 2.81 -59.33 -7.00
N PRO D 51 2.06 -60.39 -6.68
CA PRO D 51 2.40 -61.21 -5.51
C PRO D 51 3.64 -62.06 -5.76
N ALA D 52 4.38 -62.33 -4.68
CA ALA D 52 5.58 -63.14 -4.79
C ALA D 52 5.25 -64.51 -5.36
N GLY D 53 6.07 -64.95 -6.33
CA GLY D 53 5.94 -66.26 -6.92
C GLY D 53 5.23 -66.28 -8.26
N THR D 54 4.51 -65.23 -8.62
CA THR D 54 3.83 -65.19 -9.90
C THR D 54 4.83 -64.93 -11.03
N ASN D 55 4.39 -65.21 -12.25
CA ASN D 55 5.28 -65.09 -13.41
C ASN D 55 5.39 -63.64 -13.88
N ILE D 56 6.55 -63.32 -14.43
CA ILE D 56 6.83 -61.99 -14.94
C ILE D 56 6.41 -61.96 -16.40
N THR D 57 5.46 -61.08 -16.73
CA THR D 57 5.01 -60.89 -18.10
C THR D 57 4.91 -59.41 -18.40
N CYS D 58 4.90 -59.08 -19.69
CA CYS D 58 4.73 -57.71 -20.14
C CYS D 58 3.65 -57.66 -21.21
N THR D 59 3.21 -56.45 -21.50
CA THR D 59 2.22 -56.21 -22.55
C THR D 59 2.93 -56.00 -23.88
N GLY D 60 2.34 -56.54 -24.95
CA GLY D 60 2.99 -56.47 -26.24
C GLY D 60 4.27 -57.28 -26.25
N ASN D 61 5.23 -56.81 -27.05
CA ASN D 61 6.56 -57.42 -27.14
C ASN D 61 7.57 -56.65 -26.28
N ALA D 62 7.14 -56.13 -25.14
CA ALA D 62 8.04 -55.33 -24.31
C ALA D 62 9.18 -56.18 -23.77
N CYS D 63 8.91 -57.41 -23.35
CA CYS D 63 9.94 -58.26 -22.73
C CYS D 63 9.77 -59.73 -23.12
N PRO D 64 9.84 -60.04 -24.42
CA PRO D 64 9.67 -61.45 -24.83
C PRO D 64 10.72 -62.38 -24.22
N GLU D 65 11.98 -61.97 -24.20
CA GLU D 65 13.03 -62.84 -23.66
C GLU D 65 12.82 -63.11 -22.17
N VAL D 66 12.26 -62.15 -21.43
CA VAL D 66 11.98 -62.37 -20.02
C VAL D 66 10.83 -63.36 -19.87
N GLU D 67 9.79 -63.22 -20.71
CA GLU D 67 8.65 -64.13 -20.61
C GLU D 67 9.05 -65.57 -20.94
N LYS D 68 9.94 -65.75 -21.92
CA LYS D 68 10.42 -67.08 -22.25
C LYS D 68 11.03 -67.77 -21.04
N ALA D 69 11.80 -67.02 -20.26
CA ALA D 69 12.53 -67.61 -19.14
C ALA D 69 11.56 -68.05 -18.03
N ASP D 70 12.10 -68.80 -17.09
CA ASP D 70 11.39 -69.19 -15.87
C ASP D 70 11.63 -68.12 -14.80
N ALA D 71 11.01 -66.97 -15.02
CA ALA D 71 11.23 -65.78 -14.19
C ALA D 71 10.00 -65.49 -13.35
N THR D 72 10.20 -65.34 -12.05
CA THR D 72 9.12 -65.09 -11.11
C THR D 72 9.49 -63.93 -10.20
N PHE D 73 8.48 -63.33 -9.59
CA PHE D 73 8.68 -62.22 -8.67
C PHE D 73 9.10 -62.75 -7.31
N LEU D 74 10.24 -62.27 -6.82
CA LEU D 74 10.57 -62.41 -5.41
C LEU D 74 9.96 -61.27 -4.59
N TYR D 75 9.86 -60.09 -5.18
CA TYR D 75 9.35 -58.91 -4.49
C TYR D 75 8.95 -57.89 -5.55
N SER D 76 7.76 -57.31 -5.39
CA SER D 76 7.25 -56.29 -6.29
C SER D 76 6.87 -55.07 -5.45
N PHE D 77 7.36 -53.90 -5.84
CA PHE D 77 7.18 -52.70 -5.03
C PHE D 77 6.75 -51.53 -5.91
N GLU D 78 6.03 -50.61 -5.27
CA GLU D 78 5.61 -49.36 -5.89
C GLU D 78 5.33 -48.35 -4.79
N ASP D 79 5.48 -47.07 -5.11
CA ASP D 79 5.23 -46.00 -4.15
C ASP D 79 6.07 -46.18 -2.89
N SER D 80 7.27 -46.72 -3.04
CA SER D 80 8.12 -47.05 -1.91
C SER D 80 9.06 -45.90 -1.61
N GLY D 81 9.38 -45.74 -0.33
CA GLY D 81 10.33 -44.72 0.09
C GLY D 81 9.93 -43.35 -0.39
N VAL D 82 10.93 -42.53 -0.69
CA VAL D 82 10.73 -41.18 -1.20
C VAL D 82 11.06 -41.19 -2.69
N GLY D 83 10.29 -40.44 -3.46
CA GLY D 83 10.47 -40.42 -4.90
C GLY D 83 9.73 -41.51 -5.64
N ASP D 84 8.87 -42.27 -4.97
CA ASP D 84 8.03 -43.27 -5.62
C ASP D 84 8.90 -44.35 -6.28
N VAL D 85 9.74 -44.98 -5.45
CA VAL D 85 10.60 -46.05 -5.93
C VAL D 85 9.75 -47.24 -6.36
N THR D 86 10.04 -47.78 -7.54
CA THR D 86 9.15 -48.75 -8.18
C THR D 86 9.97 -49.71 -9.02
N GLY D 87 9.57 -50.97 -9.03
CA GLY D 87 10.25 -52.00 -9.80
C GLY D 87 9.94 -53.38 -9.24
N PHE D 88 10.86 -54.32 -9.47
CA PHE D 88 10.68 -55.68 -8.96
C PHE D 88 12.02 -56.35 -8.78
N LEU D 89 12.04 -57.33 -7.87
CA LEU D 89 13.16 -58.26 -7.71
C LEU D 89 12.74 -59.61 -8.28
N ALA D 90 13.49 -60.08 -9.28
CA ALA D 90 13.12 -61.27 -10.03
C ALA D 90 14.08 -62.42 -9.75
N LEU D 91 13.56 -63.64 -9.85
CA LEU D 91 14.36 -64.86 -9.83
C LEU D 91 14.23 -65.52 -11.19
N ASP D 92 15.35 -65.68 -11.88
CA ASP D 92 15.39 -66.25 -13.23
C ASP D 92 16.13 -67.57 -13.16
N ASN D 93 15.38 -68.68 -13.18
CA ASN D 93 15.98 -70.00 -13.13
C ASN D 93 16.59 -70.41 -14.46
N THR D 94 16.14 -69.82 -15.57
CA THR D 94 16.67 -70.20 -16.88
C THR D 94 18.05 -69.60 -17.13
N ASN D 95 18.28 -68.37 -16.68
CA ASN D 95 19.58 -67.72 -16.83
C ASN D 95 20.38 -67.72 -15.53
N LYS D 96 19.80 -68.21 -14.43
CA LYS D 96 20.47 -68.26 -13.14
C LYS D 96 20.84 -66.84 -12.69
N LEU D 97 19.80 -66.01 -12.55
CA LEU D 97 19.96 -64.61 -12.26
C LEU D 97 19.07 -64.19 -11.11
N ILE D 98 19.57 -63.27 -10.29
CA ILE D 98 18.77 -62.48 -9.37
C ILE D 98 18.81 -61.06 -9.89
N VAL D 99 17.69 -60.59 -10.44
CA VAL D 99 17.64 -59.33 -11.17
C VAL D 99 16.77 -58.34 -10.40
N LEU D 100 17.39 -57.27 -9.91
CA LEU D 100 16.65 -56.12 -9.38
C LEU D 100 16.51 -55.09 -10.48
N SER D 101 15.28 -54.78 -10.86
CA SER D 101 15.00 -53.90 -11.99
C SER D 101 14.20 -52.71 -11.49
N PHE D 102 14.77 -51.52 -11.62
CA PHE D 102 14.11 -50.29 -11.21
C PHE D 102 13.39 -49.66 -12.39
N ARG D 103 12.18 -49.18 -12.15
CA ARG D 103 11.43 -48.43 -13.16
C ARG D 103 11.98 -47.01 -13.27
N GLY D 104 11.94 -46.46 -14.48
CA GLY D 104 12.28 -45.08 -14.71
C GLY D 104 11.15 -44.15 -14.32
N SER D 105 11.18 -42.94 -14.89
CA SER D 105 10.23 -41.90 -14.49
C SER D 105 8.88 -42.10 -15.16
N ARG D 106 7.83 -42.01 -14.35
CA ARG D 106 6.47 -42.01 -14.88
C ARG D 106 5.56 -41.09 -14.07
N SER D 107 5.63 -41.22 -12.75
CA SER D 107 4.76 -40.46 -11.88
C SER D 107 5.30 -39.04 -11.68
N ILE D 108 4.41 -38.17 -11.21
CA ILE D 108 4.84 -36.81 -10.87
C ILE D 108 5.89 -36.86 -9.77
N GLU D 109 5.74 -37.77 -8.81
N GLU D 109 5.73 -37.77 -8.80
CA GLU D 109 6.70 -37.88 -7.73
CA GLU D 109 6.71 -37.86 -7.73
C GLU D 109 8.07 -38.34 -8.24
C GLU D 109 8.08 -38.32 -8.25
N ASN D 110 8.10 -39.20 -9.26
CA ASN D 110 9.36 -39.53 -9.90
C ASN D 110 10.05 -38.28 -10.42
N TRP D 111 9.27 -37.42 -11.08
CA TRP D 111 9.83 -36.26 -11.76
CA TRP D 111 9.85 -36.26 -11.77
C TRP D 111 10.33 -35.21 -10.77
N ILE D 112 9.58 -35.01 -9.67
CA ILE D 112 10.03 -34.06 -8.67
C ILE D 112 11.35 -34.53 -8.08
N GLY D 113 11.52 -35.85 -7.94
CA GLY D 113 12.80 -36.37 -7.48
C GLY D 113 13.93 -36.08 -8.46
N ASN D 114 13.65 -36.18 -9.76
CA ASN D 114 14.70 -35.98 -10.75
C ASN D 114 15.25 -34.56 -10.70
N LEU D 115 14.45 -33.60 -10.24
CA LEU D 115 14.85 -32.20 -10.22
C LEU D 115 15.57 -31.81 -8.94
N ASN D 116 15.60 -32.69 -7.95
CA ASN D 116 16.43 -32.50 -6.76
CA ASN D 116 16.42 -32.48 -6.77
C ASN D 116 17.88 -32.78 -7.15
N PHE D 117 18.42 -31.90 -8.01
CA PHE D 117 19.69 -32.14 -8.67
C PHE D 117 20.87 -31.45 -8.01
N ASP D 118 20.73 -31.00 -6.76
CA ASP D 118 21.92 -30.58 -6.04
C ASP D 118 22.65 -31.81 -5.50
N LEU D 119 23.93 -31.64 -5.23
CA LEU D 119 24.81 -32.76 -4.89
C LEU D 119 24.88 -32.95 -3.38
N LYS D 120 24.76 -34.20 -2.94
CA LYS D 120 24.76 -34.55 -1.54
C LYS D 120 25.92 -35.49 -1.26
N GLU D 121 26.55 -35.33 -0.10
CA GLU D 121 27.66 -36.19 0.29
C GLU D 121 27.21 -37.64 0.42
N ILE D 122 27.96 -38.54 -0.23
CA ILE D 122 27.73 -39.97 -0.06
C ILE D 122 29.06 -40.64 0.26
N ASN D 123 29.65 -40.27 1.41
CA ASN D 123 30.89 -40.91 1.85
C ASN D 123 30.69 -42.34 2.31
N ASP D 124 29.47 -42.71 2.71
CA ASP D 124 29.21 -44.11 3.04
C ASP D 124 29.34 -45.01 1.82
N ILE D 125 29.27 -44.46 0.62
CA ILE D 125 29.49 -45.24 -0.59
C ILE D 125 30.95 -45.14 -1.06
N CYS D 126 31.51 -43.93 -1.07
CA CYS D 126 32.92 -43.76 -1.38
C CYS D 126 33.38 -42.38 -0.96
N SER D 127 34.65 -42.29 -0.57
CA SER D 127 35.20 -41.07 0.01
C SER D 127 35.25 -39.94 -1.02
N GLY D 128 34.86 -38.74 -0.59
CA GLY D 128 34.83 -37.59 -1.46
C GLY D 128 33.70 -37.55 -2.46
N CYS D 129 32.96 -38.64 -2.59
CA CYS D 129 31.91 -38.72 -3.60
C CYS D 129 30.71 -37.88 -3.22
N ARG D 130 30.01 -37.39 -4.25
CA ARG D 130 28.75 -36.68 -4.07
C ARG D 130 27.79 -37.13 -5.18
N GLY D 131 26.52 -37.23 -4.83
CA GLY D 131 25.53 -37.76 -5.75
C GLY D 131 24.32 -36.86 -5.86
N HIS D 132 23.57 -37.06 -6.94
CA HIS D 132 22.26 -36.45 -7.12
C HIS D 132 21.41 -36.71 -5.89
N ASP D 133 20.93 -35.62 -5.28
CA ASP D 133 20.21 -35.74 -4.01
C ASP D 133 18.97 -36.62 -4.15
N GLY D 134 18.19 -36.39 -5.18
CA GLY D 134 17.00 -37.18 -5.42
C GLY D 134 17.28 -38.65 -5.51
N PHE D 135 18.18 -39.03 -6.42
CA PHE D 135 18.48 -40.45 -6.63
C PHE D 135 19.00 -41.08 -5.33
N THR D 136 19.95 -40.42 -4.67
CA THR D 136 20.56 -41.02 -3.48
C THR D 136 19.57 -41.10 -2.33
N SER D 137 18.72 -40.08 -2.18
CA SER D 137 17.69 -40.13 -1.15
C SER D 137 16.69 -41.25 -1.43
N SER D 138 16.31 -41.41 -2.70
CA SER D 138 15.41 -42.50 -3.07
C SER D 138 16.02 -43.85 -2.72
N TRP D 139 17.29 -44.03 -3.08
CA TRP D 139 17.93 -45.32 -2.79
C TRP D 139 18.07 -45.53 -1.28
N ARG D 140 18.48 -44.50 -0.55
CA ARG D 140 18.61 -44.63 0.90
C ARG D 140 17.30 -45.09 1.53
N SER D 141 16.18 -44.48 1.11
CA SER D 141 14.89 -44.73 1.72
C SER D 141 14.38 -46.14 1.49
N VAL D 142 15.03 -46.92 0.62
CA VAL D 142 14.64 -48.31 0.38
C VAL D 142 15.80 -49.27 0.48
N ALA D 143 17.00 -48.79 0.83
CA ALA D 143 18.19 -49.63 0.77
C ALA D 143 18.08 -50.84 1.68
N ASP D 144 17.77 -50.61 2.95
CA ASP D 144 17.71 -51.71 3.92
C ASP D 144 16.76 -52.81 3.45
N THR D 145 15.53 -52.43 3.10
CA THR D 145 14.55 -53.42 2.67
C THR D 145 15.06 -54.22 1.48
N LEU D 146 15.60 -53.54 0.47
CA LEU D 146 15.98 -54.23 -0.76
C LEU D 146 17.30 -55.00 -0.61
N ARG D 147 18.24 -54.50 0.20
CA ARG D 147 19.42 -55.30 0.51
C ARG D 147 19.02 -56.60 1.19
N GLN D 148 18.10 -56.53 2.15
CA GLN D 148 17.55 -57.72 2.77
C GLN D 148 17.05 -58.72 1.73
N LYS D 149 16.21 -58.25 0.80
CA LYS D 149 15.59 -59.13 -0.17
C LYS D 149 16.63 -59.73 -1.11
N VAL D 150 17.61 -58.94 -1.52
CA VAL D 150 18.64 -59.45 -2.42
C VAL D 150 19.49 -60.50 -1.72
N GLU D 151 19.87 -60.24 -0.46
CA GLU D 151 20.78 -61.15 0.23
C GLU D 151 20.07 -62.43 0.68
N ASP D 152 18.77 -62.37 0.93
CA ASP D 152 18.01 -63.59 1.13
C ASP D 152 18.03 -64.44 -0.14
N ALA D 153 17.89 -63.81 -1.30
CA ALA D 153 17.88 -64.57 -2.55
C ALA D 153 19.27 -65.09 -2.89
N VAL D 154 20.32 -64.39 -2.47
CA VAL D 154 21.68 -64.90 -2.68
C VAL D 154 21.92 -66.12 -1.81
N ARG D 155 21.43 -66.08 -0.57
CA ARG D 155 21.58 -67.22 0.33
C ARG D 155 20.83 -68.45 -0.21
N GLU D 156 19.66 -68.22 -0.82
CA GLU D 156 18.90 -69.34 -1.36
C GLU D 156 19.52 -69.87 -2.65
N HIS D 157 20.16 -69.02 -3.44
CA HIS D 157 20.72 -69.40 -4.75
C HIS D 157 22.11 -68.80 -4.89
N PRO D 158 23.07 -69.30 -4.12
CA PRO D 158 24.43 -68.72 -4.15
C PRO D 158 25.13 -68.88 -5.49
N ASP D 159 24.63 -69.74 -6.39
CA ASP D 159 25.23 -69.90 -7.70
C ASP D 159 24.62 -68.98 -8.75
N TYR D 160 23.68 -68.12 -8.36
CA TYR D 160 23.05 -67.19 -9.30
C TYR D 160 23.81 -65.87 -9.33
N ARG D 161 23.78 -65.23 -10.50
CA ARG D 161 24.43 -63.94 -10.72
C ARG D 161 23.48 -62.81 -10.34
N VAL D 162 23.98 -61.85 -9.57
CA VAL D 162 23.19 -60.71 -9.14
C VAL D 162 23.38 -59.57 -10.13
N VAL D 163 22.29 -59.09 -10.71
CA VAL D 163 22.31 -58.01 -11.68
C VAL D 163 21.30 -56.95 -11.25
N PHE D 164 21.72 -55.69 -11.28
CA PHE D 164 20.84 -54.55 -11.10
C PHE D 164 20.68 -53.86 -12.45
N THR D 165 19.46 -53.48 -12.82
CA THR D 165 19.26 -52.85 -14.10
C THR D 165 18.14 -51.81 -14.02
N GLY D 166 18.08 -50.97 -15.04
CA GLY D 166 17.06 -49.94 -15.11
C GLY D 166 17.27 -49.06 -16.31
N HIS D 167 16.20 -48.38 -16.71
CA HIS D 167 16.19 -47.42 -17.80
C HIS D 167 15.93 -46.03 -17.25
N SER D 168 16.71 -45.06 -17.71
CA SER D 168 16.50 -43.65 -17.36
C SER D 168 16.68 -43.52 -15.85
N LEU D 169 15.71 -42.95 -15.13
CA LEU D 169 15.83 -42.87 -13.67
C LEU D 169 16.14 -44.23 -13.06
N GLY D 170 15.61 -45.30 -13.64
CA GLY D 170 15.86 -46.62 -13.10
C GLY D 170 17.31 -47.03 -13.20
N GLY D 171 17.96 -46.69 -14.32
CA GLY D 171 19.39 -46.98 -14.46
C GLY D 171 20.24 -46.18 -13.49
N ALA D 172 19.79 -44.97 -13.14
CA ALA D 172 20.47 -44.20 -12.10
C ALA D 172 20.35 -44.90 -10.75
N LEU D 173 19.15 -45.37 -10.42
CA LEU D 173 18.96 -46.05 -9.14
C LEU D 173 19.74 -47.36 -9.11
N ALA D 174 19.75 -48.11 -10.21
CA ALA D 174 20.53 -49.34 -10.26
C ALA D 174 22.01 -49.05 -10.04
N THR D 175 22.52 -47.95 -10.60
CA THR D 175 23.93 -47.63 -10.48
C THR D 175 24.28 -47.28 -9.03
N VAL D 176 23.47 -46.43 -8.40
CA VAL D 176 23.73 -46.06 -7.00
C VAL D 176 23.61 -47.28 -6.10
N ALA D 177 22.56 -48.09 -6.31
CA ALA D 177 22.36 -49.27 -5.47
C ALA D 177 23.51 -50.26 -5.60
N GLY D 178 24.01 -50.45 -6.83
CA GLY D 178 25.13 -51.36 -7.01
C GLY D 178 26.38 -50.87 -6.33
N ALA D 179 26.68 -49.58 -6.45
CA ALA D 179 27.85 -49.03 -5.79
C ALA D 179 27.75 -49.16 -4.27
N ASP D 180 26.54 -49.17 -3.73
CA ASP D 180 26.37 -49.21 -2.28
C ASP D 180 26.39 -50.63 -1.74
N LEU D 181 25.93 -51.61 -2.52
CA LEU D 181 25.78 -52.97 -2.01
C LEU D 181 26.88 -53.92 -2.46
N ARG D 182 27.80 -53.47 -3.31
CA ARG D 182 28.93 -54.32 -3.69
C ARG D 182 29.85 -54.53 -2.49
N GLY D 183 30.63 -55.61 -2.56
CA GLY D 183 31.63 -55.89 -1.55
C GLY D 183 31.15 -56.66 -0.34
N ASN D 184 30.00 -57.32 -0.42
CA ASN D 184 29.44 -58.05 0.71
C ASN D 184 29.37 -59.55 0.44
N GLY D 185 30.27 -60.07 -0.40
CA GLY D 185 30.38 -61.48 -0.66
C GLY D 185 29.88 -61.93 -2.01
N TYR D 186 29.21 -61.07 -2.78
CA TYR D 186 28.65 -61.44 -4.06
C TYR D 186 28.80 -60.29 -5.04
N ASP D 187 29.23 -60.61 -6.26
CA ASP D 187 29.35 -59.60 -7.31
C ASP D 187 27.99 -59.04 -7.68
N ILE D 188 27.97 -57.77 -8.06
CA ILE D 188 26.77 -57.12 -8.58
C ILE D 188 27.15 -56.43 -9.88
N ASP D 189 26.68 -56.97 -10.99
CA ASP D 189 26.79 -56.25 -12.26
C ASP D 189 25.62 -55.28 -12.38
N VAL D 190 25.82 -54.22 -13.15
CA VAL D 190 24.81 -53.22 -13.39
C VAL D 190 24.74 -52.93 -14.88
N PHE D 191 23.52 -52.94 -15.42
CA PHE D 191 23.24 -52.55 -16.79
C PHE D 191 22.28 -51.37 -16.75
N SER D 192 22.75 -50.20 -17.20
CA SER D 192 21.91 -49.01 -17.20
C SER D 192 21.69 -48.56 -18.64
N TYR D 193 20.47 -48.09 -18.92
CA TYR D 193 20.05 -47.73 -20.27
C TYR D 193 19.55 -46.29 -20.23
N GLY D 194 20.19 -45.43 -21.02
CA GLY D 194 19.81 -44.02 -21.03
C GLY D 194 19.87 -43.37 -19.66
N ALA D 195 20.84 -43.75 -18.84
CA ALA D 195 20.88 -43.27 -17.47
C ALA D 195 21.50 -41.87 -17.41
N PRO D 196 21.02 -41.01 -16.51
CA PRO D 196 21.64 -39.70 -16.34
C PRO D 196 22.92 -39.78 -15.52
N ARG D 197 23.70 -38.71 -15.58
CA ARG D 197 24.82 -38.57 -14.66
C ARG D 197 24.30 -38.61 -13.23
N VAL D 198 25.00 -39.37 -12.37
CA VAL D 198 24.52 -39.61 -11.01
C VAL D 198 25.33 -38.88 -9.95
N GLY D 199 26.49 -38.34 -10.28
CA GLY D 199 27.26 -37.65 -9.29
C GLY D 199 28.42 -36.86 -9.84
N ASN D 200 29.33 -36.50 -8.95
CA ASN D 200 30.49 -35.68 -9.28
C ASN D 200 31.59 -36.56 -9.87
N ARG D 201 32.74 -35.94 -10.15
CA ARG D 201 33.85 -36.68 -10.76
C ARG D 201 34.35 -37.79 -9.85
N ALA D 202 34.40 -37.54 -8.53
CA ALA D 202 34.87 -38.57 -7.61
C ALA D 202 33.98 -39.81 -7.69
N PHE D 203 32.66 -39.62 -7.66
CA PHE D 203 31.75 -40.74 -7.84
C PHE D 203 31.97 -41.42 -9.18
N ALA D 204 32.07 -40.63 -10.25
CA ALA D 204 32.29 -41.20 -11.58
C ALA D 204 33.54 -42.07 -11.61
N GLU D 205 34.63 -41.60 -10.98
CA GLU D 205 35.86 -42.39 -10.96
C GLU D 205 35.69 -43.65 -10.13
N PHE D 206 34.96 -43.56 -9.01
CA PHE D 206 34.70 -44.76 -8.21
C PHE D 206 33.89 -45.78 -9.01
N LEU D 207 32.85 -45.33 -9.71
CA LEU D 207 32.07 -46.24 -10.53
C LEU D 207 32.91 -46.85 -11.66
N THR D 208 34.04 -46.22 -12.00
CA THR D 208 34.88 -46.72 -13.07
C THR D 208 35.85 -47.81 -12.59
N VAL D 209 36.27 -47.76 -11.33
CA VAL D 209 37.31 -48.64 -10.82
C VAL D 209 36.83 -49.59 -9.74
N GLN D 210 35.59 -49.46 -9.28
CA GLN D 210 35.10 -50.33 -8.21
C GLN D 210 35.18 -51.79 -8.61
N THR D 211 35.60 -52.62 -7.67
CA THR D 211 35.65 -54.06 -7.87
C THR D 211 34.36 -54.72 -7.38
N GLY D 212 34.23 -56.01 -7.66
CA GLY D 212 33.07 -56.75 -7.21
C GLY D 212 31.87 -56.63 -8.10
N GLY D 213 32.07 -56.41 -9.39
CA GLY D 213 31.00 -56.23 -10.34
C GLY D 213 31.39 -55.25 -11.41
N THR D 214 30.68 -55.32 -12.54
CA THR D 214 30.92 -54.47 -13.70
C THR D 214 29.71 -53.59 -13.94
N LEU D 215 29.95 -52.34 -14.31
CA LEU D 215 28.90 -51.42 -14.75
C LEU D 215 28.94 -51.34 -16.27
N TYR D 216 27.83 -51.68 -16.91
CA TYR D 216 27.66 -51.52 -18.35
C TYR D 216 26.73 -50.33 -18.56
N ARG D 217 27.31 -49.19 -18.93
CA ARG D 217 26.55 -47.94 -19.08
C ARG D 217 26.26 -47.74 -20.56
N ILE D 218 25.01 -47.93 -20.94
CA ILE D 218 24.61 -48.00 -22.34
C ILE D 218 23.85 -46.73 -22.71
N THR D 219 24.20 -46.17 -23.85
CA THR D 219 23.60 -44.94 -24.36
C THR D 219 23.22 -45.16 -25.81
N HIS D 220 22.30 -44.34 -26.30
CA HIS D 220 21.76 -44.47 -27.65
C HIS D 220 21.87 -43.14 -28.37
N THR D 221 22.53 -43.15 -29.53
CA THR D 221 22.68 -41.97 -30.40
C THR D 221 22.75 -40.68 -29.59
N ASN D 222 21.84 -39.75 -29.83
CA ASN D 222 21.88 -38.44 -29.18
C ASN D 222 20.77 -38.28 -28.13
N ASP D 223 20.39 -39.38 -27.49
CA ASP D 223 19.51 -39.34 -26.31
C ASP D 223 19.93 -38.20 -25.38
N ILE D 224 18.94 -37.41 -24.96
CA ILE D 224 19.26 -36.21 -24.18
C ILE D 224 19.60 -36.56 -22.74
N VAL D 225 19.03 -37.64 -22.20
CA VAL D 225 19.04 -37.89 -20.77
C VAL D 225 20.45 -38.15 -20.26
N PRO D 226 21.29 -38.93 -20.94
CA PRO D 226 22.68 -39.09 -20.47
C PRO D 226 23.49 -37.80 -20.50
N ARG D 227 22.96 -36.72 -21.05
CA ARG D 227 23.61 -35.42 -21.01
C ARG D 227 23.13 -34.56 -19.85
N LEU D 228 22.34 -35.14 -18.94
CA LEU D 228 21.80 -34.46 -17.79
C LEU D 228 22.23 -35.15 -16.50
N PRO D 229 22.38 -34.39 -15.40
CA PRO D 229 22.42 -32.93 -15.39
C PRO D 229 23.68 -32.47 -16.12
N PRO D 230 23.71 -31.23 -16.58
CA PRO D 230 24.88 -30.77 -17.34
C PRO D 230 26.17 -30.81 -16.51
N ARG D 231 27.29 -30.91 -17.22
CA ARG D 231 28.59 -30.90 -16.59
C ARG D 231 28.79 -29.65 -15.72
N GLU D 232 28.21 -28.52 -16.14
CA GLU D 232 28.45 -27.26 -15.44
CA GLU D 232 28.46 -27.27 -15.44
C GLU D 232 27.90 -27.27 -14.02
N PHE D 233 27.01 -28.20 -13.69
CA PHE D 233 26.52 -28.33 -12.33
C PHE D 233 27.41 -29.20 -11.46
N GLY D 234 28.51 -29.71 -12.02
CA GLY D 234 29.43 -30.55 -11.28
C GLY D 234 29.28 -32.04 -11.50
N TYR D 235 28.65 -32.46 -12.59
CA TYR D 235 28.31 -33.87 -12.82
C TYR D 235 29.24 -34.49 -13.84
N SER D 236 29.67 -35.71 -13.57
CA SER D 236 30.55 -36.47 -14.44
C SER D 236 29.99 -37.85 -14.71
N HIS D 237 30.40 -38.41 -15.84
CA HIS D 237 30.02 -39.76 -16.23
C HIS D 237 31.15 -40.75 -15.94
N SER D 238 30.75 -41.97 -15.58
CA SER D 238 31.71 -43.05 -15.40
C SER D 238 32.16 -43.59 -16.76
N SER D 239 33.26 -44.32 -16.75
CA SER D 239 33.80 -44.98 -17.93
C SER D 239 33.76 -46.49 -17.73
N PRO D 240 33.53 -47.27 -18.81
CA PRO D 240 33.31 -46.83 -20.18
C PRO D 240 31.85 -46.58 -20.53
N GLU D 241 31.62 -46.26 -21.80
CA GLU D 241 30.30 -46.00 -22.35
C GLU D 241 30.07 -46.96 -23.52
N TYR D 242 28.92 -47.62 -23.54
CA TYR D 242 28.53 -48.48 -24.64
C TYR D 242 27.49 -47.75 -25.47
N TRP D 243 27.90 -47.26 -26.63
CA TRP D 243 27.12 -46.34 -27.43
C TRP D 243 26.47 -47.08 -28.59
N ILE D 244 25.14 -47.03 -28.65
CA ILE D 244 24.38 -47.59 -29.76
C ILE D 244 24.26 -46.53 -30.84
N LYS D 245 24.79 -46.82 -32.03
CA LYS D 245 24.76 -45.88 -33.14
C LYS D 245 23.58 -46.09 -34.09
N SER D 246 22.93 -47.26 -34.03
CA SER D 246 21.74 -47.47 -34.85
C SER D 246 20.62 -46.54 -34.39
N GLY D 247 19.74 -46.21 -35.34
CA GLY D 247 18.75 -45.18 -35.14
C GLY D 247 17.53 -45.65 -34.35
N THR D 248 16.65 -44.69 -34.08
CA THR D 248 15.41 -44.99 -33.39
C THR D 248 14.54 -45.90 -34.23
N LEU D 249 13.86 -46.84 -33.57
CA LEU D 249 13.04 -47.86 -34.20
C LEU D 249 13.86 -48.78 -35.12
N VAL D 250 15.17 -48.71 -35.06
CA VAL D 250 16.05 -49.55 -35.88
C VAL D 250 16.56 -50.70 -35.02
N PRO D 251 16.46 -51.95 -35.48
CA PRO D 251 17.02 -53.06 -34.69
C PRO D 251 18.52 -52.92 -34.52
N VAL D 252 18.99 -53.28 -33.33
CA VAL D 252 20.40 -53.19 -32.97
C VAL D 252 21.06 -54.53 -33.24
N THR D 253 22.25 -54.49 -33.86
CA THR D 253 23.11 -55.66 -33.98
C THR D 253 24.41 -55.39 -33.23
N ARG D 254 25.11 -56.47 -32.88
CA ARG D 254 26.35 -56.34 -32.13
C ARG D 254 27.37 -55.44 -32.85
N ASN D 255 27.18 -55.20 -34.15
CA ASN D 255 28.06 -54.31 -34.89
C ASN D 255 27.75 -52.84 -34.64
N ASP D 256 26.58 -52.53 -34.09
CA ASP D 256 26.12 -51.16 -33.92
C ASP D 256 26.52 -50.55 -32.59
N ILE D 257 27.27 -51.27 -31.77
CA ILE D 257 27.63 -50.82 -30.42
C ILE D 257 29.13 -50.64 -30.36
N VAL D 258 29.57 -49.47 -29.88
CA VAL D 258 30.98 -49.17 -29.72
C VAL D 258 31.24 -48.81 -28.27
N LYS D 259 32.40 -49.22 -27.77
CA LYS D 259 32.83 -48.95 -26.40
C LYS D 259 33.69 -47.70 -26.40
N ILE D 260 33.44 -46.79 -25.46
CA ILE D 260 34.13 -45.51 -25.40
C ILE D 260 34.70 -45.34 -24.00
N GLU D 261 36.01 -45.11 -23.94
CA GLU D 261 36.76 -45.06 -22.69
C GLU D 261 37.10 -43.63 -22.31
N GLY D 262 37.12 -43.37 -21.01
CA GLY D 262 37.57 -42.07 -20.51
C GLY D 262 36.49 -41.42 -19.69
N ILE D 263 36.88 -40.90 -18.52
CA ILE D 263 35.97 -40.08 -17.72
C ILE D 263 35.51 -38.90 -18.57
N ASP D 264 34.19 -38.70 -18.63
CA ASP D 264 33.59 -37.62 -19.42
C ASP D 264 34.10 -37.63 -20.85
N ALA D 265 34.27 -38.83 -21.40
CA ALA D 265 34.70 -38.95 -22.80
C ALA D 265 33.65 -38.37 -23.73
N THR D 266 34.11 -37.80 -24.83
CA THR D 266 33.25 -37.31 -25.90
C THR D 266 33.37 -38.25 -27.09
N GLY D 267 32.45 -38.08 -28.05
CA GLY D 267 32.44 -38.90 -29.24
C GLY D 267 31.43 -40.02 -29.22
N GLY D 268 30.76 -40.26 -28.09
CA GLY D 268 29.66 -41.20 -28.04
C GLY D 268 28.35 -40.46 -27.97
N ASN D 269 27.62 -40.62 -26.88
CA ASN D 269 26.43 -39.81 -26.65
C ASN D 269 26.79 -38.38 -26.29
N ASN D 270 27.96 -38.18 -25.67
CA ASN D 270 28.34 -36.87 -25.16
C ASN D 270 29.06 -36.08 -26.24
N GLN D 271 28.26 -35.61 -27.19
CA GLN D 271 28.74 -34.77 -28.27
C GLN D 271 28.01 -33.43 -28.26
N PRO D 272 28.62 -32.38 -28.79
CA PRO D 272 27.99 -31.05 -28.80
C PRO D 272 27.06 -30.83 -29.99
N ASN D 273 26.12 -31.75 -30.18
CA ASN D 273 25.12 -31.65 -31.24
C ASN D 273 23.73 -31.54 -30.59
N ILE D 274 22.70 -31.58 -31.42
CA ILE D 274 21.34 -31.43 -30.92
C ILE D 274 20.88 -32.73 -30.29
N PRO D 275 20.30 -32.71 -29.11
CA PRO D 275 19.80 -33.93 -28.47
C PRO D 275 18.43 -34.31 -29.02
N ASP D 276 17.95 -35.47 -28.58
CA ASP D 276 16.74 -36.06 -29.12
C ASP D 276 16.01 -36.82 -28.02
N ILE D 277 14.70 -36.65 -27.98
CA ILE D 277 13.89 -37.28 -26.93
C ILE D 277 13.43 -38.66 -27.38
N PRO D 278 12.89 -38.83 -28.59
CA PRO D 278 12.51 -40.19 -29.03
C PRO D 278 13.65 -41.18 -28.95
N ALA D 279 14.90 -40.73 -29.13
CA ALA D 279 16.04 -41.62 -29.00
C ALA D 279 16.15 -42.19 -27.60
N HIS D 280 15.61 -41.49 -26.60
CA HIS D 280 15.63 -41.98 -25.23
C HIS D 280 14.78 -43.23 -25.05
N LEU D 281 13.85 -43.51 -25.96
CA LEU D 281 12.87 -44.57 -25.78
C LEU D 281 13.17 -45.80 -26.62
N TRP D 282 14.30 -45.84 -27.32
CA TRP D 282 14.64 -46.96 -28.18
C TRP D 282 16.00 -47.52 -27.79
N TYR D 283 15.98 -48.52 -26.90
CA TYR D 283 17.16 -49.24 -26.47
C TYR D 283 16.89 -50.71 -26.76
N PHE D 284 17.24 -51.14 -27.99
CA PHE D 284 16.96 -52.48 -28.50
C PHE D 284 15.48 -52.65 -28.83
N GLY D 285 14.62 -52.00 -28.06
CA GLY D 285 13.20 -51.94 -28.36
C GLY D 285 12.60 -50.74 -27.66
N LEU D 286 11.28 -50.63 -27.74
CA LEU D 286 10.61 -49.56 -27.00
C LEU D 286 10.71 -49.83 -25.51
N ILE D 287 11.13 -48.81 -24.77
CA ILE D 287 11.33 -48.91 -23.33
C ILE D 287 10.72 -47.65 -22.72
N GLY D 288 10.09 -47.82 -21.56
CA GLY D 288 9.37 -46.73 -20.93
C GLY D 288 7.91 -46.63 -21.28
N THR D 289 7.41 -47.47 -22.19
CA THR D 289 6.07 -47.32 -22.73
C THR D 289 5.09 -48.38 -22.26
N CYS D 290 5.54 -49.44 -21.60
CA CYS D 290 4.62 -50.46 -21.13
C CYS D 290 3.63 -49.86 -20.13
N LEU D 291 2.35 -50.02 -20.39
CA LEU D 291 1.32 -49.54 -19.48
C LEU D 291 1.18 -50.48 -18.29
N GLU E 23 -22.25 59.07 35.86
CA GLU E 23 -21.95 60.33 35.13
C GLU E 23 -20.58 60.89 35.53
N VAL E 24 -19.89 61.49 34.55
CA VAL E 24 -18.65 62.21 34.78
C VAL E 24 -18.79 63.61 34.18
N SER E 25 -17.86 64.48 34.55
CA SER E 25 -17.83 65.82 33.99
C SER E 25 -17.45 65.79 32.52
N GLN E 26 -17.87 66.82 31.79
CA GLN E 26 -17.51 66.90 30.37
C GLN E 26 -15.99 67.03 30.19
N ASP E 27 -15.32 67.70 31.13
CA ASP E 27 -13.87 67.82 31.04
C ASP E 27 -13.20 66.46 31.13
N LEU E 28 -13.65 65.63 32.07
CA LEU E 28 -13.04 64.30 32.22
C LEU E 28 -13.42 63.40 31.05
N PHE E 29 -14.66 63.53 30.56
CA PHE E 29 -15.07 62.78 29.37
C PHE E 29 -14.17 63.11 28.19
N ASN E 30 -13.76 64.38 28.06
CA ASN E 30 -12.91 64.77 26.95
C ASN E 30 -11.53 64.15 27.07
N GLN E 31 -11.00 64.08 28.29
CA GLN E 31 -9.73 63.39 28.50
C GLN E 31 -9.88 61.89 28.22
N PHE E 32 -10.94 61.28 28.75
CA PHE E 32 -11.14 59.85 28.50
C PHE E 32 -11.17 59.55 27.01
N ASN E 33 -11.81 60.42 26.22
CA ASN E 33 -11.88 60.17 24.78
C ASN E 33 -10.54 60.43 24.11
N LEU E 34 -9.83 61.47 24.53
CA LEU E 34 -8.54 61.80 23.90
C LEU E 34 -7.55 60.65 24.07
N PHE E 35 -7.39 60.16 25.28
CA PHE E 35 -6.36 59.16 25.55
C PHE E 35 -6.78 57.77 25.10
N ALA E 36 -8.08 57.53 24.94
CA ALA E 36 -8.51 56.33 24.22
C ALA E 36 -7.99 56.34 22.79
N GLN E 37 -7.86 57.52 22.18
CA GLN E 37 -7.35 57.61 20.82
C GLN E 37 -5.83 57.58 20.78
N TYR E 38 -5.17 58.10 21.81
CA TYR E 38 -3.73 57.88 21.94
C TYR E 38 -3.42 56.40 22.10
N SER E 39 -4.25 55.69 22.86
CA SER E 39 -4.05 54.24 23.03
C SER E 39 -4.31 53.50 21.73
N ALA E 40 -5.31 53.95 20.95
CA ALA E 40 -5.56 53.31 19.67
C ALA E 40 -4.43 53.57 18.68
N ALA E 41 -3.82 54.76 18.76
CA ALA E 41 -2.77 55.11 17.81
C ALA E 41 -1.55 54.21 17.95
N ALA E 42 -1.32 53.68 19.15
CA ALA E 42 -0.16 52.84 19.40
C ALA E 42 -0.21 51.52 18.64
N TYR E 43 -1.40 51.08 18.23
CA TYR E 43 -1.49 49.85 17.46
C TYR E 43 -1.08 50.05 16.00
N CYS E 44 -1.19 51.25 15.45
CA CYS E 44 -0.87 51.48 14.05
C CYS E 44 0.62 51.25 13.82
N GLY E 45 0.94 50.26 12.98
CA GLY E 45 2.33 49.89 12.77
C GLY E 45 3.22 51.06 12.40
N LYS E 46 2.69 52.02 11.66
CA LYS E 46 3.49 53.17 11.24
C LYS E 46 3.88 54.05 12.43
N ASN E 47 3.19 53.91 13.56
CA ASN E 47 3.48 54.71 14.75
C ASN E 47 4.45 54.03 15.69
N ASN E 48 5.06 52.92 15.27
CA ASN E 48 6.01 52.18 16.11
C ASN E 48 7.43 52.25 15.59
N ASP E 49 7.67 52.79 14.39
CA ASP E 49 9.02 52.93 13.85
C ASP E 49 9.16 54.24 13.10
N ALA E 50 8.50 55.29 13.57
CA ALA E 50 8.48 56.57 12.87
C ALA E 50 9.68 57.42 13.22
N PRO E 51 10.10 58.31 12.32
CA PRO E 51 11.20 59.23 12.63
C PRO E 51 10.76 60.26 13.65
N ALA E 52 11.67 60.58 14.58
CA ALA E 52 11.38 61.59 15.58
C ALA E 52 10.97 62.89 14.92
N GLY E 53 10.04 63.60 15.55
CA GLY E 53 9.60 64.89 15.07
C GLY E 53 8.49 64.86 14.03
N THR E 54 8.14 63.69 13.50
CA THR E 54 7.08 63.63 12.51
C THR E 54 5.72 63.63 13.18
N ASN E 55 4.69 63.96 12.39
CA ASN E 55 3.34 64.02 12.91
C ASN E 55 2.81 62.63 13.25
N ILE E 56 1.98 62.55 14.27
CA ILE E 56 1.27 61.33 14.62
C ILE E 56 -0.03 61.29 13.83
N THR E 57 -0.24 60.21 13.09
CA THR E 57 -1.48 60.00 12.35
C THR E 57 -1.91 58.55 12.51
N CYS E 58 -3.17 58.28 12.18
CA CYS E 58 -3.71 56.93 12.22
C CYS E 58 -4.40 56.64 10.89
N THR E 59 -4.86 55.40 10.75
CA THR E 59 -5.61 54.96 9.59
C THR E 59 -7.09 55.05 9.91
N GLY E 60 -7.89 55.45 8.91
CA GLY E 60 -9.29 55.66 9.16
C GLY E 60 -9.50 56.76 10.18
N ASN E 61 -10.56 56.61 10.97
CA ASN E 61 -10.89 57.54 12.04
C ASN E 61 -10.45 57.02 13.40
N ALA E 62 -9.30 56.35 13.45
CA ALA E 62 -8.87 55.71 14.69
C ALA E 62 -8.48 56.75 15.74
N CYS E 63 -7.86 57.86 15.33
CA CYS E 63 -7.42 58.87 16.28
C CYS E 63 -7.54 60.29 15.74
N PRO E 64 -8.74 60.73 15.37
CA PRO E 64 -8.87 62.08 14.78
C PRO E 64 -8.52 63.21 15.74
N GLU E 65 -8.77 63.05 17.04
CA GLU E 65 -8.40 64.10 17.98
C GLU E 65 -6.89 64.23 18.12
N VAL E 66 -6.17 63.11 18.02
CA VAL E 66 -4.71 63.17 18.05
C VAL E 66 -4.19 63.86 16.79
N GLU E 67 -4.78 63.51 15.63
CA GLU E 67 -4.35 64.12 14.38
C GLU E 67 -4.63 65.63 14.37
N LYS E 68 -5.74 66.05 14.97
CA LYS E 68 -6.06 67.47 15.01
C LYS E 68 -5.05 68.25 15.83
N ALA E 69 -4.46 67.61 16.84
CA ALA E 69 -3.47 68.28 17.67
C ALA E 69 -2.15 68.39 16.93
N ASP E 70 -1.32 69.33 17.40
CA ASP E 70 0.07 69.43 16.97
C ASP E 70 0.87 68.45 17.82
N ALA E 71 0.81 67.18 17.43
CA ALA E 71 1.41 66.09 18.19
C ALA E 71 2.47 65.40 17.33
N THR E 72 3.67 65.23 17.90
CA THR E 72 4.80 64.70 17.16
C THR E 72 5.52 63.64 17.99
N PHE E 73 6.31 62.82 17.32
CA PHE E 73 7.00 61.71 17.94
C PHE E 73 8.27 62.21 18.63
N LEU E 74 8.39 61.94 19.93
CA LEU E 74 9.68 62.04 20.60
C LEU E 74 10.46 60.74 20.48
N TYR E 75 9.77 59.61 20.53
CA TYR E 75 10.41 58.29 20.49
C TYR E 75 9.37 57.27 20.07
N SER E 76 9.61 56.57 18.97
CA SER E 76 8.74 55.52 18.45
C SER E 76 9.50 54.21 18.54
N PHE E 77 8.92 53.20 19.19
CA PHE E 77 9.65 51.98 19.48
C PHE E 77 8.80 50.73 19.24
N GLU E 78 9.48 49.66 18.85
CA GLU E 78 8.86 48.36 18.62
C GLU E 78 9.88 47.28 18.90
N ASP E 79 9.38 46.08 19.19
CA ASP E 79 10.23 44.92 19.44
C ASP E 79 11.25 45.19 20.54
N SER E 80 10.85 45.99 21.53
CA SER E 80 11.75 46.43 22.58
C SER E 80 11.72 45.48 23.76
N GLY E 81 12.85 45.42 24.48
CA GLY E 81 12.95 44.66 25.70
C GLY E 81 12.44 43.25 25.52
N VAL E 82 11.86 42.71 26.59
CA VAL E 82 11.25 41.38 26.59
C VAL E 82 9.74 41.55 26.47
N GLY E 83 9.11 40.68 25.69
CA GLY E 83 7.69 40.73 25.49
C GLY E 83 7.22 41.63 24.37
N ASP E 84 8.13 42.15 23.54
CA ASP E 84 7.76 42.94 22.38
C ASP E 84 7.05 44.23 22.80
N VAL E 85 7.75 45.03 23.61
CA VAL E 85 7.19 46.29 24.07
C VAL E 85 7.17 47.27 22.92
N THR E 86 6.01 47.89 22.69
CA THR E 86 5.74 48.62 21.46
C THR E 86 4.86 49.81 21.78
N GLY E 87 5.18 50.95 21.20
CA GLY E 87 4.40 52.16 21.43
C GLY E 87 5.14 53.39 20.95
N PHE E 88 4.87 54.52 21.60
CA PHE E 88 5.52 55.77 21.24
C PHE E 88 5.41 56.76 22.40
N LEU E 89 6.38 57.67 22.45
CA LEU E 89 6.37 58.83 23.35
C LEU E 89 6.08 60.05 22.49
N ALA E 90 5.03 60.78 22.83
CA ALA E 90 4.52 61.86 22.00
C ALA E 90 4.58 63.19 22.73
N LEU E 91 4.84 64.26 21.98
CA LEU E 91 4.81 65.62 22.48
C LEU E 91 3.61 66.34 21.86
N ASP E 92 2.66 66.72 22.69
CA ASP E 92 1.42 67.35 22.24
C ASP E 92 1.46 68.82 22.65
N ASN E 93 1.77 69.69 21.68
CA ASN E 93 1.82 71.12 21.95
C ASN E 93 0.43 71.75 22.04
N THR E 94 -0.59 71.12 21.44
CA THR E 94 -1.93 71.68 21.50
C THR E 94 -2.54 71.51 22.89
N ASN E 95 -2.48 70.30 23.43
CA ASN E 95 -3.01 70.02 24.76
C ASN E 95 -1.95 70.13 25.86
N LYS E 96 -0.70 70.43 25.49
CA LYS E 96 0.40 70.56 26.44
C LYS E 96 0.58 69.26 27.24
N LEU E 97 0.93 68.20 26.51
CA LEU E 97 1.05 66.88 27.09
C LEU E 97 2.36 66.22 26.65
N ILE E 98 2.87 65.35 27.51
CA ILE E 98 3.92 64.39 27.19
C ILE E 98 3.28 63.02 27.39
N VAL E 99 2.94 62.34 26.30
CA VAL E 99 2.13 61.13 26.34
C VAL E 99 3.00 59.94 26.01
N LEU E 100 3.08 58.99 26.95
CA LEU E 100 3.67 57.68 26.72
C LEU E 100 2.53 56.69 26.53
N SER E 101 2.43 56.13 25.33
CA SER E 101 1.33 55.23 24.95
C SER E 101 1.89 53.85 24.62
N PHE E 102 1.44 52.84 25.35
CA PHE E 102 1.86 51.47 25.11
C PHE E 102 0.83 50.77 24.23
N ARG E 103 1.31 50.05 23.21
CA ARG E 103 0.44 49.18 22.43
C ARG E 103 0.00 47.98 23.27
N GLY E 104 -1.19 47.48 22.98
CA GLY E 104 -1.69 46.25 23.58
C GLY E 104 -1.19 45.04 22.82
N SER E 105 -1.87 43.92 23.05
CA SER E 105 -1.42 42.65 22.49
C SER E 105 -1.66 42.62 21.00
N ARG E 106 -0.65 42.17 20.26
CA ARG E 106 -0.82 41.89 18.84
C ARG E 106 0.04 40.71 18.40
N SER E 107 1.29 40.70 18.86
CA SER E 107 2.24 39.69 18.43
C SER E 107 2.09 38.41 19.25
N ILE E 108 2.65 37.33 18.73
CA ILE E 108 2.75 36.10 19.51
C ILE E 108 3.60 36.36 20.76
N GLU E 109 4.67 37.15 20.61
CA GLU E 109 5.51 37.44 21.76
CA GLU E 109 5.51 37.44 21.76
C GLU E 109 4.74 38.22 22.82
N ASN E 110 3.88 39.15 22.40
CA ASN E 110 3.01 39.81 23.37
C ASN E 110 2.22 38.78 24.16
N TRP E 111 1.71 37.76 23.47
CA TRP E 111 0.78 36.82 24.08
CA TRP E 111 0.79 36.82 24.07
C TRP E 111 1.49 35.84 25.01
N ILE E 112 2.69 35.41 24.66
CA ILE E 112 3.46 34.59 25.59
C ILE E 112 3.70 35.36 26.88
N GLY E 113 3.99 36.65 26.78
CA GLY E 113 4.22 37.44 27.98
C GLY E 113 2.98 37.55 28.85
N ASN E 114 1.81 37.66 28.21
CA ASN E 114 0.57 37.72 28.98
C ASN E 114 0.37 36.46 29.80
N LEU E 115 0.84 35.31 29.31
CA LEU E 115 0.65 34.04 29.99
C LEU E 115 1.61 33.81 31.13
N ASN E 116 2.68 34.60 31.24
CA ASN E 116 3.56 34.51 32.38
C ASN E 116 2.89 35.21 33.57
N PHE E 117 1.78 34.60 34.02
CA PHE E 117 0.91 35.23 34.99
C PHE E 117 1.20 34.84 36.43
N ASP E 118 2.36 34.25 36.71
CA ASP E 118 2.80 34.10 38.09
C ASP E 118 3.14 35.46 38.67
N LEU E 119 2.99 35.60 39.99
CA LEU E 119 3.23 36.85 40.67
C LEU E 119 4.69 36.94 41.11
N LYS E 120 5.34 38.06 40.78
CA LYS E 120 6.72 38.32 41.12
C LYS E 120 6.80 39.46 42.11
N GLU E 121 7.87 39.48 42.91
CA GLU E 121 8.07 40.55 43.87
CA GLU E 121 8.13 40.48 43.90
C GLU E 121 8.37 41.87 43.17
N ILE E 122 7.77 42.95 43.67
CA ILE E 122 8.13 44.29 43.24
C ILE E 122 8.23 45.18 44.48
N ASN E 123 9.13 44.82 45.40
CA ASN E 123 9.26 45.59 46.63
C ASN E 123 9.91 46.94 46.40
N ASP E 124 10.72 47.08 45.33
CA ASP E 124 11.24 48.39 45.00
C ASP E 124 10.11 49.38 44.71
N ILE E 125 8.96 48.90 44.24
CA ILE E 125 7.83 49.78 43.96
C ILE E 125 6.99 50.02 45.22
N CYS E 126 6.52 48.96 45.87
CA CYS E 126 5.86 49.11 47.16
C CYS E 126 6.01 47.85 48.00
N SER E 127 5.97 48.04 49.31
CA SER E 127 6.26 46.97 50.25
C SER E 127 5.21 45.87 50.17
N GLY E 128 5.69 44.63 50.06
CA GLY E 128 4.78 43.49 50.00
C GLY E 128 3.98 43.38 48.72
N CYS E 129 4.26 44.20 47.73
CA CYS E 129 3.52 44.17 46.49
C CYS E 129 4.07 43.09 45.56
N ARG E 130 3.18 42.49 44.77
CA ARG E 130 3.57 41.51 43.76
C ARG E 130 2.81 41.85 42.48
N GLY E 131 3.51 41.72 41.35
CA GLY E 131 2.92 42.03 40.07
C GLY E 131 3.07 40.89 39.09
N HIS E 132 2.14 40.82 38.15
CA HIS E 132 2.22 39.93 37.00
C HIS E 132 3.65 39.87 36.47
N ASP E 133 4.18 38.65 36.36
CA ASP E 133 5.58 38.47 35.97
C ASP E 133 5.85 39.10 34.61
N GLY E 134 5.02 38.79 33.62
CA GLY E 134 5.20 39.32 32.29
C GLY E 134 5.17 40.84 32.21
N PHE E 135 4.09 41.44 32.70
CA PHE E 135 3.95 42.89 32.64
C PHE E 135 5.14 43.58 33.32
N THR E 136 5.51 43.12 34.52
CA THR E 136 6.58 43.78 35.26
C THR E 136 7.95 43.51 34.63
N SER E 137 8.12 42.36 33.99
CA SER E 137 9.38 42.06 33.33
C SER E 137 9.53 42.85 32.04
N SER E 138 8.43 43.04 31.31
CA SER E 138 8.47 43.90 30.13
C SER E 138 8.83 45.32 30.49
N TRP E 139 8.11 45.89 31.47
CA TRP E 139 8.44 47.25 31.91
C TRP E 139 9.89 47.35 32.35
N ARG E 140 10.32 46.45 33.25
CA ARG E 140 11.69 46.52 33.77
CA ARG E 140 11.68 46.53 33.77
C ARG E 140 12.72 46.50 32.66
N SER E 141 12.41 45.87 31.53
CA SER E 141 13.37 45.75 30.44
C SER E 141 13.53 47.03 29.63
N VAL E 142 12.60 47.98 29.76
CA VAL E 142 12.63 49.22 29.01
C VAL E 142 12.62 50.44 29.91
N ALA E 143 12.52 50.25 31.23
CA ALA E 143 12.27 51.36 32.14
C ALA E 143 13.40 52.40 32.10
N ASP E 144 14.65 51.94 32.01
CA ASP E 144 15.76 52.88 32.03
C ASP E 144 15.76 53.78 30.80
N THR E 145 15.49 53.21 29.63
CA THR E 145 15.43 54.01 28.41
C THR E 145 14.27 55.00 28.46
N LEU E 146 13.08 54.53 28.83
CA LEU E 146 11.90 55.38 28.73
C LEU E 146 11.88 56.44 29.83
N ARG E 147 12.31 56.10 31.05
CA ARG E 147 12.39 57.12 32.09
C ARG E 147 13.23 58.30 31.63
N GLN E 148 14.41 58.01 31.09
CA GLN E 148 15.31 59.09 30.66
C GLN E 148 14.64 59.98 29.64
N LYS E 149 13.93 59.41 28.67
CA LYS E 149 13.26 60.21 27.66
C LYS E 149 12.10 61.00 28.24
N VAL E 150 11.32 60.39 29.12
CA VAL E 150 10.24 61.14 29.77
C VAL E 150 10.83 62.32 30.54
N GLU E 151 11.91 62.10 31.29
CA GLU E 151 12.44 63.13 32.15
C GLU E 151 13.18 64.20 31.36
N ASP E 152 13.73 63.85 30.20
CA ASP E 152 14.27 64.86 29.30
CA ASP E 152 14.26 64.86 29.29
C ASP E 152 13.15 65.79 28.82
N ALA E 153 12.00 65.22 28.45
CA ALA E 153 10.88 66.04 27.99
C ALA E 153 10.33 66.91 29.13
N VAL E 154 10.22 66.37 30.33
CA VAL E 154 9.73 67.15 31.46
C VAL E 154 10.64 68.35 31.70
N ARG E 155 11.95 68.13 31.61
CA ARG E 155 12.90 69.22 31.82
C ARG E 155 12.70 70.33 30.81
N GLU E 156 12.52 69.98 29.55
CA GLU E 156 12.36 70.98 28.50
C GLU E 156 10.99 71.62 28.53
N HIS E 157 9.97 70.88 28.95
CA HIS E 157 8.58 71.35 28.96
C HIS E 157 7.99 71.16 30.34
N PRO E 158 8.45 71.92 31.33
CA PRO E 158 7.92 71.76 32.69
C PRO E 158 6.46 72.15 32.83
N ASP E 159 5.91 72.92 31.88
CA ASP E 159 4.50 73.30 31.92
C ASP E 159 3.59 72.26 31.27
N TYR E 160 4.14 71.15 30.78
CA TYR E 160 3.35 70.10 30.17
C TYR E 160 3.03 69.01 31.19
N ARG E 161 1.91 68.33 30.96
CA ARG E 161 1.41 67.27 31.83
C ARG E 161 1.84 65.92 31.27
N VAL E 162 2.40 65.07 32.14
CA VAL E 162 2.86 63.74 31.75
C VAL E 162 1.72 62.75 31.89
N VAL E 163 1.46 61.99 30.83
CA VAL E 163 0.37 61.01 30.84
C VAL E 163 0.87 59.70 30.23
N PHE E 164 0.73 58.61 30.97
CA PHE E 164 0.92 57.26 30.45
C PHE E 164 -0.46 56.68 30.13
N THR E 165 -0.56 55.99 29.00
CA THR E 165 -1.84 55.39 28.64
C THR E 165 -1.62 54.14 27.80
N GLY E 166 -2.66 53.32 27.74
CA GLY E 166 -2.63 52.13 26.92
C GLY E 166 -3.92 51.35 27.05
N HIS E 167 -4.21 50.58 26.01
CA HIS E 167 -5.35 49.69 25.96
C HIS E 167 -4.89 48.26 26.22
N SER E 168 -5.65 47.53 27.02
CA SER E 168 -5.39 46.10 27.29
C SER E 168 -4.00 45.98 27.88
N LEU E 169 -3.16 45.06 27.40
CA LEU E 169 -1.79 44.91 27.88
C LEU E 169 -1.10 46.26 28.00
N GLY E 170 -1.32 47.14 27.03
CA GLY E 170 -0.72 48.46 27.10
C GLY E 170 -1.18 49.23 28.33
N GLY E 171 -2.45 49.09 28.69
CA GLY E 171 -2.93 49.71 29.91
C GLY E 171 -2.26 49.15 31.14
N ALA E 172 -1.95 47.86 31.13
CA ALA E 172 -1.22 47.26 32.24
C ALA E 172 0.20 47.81 32.33
N LEU E 173 0.85 47.98 31.18
CA LEU E 173 2.20 48.53 31.17
C LEU E 173 2.20 49.99 31.63
N ALA E 174 1.24 50.78 31.17
CA ALA E 174 1.12 52.16 31.62
C ALA E 174 0.95 52.22 33.14
N THR E 175 0.12 51.33 33.69
CA THR E 175 -0.11 51.34 35.14
C THR E 175 1.17 51.04 35.90
N VAL E 176 1.86 49.96 35.53
CA VAL E 176 3.11 49.60 36.21
C VAL E 176 4.12 50.73 36.08
N ALA E 177 4.40 51.15 34.84
CA ALA E 177 5.35 52.24 34.63
C ALA E 177 5.00 53.46 35.47
N GLY E 178 3.72 53.81 35.52
CA GLY E 178 3.31 54.96 36.31
C GLY E 178 3.62 54.80 37.79
N ALA E 179 3.28 53.63 38.34
CA ALA E 179 3.57 53.37 39.75
C ALA E 179 5.05 53.40 40.03
N ASP E 180 5.87 53.04 39.03
CA ASP E 180 7.30 52.90 39.23
C ASP E 180 8.02 54.25 39.17
N LEU E 181 7.55 55.15 38.32
CA LEU E 181 8.26 56.40 38.05
C LEU E 181 7.70 57.59 38.82
N ARG E 182 6.51 57.47 39.40
CA ARG E 182 5.97 58.57 40.19
C ARG E 182 6.90 58.89 41.35
N GLY E 183 6.69 60.07 41.93
CA GLY E 183 7.48 60.47 43.08
C GLY E 183 8.85 61.00 42.76
N ASN E 184 9.05 61.59 41.57
CA ASN E 184 10.33 62.17 41.20
CA ASN E 184 10.32 62.18 41.19
C ASN E 184 10.16 63.63 40.75
N GLY E 185 9.17 64.33 41.32
CA GLY E 185 9.02 65.76 41.11
C GLY E 185 7.90 66.16 40.19
N TYR E 186 7.41 65.27 39.34
CA TYR E 186 6.34 65.60 38.40
C TYR E 186 5.25 64.54 38.49
N ASP E 187 4.00 65.00 38.47
CA ASP E 187 2.88 64.08 38.46
C ASP E 187 2.90 63.24 37.18
N ILE E 188 2.37 62.02 37.30
CA ILE E 188 2.10 61.15 36.16
C ILE E 188 0.67 60.65 36.29
N ASP E 189 -0.19 61.03 35.35
CA ASP E 189 -1.52 60.47 35.26
C ASP E 189 -1.53 59.28 34.31
N VAL E 190 -2.31 58.27 34.64
CA VAL E 190 -2.43 57.05 33.83
C VAL E 190 -3.90 56.89 33.44
N PHE E 191 -4.13 56.67 32.14
CA PHE E 191 -5.44 56.29 31.61
C PHE E 191 -5.28 54.91 30.98
N SER E 192 -5.89 53.90 31.60
CA SER E 192 -5.85 52.54 31.07
C SER E 192 -7.24 52.12 30.61
N TYR E 193 -7.30 51.41 29.49
CA TYR E 193 -8.56 51.03 28.86
C TYR E 193 -8.59 49.52 28.71
N GLY E 194 -9.61 48.90 29.31
CA GLY E 194 -9.74 47.46 29.24
C GLY E 194 -8.53 46.72 29.75
N ALA E 195 -7.90 47.24 30.80
CA ALA E 195 -6.65 46.66 31.29
C ALA E 195 -6.93 45.48 32.21
N PRO E 196 -6.08 44.45 32.16
CA PRO E 196 -6.20 43.34 33.12
C PRO E 196 -5.70 43.75 34.51
N ARG E 197 -6.04 42.91 35.49
CA ARG E 197 -5.42 43.05 36.80
C ARG E 197 -3.91 42.88 36.67
N VAL E 198 -3.16 43.68 37.42
CA VAL E 198 -1.70 43.72 37.27
C VAL E 198 -0.96 43.17 38.49
N GLY E 199 -1.62 42.98 39.62
CA GLY E 199 -0.90 42.50 40.78
C GLY E 199 -1.81 42.06 41.91
N ASN E 200 -1.22 41.95 43.10
CA ASN E 200 -1.90 41.42 44.27
C ASN E 200 -2.62 42.54 45.01
N ARG E 201 -3.22 42.20 46.15
CA ARG E 201 -4.01 43.20 46.87
C ARG E 201 -3.13 44.35 47.35
N ALA E 202 -1.93 44.04 47.85
CA ALA E 202 -1.01 45.09 48.27
C ALA E 202 -0.79 46.09 47.15
N PHE E 203 -0.55 45.60 45.94
CA PHE E 203 -0.33 46.50 44.80
C PHE E 203 -1.60 47.26 44.47
N ALA E 204 -2.75 46.58 44.49
CA ALA E 204 -4.01 47.22 44.17
C ALA E 204 -4.31 48.36 45.13
N GLU E 205 -3.96 48.18 46.41
CA GLU E 205 -4.16 49.25 47.38
C GLU E 205 -3.17 50.39 47.14
N PHE E 206 -1.92 50.05 46.87
CA PHE E 206 -0.92 51.09 46.56
C PHE E 206 -1.38 51.94 45.37
N LEU E 207 -1.84 51.30 44.29
CA LEU E 207 -2.33 52.03 43.13
C LEU E 207 -3.57 52.85 43.47
N THR E 208 -4.29 52.51 44.54
CA THR E 208 -5.49 53.25 44.89
C THR E 208 -5.17 54.53 45.63
N VAL E 209 -4.12 54.51 46.46
CA VAL E 209 -3.80 55.63 47.33
C VAL E 209 -2.53 56.35 46.93
N GLN E 210 -1.75 55.82 45.99
CA GLN E 210 -0.49 56.45 45.63
C GLN E 210 -0.71 57.91 45.28
N THR E 211 0.21 58.76 45.70
CA THR E 211 0.17 60.18 45.41
C THR E 211 1.03 60.48 44.18
N GLY E 212 0.98 61.73 43.74
CA GLY E 212 1.79 62.15 42.61
C GLY E 212 1.23 61.80 41.27
N GLY E 213 -0.09 61.76 41.15
CA GLY E 213 -0.76 61.42 39.91
C GLY E 213 -1.97 60.56 40.18
N THR E 214 -2.86 60.49 39.20
CA THR E 214 -4.13 59.78 39.31
C THR E 214 -4.20 58.68 38.28
N LEU E 215 -4.69 57.51 38.70
CA LEU E 215 -4.95 56.40 37.81
C LEU E 215 -6.43 56.39 37.43
N TYR E 216 -6.71 56.54 36.14
CA TYR E 216 -8.07 56.41 35.61
C TYR E 216 -8.17 55.05 34.95
N ARG E 217 -8.76 54.09 35.65
CA ARG E 217 -8.91 52.72 35.15
C ARG E 217 -10.30 52.59 34.54
N ILE E 218 -10.35 52.53 33.21
CA ILE E 218 -11.61 52.54 32.47
C ILE E 218 -11.92 51.14 31.97
N THR E 219 -13.21 50.80 31.97
CA THR E 219 -13.70 49.48 31.57
C THR E 219 -14.99 49.67 30.79
N HIS E 220 -15.37 48.65 30.03
CA HIS E 220 -16.53 48.74 29.14
C HIS E 220 -17.42 47.53 29.33
N THR E 221 -18.68 47.78 29.70
CA THR E 221 -19.68 46.75 29.91
C THR E 221 -19.09 45.45 30.43
N ASN E 222 -19.20 44.36 29.68
CA ASN E 222 -18.76 43.04 30.12
C ASN E 222 -17.50 42.58 29.41
N ASP E 223 -16.61 43.53 29.08
CA ASP E 223 -15.29 43.21 28.55
C ASP E 223 -14.62 42.15 29.42
N ILE E 224 -14.06 41.12 28.77
CA ILE E 224 -13.50 39.99 29.50
C ILE E 224 -12.16 40.34 30.13
N VAL E 225 -11.38 41.21 29.50
CA VAL E 225 -9.97 41.34 29.84
C VAL E 225 -9.79 41.91 31.24
N PRO E 226 -10.56 42.93 31.66
CA PRO E 226 -10.45 43.37 33.07
C PRO E 226 -10.85 42.32 34.09
N ARG E 227 -11.37 41.17 33.66
CA ARG E 227 -11.67 40.07 34.56
C ARG E 227 -10.56 39.04 34.61
N LEU E 228 -9.42 39.34 33.98
CA LEU E 228 -8.23 38.49 33.98
C LEU E 228 -7.06 39.23 34.62
N PRO E 229 -6.11 38.49 35.24
CA PRO E 229 -6.27 37.09 35.59
C PRO E 229 -7.34 36.96 36.68
N PRO E 230 -7.93 35.79 36.85
CA PRO E 230 -9.01 35.65 37.82
C PRO E 230 -8.54 35.95 39.24
N ARG E 231 -9.49 36.37 40.08
CA ARG E 231 -9.20 36.62 41.49
C ARG E 231 -8.50 35.43 42.14
N GLU E 232 -8.91 34.21 41.77
CA GLU E 232 -8.43 33.02 42.46
C GLU E 232 -6.91 32.90 42.40
N PHE E 233 -6.28 33.46 41.37
CA PHE E 233 -4.83 33.39 41.25
C PHE E 233 -4.11 34.41 42.12
N GLY E 234 -4.84 35.21 42.89
CA GLY E 234 -4.25 36.20 43.77
C GLY E 234 -4.23 37.62 43.26
N TYR E 235 -5.03 37.93 42.24
CA TYR E 235 -5.03 39.25 41.64
C TYR E 235 -6.18 40.09 42.17
N SER E 236 -5.94 41.39 42.29
CA SER E 236 -6.96 42.36 42.65
C SER E 236 -6.90 43.56 41.72
N HIS E 237 -7.96 44.37 41.76
CA HIS E 237 -8.07 45.60 40.98
C HIS E 237 -8.03 46.81 41.91
N SER E 238 -7.27 47.82 41.51
CA SER E 238 -7.25 49.09 42.21
C SER E 238 -8.61 49.79 42.07
N SER E 239 -8.84 50.75 42.96
CA SER E 239 -10.03 51.58 42.92
C SER E 239 -9.65 53.03 42.60
N PRO E 240 -10.54 53.80 41.96
CA PRO E 240 -11.86 53.40 41.48
C PRO E 240 -11.86 52.77 40.10
N GLU E 241 -13.05 52.49 39.60
CA GLU E 241 -13.28 51.97 38.26
C GLU E 241 -14.24 52.91 37.56
N TYR E 242 -13.92 53.30 36.34
CA TYR E 242 -14.81 54.09 35.49
C TYR E 242 -15.41 53.14 34.46
N TRP E 243 -16.70 52.85 34.60
CA TRP E 243 -17.36 51.78 33.87
C TRP E 243 -18.26 52.38 32.80
N ILE E 244 -17.93 52.10 31.55
CA ILE E 244 -18.74 52.54 30.40
C ILE E 244 -19.90 51.56 30.24
N LYS E 245 -21.11 52.07 30.37
CA LYS E 245 -22.30 51.23 30.30
C LYS E 245 -22.90 51.16 28.91
N SER E 246 -22.62 52.13 28.05
CA SER E 246 -23.14 52.10 26.69
C SER E 246 -22.60 50.87 25.95
N GLY E 247 -23.33 50.45 24.93
CA GLY E 247 -23.02 49.22 24.23
C GLY E 247 -21.94 49.38 23.18
N THR E 248 -21.60 48.24 22.56
CA THR E 248 -20.61 48.21 21.50
C THR E 248 -21.13 48.91 20.25
N LEU E 249 -20.25 49.70 19.63
CA LEU E 249 -20.59 50.56 18.50
C LEU E 249 -21.59 51.65 18.86
N VAL E 250 -21.82 51.88 20.15
CA VAL E 250 -22.72 52.94 20.62
C VAL E 250 -21.85 54.11 21.08
N PRO E 251 -22.06 55.32 20.56
CA PRO E 251 -21.29 56.47 21.05
C PRO E 251 -21.47 56.66 22.55
N VAL E 252 -20.39 57.05 23.20
CA VAL E 252 -20.39 57.25 24.64
C VAL E 252 -20.70 58.70 24.94
N THR E 253 -21.59 58.93 25.90
CA THR E 253 -21.85 60.25 26.47
C THR E 253 -21.40 60.24 27.92
N ARG E 254 -21.18 61.43 28.47
CA ARG E 254 -20.67 61.51 29.83
C ARG E 254 -21.64 60.94 30.86
N ASN E 255 -22.88 60.66 30.47
CA ASN E 255 -23.84 60.02 31.36
C ASN E 255 -23.78 58.50 31.32
N ASP E 256 -23.05 57.93 30.37
CA ASP E 256 -22.88 56.48 30.26
C ASP E 256 -21.73 55.94 31.10
N ILE E 257 -20.96 56.81 31.76
CA ILE E 257 -19.77 56.41 32.51
C ILE E 257 -20.07 56.53 33.99
N VAL E 258 -19.83 55.47 34.73
CA VAL E 258 -20.15 55.39 36.16
C VAL E 258 -18.86 55.13 36.93
N LYS E 259 -18.61 55.94 37.95
CA LYS E 259 -17.47 55.75 38.83
C LYS E 259 -17.86 54.75 39.91
N ILE E 260 -17.01 53.76 40.14
CA ILE E 260 -17.28 52.67 41.07
C ILE E 260 -16.08 52.55 42.01
N GLU E 261 -16.33 52.78 43.29
CA GLU E 261 -15.27 52.82 44.29
C GLU E 261 -15.24 51.53 45.10
N GLY E 262 -14.02 51.17 45.52
CA GLY E 262 -13.83 49.96 46.33
C GLY E 262 -12.89 48.99 45.63
N ILE E 263 -11.91 48.51 46.39
CA ILE E 263 -11.03 47.46 45.88
C ILE E 263 -11.86 46.24 45.51
N ASP E 264 -11.63 45.72 44.31
CA ASP E 264 -12.33 44.52 43.83
C ASP E 264 -13.85 44.70 43.91
N ALA E 265 -14.31 45.93 43.69
CA ALA E 265 -15.74 46.20 43.69
C ALA E 265 -16.44 45.45 42.55
N THR E 266 -17.69 45.09 42.80
CA THR E 266 -18.56 44.47 41.80
C THR E 266 -19.59 45.49 41.33
N GLY E 267 -20.46 45.07 40.42
CA GLY E 267 -21.46 45.95 39.87
C GLY E 267 -20.99 46.82 38.74
N GLY E 268 -19.68 46.86 38.47
CA GLY E 268 -19.17 47.47 37.25
C GLY E 268 -18.85 46.40 36.25
N ASN E 269 -17.62 46.40 35.72
CA ASN E 269 -17.21 45.32 34.84
C ASN E 269 -17.10 44.00 35.59
N ASN E 270 -16.88 44.04 36.91
CA ASN E 270 -16.62 42.84 37.69
C ASN E 270 -17.93 42.25 38.20
N GLN E 271 -18.69 41.67 37.27
CA GLN E 271 -19.95 41.01 37.57
C GLN E 271 -19.88 39.54 37.15
N PRO E 272 -20.69 38.67 37.78
CA PRO E 272 -20.67 37.24 37.45
C PRO E 272 -21.62 36.87 36.32
N ASN E 273 -21.50 37.57 35.20
CA ASN E 273 -22.29 37.28 34.01
C ASN E 273 -21.38 36.75 32.90
N ILE E 274 -21.90 36.69 31.69
CA ILE E 274 -21.13 36.18 30.55
C ILE E 274 -20.24 37.29 30.01
N PRO E 275 -18.95 37.06 29.85
CA PRO E 275 -18.08 38.09 29.29
C PRO E 275 -18.16 38.15 27.77
N ASP E 276 -17.58 39.22 27.22
CA ASP E 276 -17.74 39.57 25.81
C ASP E 276 -16.41 40.01 25.24
N ILE E 277 -16.16 39.65 23.99
CA ILE E 277 -14.89 39.98 23.35
C ILE E 277 -15.02 41.28 22.57
N PRO E 278 -16.00 41.43 21.67
CA PRO E 278 -16.13 42.72 20.97
C PRO E 278 -16.22 43.91 21.91
N ALA E 279 -16.78 43.74 23.11
CA ALA E 279 -16.83 44.81 24.08
C ALA E 279 -15.42 45.29 24.44
N HIS E 280 -14.42 44.41 24.32
CA HIS E 280 -13.04 44.80 24.56
C HIS E 280 -12.52 45.79 23.53
N LEU E 281 -13.13 45.82 22.34
CA LEU E 281 -12.62 46.62 21.23
C LEU E 281 -13.33 47.95 21.06
N TRP E 282 -14.31 48.26 21.90
CA TRP E 282 -15.08 49.49 21.77
C TRP E 282 -14.92 50.31 23.05
N TYR E 283 -14.00 51.26 23.02
CA TYR E 283 -13.76 52.20 24.11
C TYR E 283 -13.83 53.58 23.48
N PHE E 284 -15.04 54.17 23.48
CA PHE E 284 -15.35 55.40 22.75
C PHE E 284 -15.33 55.16 21.25
N GLY E 285 -14.33 54.45 20.75
CA GLY E 285 -14.35 53.96 19.38
C GLY E 285 -13.68 52.61 19.29
N LEU E 286 -13.27 52.19 18.10
CA LEU E 286 -12.54 50.95 17.94
C LEU E 286 -11.10 51.12 18.40
N ILE E 287 -10.65 50.24 19.30
CA ILE E 287 -9.26 50.21 19.76
C ILE E 287 -8.70 48.83 19.50
N GLY E 288 -7.46 48.79 19.02
CA GLY E 288 -6.79 47.54 18.78
C GLY E 288 -6.81 47.08 17.33
N THR E 289 -7.56 47.76 16.47
CA THR E 289 -7.78 47.30 15.10
C THR E 289 -7.00 48.10 14.06
N CYS E 290 -6.23 49.12 14.46
CA CYS E 290 -5.45 49.87 13.50
C CYS E 290 -4.28 49.01 13.02
N LEU E 291 -4.19 48.81 11.71
CA LEU E 291 -3.09 48.06 11.12
C LEU E 291 -1.83 48.92 11.04
N GLU F 23 -32.33 19.62 -1.49
CA GLU F 23 -31.69 18.95 -2.66
C GLU F 23 -31.31 19.95 -3.74
N VAL F 24 -30.12 19.74 -4.32
CA VAL F 24 -29.67 20.49 -5.49
C VAL F 24 -29.38 19.48 -6.60
N SER F 25 -29.27 19.99 -7.82
CA SER F 25 -28.95 19.16 -8.96
C SER F 25 -27.51 18.65 -8.86
N GLN F 26 -27.25 17.53 -9.54
CA GLN F 26 -25.91 16.95 -9.50
C GLN F 26 -24.90 17.86 -10.19
N ASP F 27 -25.34 18.69 -11.13
CA ASP F 27 -24.42 19.59 -11.80
C ASP F 27 -23.98 20.71 -10.84
N LEU F 28 -24.93 21.30 -10.13
CA LEU F 28 -24.60 22.35 -9.16
C LEU F 28 -23.75 21.79 -8.04
N PHE F 29 -24.15 20.65 -7.48
CA PHE F 29 -23.33 19.97 -6.46
C PHE F 29 -21.89 19.83 -6.91
N ASN F 30 -21.67 19.39 -8.15
CA ASN F 30 -20.31 19.26 -8.66
C ASN F 30 -19.59 20.59 -8.70
N GLN F 31 -20.30 21.67 -9.04
CA GLN F 31 -19.70 23.00 -8.98
C GLN F 31 -19.38 23.38 -7.54
N PHE F 32 -20.33 23.16 -6.63
CA PHE F 32 -20.09 23.42 -5.22
C PHE F 32 -18.86 22.67 -4.72
N ASN F 33 -18.69 21.42 -5.15
CA ASN F 33 -17.57 20.62 -4.66
C ASN F 33 -16.25 21.07 -5.27
N LEU F 34 -16.27 21.50 -6.54
CA LEU F 34 -15.03 21.89 -7.21
C LEU F 34 -14.47 23.19 -6.64
N PHE F 35 -15.33 24.18 -6.39
CA PHE F 35 -14.85 25.47 -5.92
C PHE F 35 -14.60 25.48 -4.43
N ALA F 36 -15.15 24.51 -3.69
CA ALA F 36 -14.71 24.29 -2.32
C ALA F 36 -13.25 23.86 -2.29
N GLN F 37 -12.82 23.09 -3.29
CA GLN F 37 -11.42 22.68 -3.35
C GLN F 37 -10.52 23.78 -3.90
N TYR F 38 -11.04 24.62 -4.80
CA TYR F 38 -10.29 25.82 -5.19
C TYR F 38 -10.10 26.74 -3.98
N SER F 39 -11.16 26.92 -3.19
CA SER F 39 -11.02 27.68 -1.94
C SER F 39 -9.99 27.03 -1.02
N ALA F 40 -10.08 25.70 -0.86
CA ALA F 40 -9.13 25.02 0.00
C ALA F 40 -7.70 25.19 -0.49
N ALA F 41 -7.51 25.18 -1.81
CA ALA F 41 -6.17 25.32 -2.39
C ALA F 41 -5.53 26.65 -2.02
N ALA F 42 -6.33 27.71 -1.91
CA ALA F 42 -5.78 29.04 -1.65
C ALA F 42 -5.02 29.10 -0.33
N TYR F 43 -5.31 28.19 0.61
CA TYR F 43 -4.63 28.22 1.90
C TYR F 43 -3.21 27.65 1.82
N CYS F 44 -2.94 26.74 0.89
CA CYS F 44 -1.62 26.14 0.79
C CYS F 44 -0.59 27.21 0.46
N GLY F 45 0.46 27.31 1.28
CA GLY F 45 1.43 28.37 1.11
C GLY F 45 2.11 28.34 -0.25
N LYS F 46 2.32 27.16 -0.81
CA LYS F 46 2.97 27.05 -2.11
C LYS F 46 2.11 27.62 -3.23
N ASN F 47 0.80 27.75 -3.01
CA ASN F 47 -0.12 28.29 -3.99
C ASN F 47 -0.27 29.80 -3.87
N ASN F 48 0.53 30.44 -3.02
CA ASN F 48 0.52 31.89 -2.89
C ASN F 48 1.78 32.55 -3.44
N ASP F 49 2.76 31.75 -3.90
CA ASP F 49 3.97 32.27 -4.50
C ASP F 49 4.52 31.21 -5.45
N ALA F 50 3.81 31.03 -6.58
CA ALA F 50 4.18 30.03 -7.56
C ALA F 50 4.49 30.68 -8.90
N PRO F 51 5.40 30.10 -9.68
CA PRO F 51 5.60 30.61 -11.04
C PRO F 51 4.33 30.46 -11.87
N ALA F 52 4.06 31.46 -12.70
CA ALA F 52 2.97 31.37 -13.65
C ALA F 52 3.16 30.17 -14.56
N GLY F 53 2.06 29.50 -14.90
CA GLY F 53 2.09 28.36 -15.79
C GLY F 53 2.28 27.02 -15.13
N THR F 54 2.64 26.97 -13.84
CA THR F 54 2.87 25.70 -13.16
C THR F 54 1.56 25.15 -12.60
N ASN F 55 1.56 23.85 -12.32
CA ASN F 55 0.35 23.18 -11.89
C ASN F 55 -0.06 23.61 -10.50
N ILE F 56 -1.36 23.67 -10.28
CA ILE F 56 -1.93 23.90 -8.95
C ILE F 56 -2.10 22.54 -8.27
N THR F 57 -1.47 22.38 -7.11
CA THR F 57 -1.62 21.18 -6.31
C THR F 57 -1.79 21.57 -4.85
N CYS F 58 -2.30 20.63 -4.07
CA CYS F 58 -2.46 20.79 -2.65
C CYS F 58 -1.74 19.67 -1.92
N THR F 59 -1.96 19.58 -0.62
CA THR F 59 -1.34 18.57 0.22
C THR F 59 -2.41 17.70 0.86
N GLY F 60 -2.18 16.38 0.83
CA GLY F 60 -3.07 15.43 1.46
C GLY F 60 -4.51 15.58 1.09
N ASN F 61 -4.83 15.40 -0.19
CA ASN F 61 -6.21 15.29 -0.66
C ASN F 61 -7.03 16.55 -0.43
N ALA F 62 -6.37 17.70 -0.29
CA ALA F 62 -7.13 18.92 -0.03
C ALA F 62 -7.92 19.35 -1.25
N CYS F 63 -7.39 19.14 -2.46
CA CYS F 63 -8.05 19.60 -3.69
C CYS F 63 -7.83 18.60 -4.83
N PRO F 64 -8.25 17.35 -4.65
CA PRO F 64 -8.01 16.36 -5.72
C PRO F 64 -8.64 16.73 -7.05
N GLU F 65 -9.83 17.32 -7.06
CA GLU F 65 -10.45 17.68 -8.33
C GLU F 65 -9.68 18.80 -9.02
N VAL F 66 -9.07 19.71 -8.26
CA VAL F 66 -8.27 20.76 -8.88
C VAL F 66 -7.01 20.17 -9.49
N GLU F 67 -6.40 19.18 -8.82
CA GLU F 67 -5.20 18.56 -9.34
C GLU F 67 -5.49 17.75 -10.60
N LYS F 68 -6.62 17.02 -10.62
CA LYS F 68 -6.98 16.28 -11.82
C LYS F 68 -7.10 17.21 -13.02
N ALA F 69 -7.64 18.40 -12.82
CA ALA F 69 -7.85 19.34 -13.91
C ALA F 69 -6.53 19.88 -14.42
N ASP F 70 -6.54 20.35 -15.66
CA ASP F 70 -5.43 21.13 -16.22
C ASP F 70 -5.57 22.55 -15.69
N ALA F 71 -5.21 22.72 -14.41
CA ALA F 71 -5.31 24.01 -13.72
C ALA F 71 -3.91 24.52 -13.43
N THR F 72 -3.60 25.71 -13.94
CA THR F 72 -2.29 26.30 -13.77
C THR F 72 -2.42 27.75 -13.29
N PHE F 73 -1.34 28.25 -12.71
CA PHE F 73 -1.33 29.59 -12.15
C PHE F 73 -1.22 30.66 -13.25
N LEU F 74 -2.13 31.63 -13.21
CA LEU F 74 -1.95 32.87 -13.95
C LEU F 74 -1.32 33.96 -13.08
N TYR F 75 -1.61 33.96 -11.79
CA TYR F 75 -1.08 34.95 -10.86
C TYR F 75 -1.30 34.45 -9.44
N SER F 76 -0.25 34.51 -8.63
CA SER F 76 -0.33 34.13 -7.22
C SER F 76 0.18 35.29 -6.38
N PHE F 77 -0.53 35.59 -5.30
CA PHE F 77 -0.25 36.76 -4.49
C PHE F 77 -0.32 36.41 -3.01
N GLU F 78 0.46 37.13 -2.22
CA GLU F 78 0.44 36.98 -0.77
C GLU F 78 0.87 38.30 -0.13
N ASP F 79 0.30 38.57 1.04
N ASP F 79 0.30 38.61 1.03
CA ASP F 79 0.53 39.81 1.78
CA ASP F 79 0.62 39.83 1.76
C ASP F 79 0.42 41.02 0.85
C ASP F 79 0.35 41.09 0.94
N SER F 80 -0.63 41.02 0.05
CA SER F 80 -0.93 42.14 -0.82
C SER F 80 -1.83 43.15 -0.12
N GLY F 81 -1.77 44.39 -0.60
CA GLY F 81 -2.62 45.44 -0.08
C GLY F 81 -2.56 45.54 1.43
N VAL F 82 -3.69 45.86 2.04
CA VAL F 82 -3.84 45.91 3.48
C VAL F 82 -4.67 44.71 3.91
N GLY F 83 -4.33 44.15 5.06
CA GLY F 83 -5.05 42.99 5.57
C GLY F 83 -4.50 41.66 5.10
N ASP F 84 -3.35 41.65 4.41
CA ASP F 84 -2.68 40.42 4.00
C ASP F 84 -3.54 39.62 3.02
N VAL F 85 -3.87 40.28 1.90
CA VAL F 85 -4.69 39.64 0.88
C VAL F 85 -3.87 38.57 0.17
N THR F 86 -4.43 37.36 0.07
CA THR F 86 -3.67 36.18 -0.35
C THR F 86 -4.58 35.31 -1.20
N GLY F 87 -3.98 34.63 -2.17
CA GLY F 87 -4.72 33.74 -3.04
C GLY F 87 -4.02 33.58 -4.38
N PHE F 88 -4.78 33.14 -5.38
CA PHE F 88 -4.23 32.93 -6.71
C PHE F 88 -5.31 33.08 -7.76
N LEU F 89 -4.87 33.34 -8.99
CA LEU F 89 -5.71 33.36 -10.18
C LEU F 89 -5.32 32.16 -11.04
N ALA F 90 -6.29 31.33 -11.40
CA ALA F 90 -6.03 30.06 -12.05
C ALA F 90 -6.64 30.01 -13.44
N LEU F 91 -5.93 29.35 -14.35
CA LEU F 91 -6.44 28.99 -15.66
C LEU F 91 -6.77 27.50 -15.64
N ASP F 92 -8.06 27.18 -15.77
CA ASP F 92 -8.54 25.81 -15.81
C ASP F 92 -9.01 25.52 -17.23
N ASN F 93 -8.24 24.74 -17.98
CA ASN F 93 -8.60 24.40 -19.34
C ASN F 93 -9.57 23.24 -19.42
N THR F 94 -9.60 22.38 -18.40
CA THR F 94 -10.52 21.26 -18.38
C THR F 94 -11.96 21.74 -18.28
N ASN F 95 -12.24 22.66 -17.36
CA ASN F 95 -13.58 23.18 -17.15
C ASN F 95 -13.79 24.53 -17.81
N LYS F 96 -12.76 25.08 -18.46
CA LYS F 96 -12.84 26.36 -19.15
C LYS F 96 -13.20 27.49 -18.17
N LEU F 97 -12.34 27.63 -17.16
CA LEU F 97 -12.59 28.56 -16.07
C LEU F 97 -11.40 29.48 -15.84
N ILE F 98 -11.70 30.73 -15.52
CA ILE F 98 -10.77 31.66 -14.91
C ILE F 98 -11.21 31.80 -13.45
N VAL F 99 -10.43 31.27 -12.53
CA VAL F 99 -10.81 31.17 -11.12
C VAL F 99 -9.93 32.10 -10.30
N LEU F 100 -10.56 33.07 -9.63
CA LEU F 100 -9.90 33.88 -8.62
C LEU F 100 -10.27 33.32 -7.25
N SER F 101 -9.28 32.78 -6.55
CA SER F 101 -9.49 32.15 -5.25
C SER F 101 -8.79 32.95 -4.17
N PHE F 102 -9.56 33.44 -3.20
CA PHE F 102 -9.03 34.21 -2.09
C PHE F 102 -8.83 33.29 -0.87
N ARG F 103 -7.65 33.38 -0.25
CA ARG F 103 -7.44 32.67 1.00
C ARG F 103 -8.24 33.31 2.13
N GLY F 104 -8.69 32.48 3.06
CA GLY F 104 -9.37 32.95 4.26
C GLY F 104 -8.38 33.37 5.33
N SER F 105 -8.83 33.29 6.59
CA SER F 105 -8.05 33.80 7.70
C SER F 105 -6.93 32.84 8.06
N ARG F 106 -5.69 33.35 8.08
CA ARG F 106 -4.60 32.59 8.65
C ARG F 106 -3.66 33.47 9.47
N SER F 107 -3.32 34.64 8.96
CA SER F 107 -2.33 35.48 9.61
C SER F 107 -2.97 36.38 10.66
N ILE F 108 -2.12 36.93 11.53
CA ILE F 108 -2.58 37.94 12.49
C ILE F 108 -3.16 39.13 11.74
N GLU F 109 -2.49 39.56 10.66
CA GLU F 109 -3.00 40.67 9.86
CA GLU F 109 -3.00 40.66 9.87
C GLU F 109 -4.39 40.36 9.33
N ASN F 110 -4.64 39.10 8.94
CA ASN F 110 -5.99 38.74 8.51
C ASN F 110 -6.99 38.97 9.63
N TRP F 111 -6.65 38.52 10.83
CA TRP F 111 -7.59 38.58 11.95
CA TRP F 111 -7.61 38.58 11.93
C TRP F 111 -7.84 40.01 12.37
N ILE F 112 -6.81 40.85 12.37
CA ILE F 112 -7.03 42.25 12.71
C ILE F 112 -7.99 42.88 11.72
N GLY F 113 -7.81 42.59 10.43
CA GLY F 113 -8.74 43.08 9.42
C GLY F 113 -10.16 42.63 9.67
N ASN F 114 -10.36 41.37 10.07
CA ASN F 114 -11.70 40.88 10.35
C ASN F 114 -12.35 41.69 11.47
N LEU F 115 -11.54 42.10 12.45
CA LEU F 115 -12.07 42.80 13.62
C LEU F 115 -12.40 44.26 13.33
N ASN F 116 -12.12 44.74 12.11
CA ASN F 116 -12.51 46.09 11.70
CA ASN F 116 -12.51 46.08 11.69
C ASN F 116 -13.92 46.00 11.12
N PHE F 117 -14.89 45.91 12.03
CA PHE F 117 -16.25 45.54 11.67
C PHE F 117 -17.26 46.68 11.72
N ASP F 118 -16.81 47.94 11.78
CA ASP F 118 -17.79 48.99 11.60
C ASP F 118 -18.10 49.14 10.11
N LEU F 119 -19.26 49.73 9.81
CA LEU F 119 -19.74 49.81 8.45
C LEU F 119 -19.20 51.06 7.75
N LYS F 120 -18.75 50.88 6.52
CA LYS F 120 -18.17 51.94 5.71
C LYS F 120 -18.95 52.08 4.42
N GLU F 121 -19.05 53.32 3.93
CA GLU F 121 -19.79 53.57 2.70
C GLU F 121 -19.09 52.92 1.51
N ILE F 122 -19.83 52.12 0.75
CA ILE F 122 -19.35 51.61 -0.53
C ILE F 122 -20.34 52.09 -1.59
N ASN F 123 -20.54 53.40 -1.65
CA ASN F 123 -21.46 53.98 -2.62
C ASN F 123 -21.02 53.70 -4.06
N ASP F 124 -19.72 53.62 -4.31
CA ASP F 124 -19.25 53.36 -5.67
C ASP F 124 -19.61 51.97 -6.16
N ILE F 125 -19.85 51.02 -5.24
CA ILE F 125 -20.30 49.70 -5.64
C ILE F 125 -21.81 49.68 -5.86
N CYS F 126 -22.57 50.13 -4.86
CA CYS F 126 -24.01 50.30 -5.02
C CYS F 126 -24.50 51.40 -4.08
N SER F 127 -25.57 52.06 -4.48
CA SER F 127 -26.04 53.26 -3.79
C SER F 127 -26.77 52.89 -2.51
N GLY F 128 -26.47 53.63 -1.44
CA GLY F 128 -26.97 53.34 -0.12
C GLY F 128 -26.24 52.25 0.62
N CYS F 129 -25.31 51.56 -0.05
CA CYS F 129 -24.68 50.37 0.51
C CYS F 129 -23.56 50.72 1.47
N ARG F 130 -23.41 49.88 2.50
CA ARG F 130 -22.32 50.00 3.46
C ARG F 130 -21.79 48.60 3.73
N GLY F 131 -20.46 48.47 3.79
CA GLY F 131 -19.82 47.19 3.92
C GLY F 131 -18.81 47.17 5.06
N HIS F 132 -18.49 45.94 5.48
CA HIS F 132 -17.45 45.72 6.48
C HIS F 132 -16.19 46.50 6.14
N ASP F 133 -15.68 47.25 7.12
CA ASP F 133 -14.56 48.15 6.85
C ASP F 133 -13.30 47.36 6.49
N GLY F 134 -13.02 46.28 7.20
CA GLY F 134 -11.84 45.48 6.89
C GLY F 134 -11.91 44.88 5.50
N PHE F 135 -13.01 44.18 5.20
CA PHE F 135 -13.13 43.48 3.92
C PHE F 135 -13.03 44.45 2.75
N THR F 136 -13.77 45.56 2.83
CA THR F 136 -13.81 46.49 1.71
C THR F 136 -12.49 47.22 1.54
N SER F 137 -11.82 47.57 2.65
CA SER F 137 -10.49 48.17 2.55
C SER F 137 -9.50 47.18 1.95
N SER F 138 -9.59 45.91 2.32
CA SER F 138 -8.70 44.92 1.76
C SER F 138 -8.93 44.74 0.26
N TRP F 139 -10.18 44.77 -0.18
CA TRP F 139 -10.43 44.64 -1.61
C TRP F 139 -9.99 45.89 -2.36
N ARG F 140 -10.36 47.07 -1.86
CA ARG F 140 -9.96 48.31 -2.50
C ARG F 140 -8.45 48.37 -2.69
N SER F 141 -7.69 47.83 -1.74
CA SER F 141 -6.24 47.92 -1.80
C SER F 141 -5.61 46.98 -2.83
N VAL F 142 -6.40 46.11 -3.46
CA VAL F 142 -5.92 45.23 -4.51
C VAL F 142 -6.78 45.28 -5.76
N ALA F 143 -7.79 46.13 -5.79
CA ALA F 143 -8.82 46.04 -6.84
C ALA F 143 -8.24 46.33 -8.22
N ASP F 144 -7.38 47.34 -8.33
CA ASP F 144 -6.84 47.71 -9.63
C ASP F 144 -5.89 46.64 -10.16
N THR F 145 -5.06 46.08 -9.29
CA THR F 145 -4.14 45.03 -9.72
C THR F 145 -4.91 43.79 -10.19
N LEU F 146 -5.87 43.33 -9.39
CA LEU F 146 -6.54 42.08 -9.71
C LEU F 146 -7.54 42.22 -10.85
N ARG F 147 -8.18 43.39 -10.99
N ARG F 147 -8.17 43.40 -10.98
CA ARG F 147 -9.03 43.61 -12.15
CA ARG F 147 -9.03 43.63 -12.14
C ARG F 147 -8.23 43.50 -13.43
C ARG F 147 -8.24 43.51 -13.44
N GLN F 148 -7.04 44.10 -13.47
CA GLN F 148 -6.19 44.00 -14.64
C GLN F 148 -5.85 42.54 -14.95
N LYS F 149 -5.50 41.77 -13.92
CA LYS F 149 -5.16 40.36 -14.13
C LYS F 149 -6.35 39.58 -14.65
N VAL F 150 -7.53 39.78 -14.06
CA VAL F 150 -8.72 39.06 -14.50
C VAL F 150 -9.05 39.41 -15.95
N GLU F 151 -9.05 40.71 -16.27
CA GLU F 151 -9.48 41.14 -17.59
C GLU F 151 -8.45 40.81 -18.66
N ASP F 152 -7.16 40.76 -18.29
CA ASP F 152 -6.17 40.21 -19.19
C ASP F 152 -6.50 38.76 -19.54
N ALA F 153 -6.82 37.96 -18.53
CA ALA F 153 -7.16 36.57 -18.76
C ALA F 153 -8.43 36.44 -19.60
N VAL F 154 -9.41 37.30 -19.35
CA VAL F 154 -10.64 37.27 -20.15
C VAL F 154 -10.31 37.51 -21.61
N ARG F 155 -9.54 38.55 -21.90
CA ARG F 155 -9.14 38.83 -23.28
C ARG F 155 -8.47 37.61 -23.91
N GLU F 156 -7.61 36.93 -23.16
CA GLU F 156 -6.87 35.80 -23.72
C GLU F 156 -7.75 34.58 -23.92
N HIS F 157 -8.77 34.38 -23.08
CA HIS F 157 -9.66 33.22 -23.16
C HIS F 157 -11.10 33.70 -23.04
N PRO F 158 -11.60 34.43 -24.04
CA PRO F 158 -12.91 35.09 -23.90
C PRO F 158 -14.09 34.14 -23.82
N ASP F 159 -13.90 32.84 -24.00
CA ASP F 159 -14.98 31.87 -23.87
C ASP F 159 -14.96 31.16 -22.53
N TYR F 160 -13.98 31.43 -21.69
CA TYR F 160 -13.95 30.83 -20.36
C TYR F 160 -14.91 31.56 -19.43
N ARG F 161 -15.28 30.89 -18.35
CA ARG F 161 -16.17 31.44 -17.34
C ARG F 161 -15.35 31.97 -16.17
N VAL F 162 -15.61 33.22 -15.79
CA VAL F 162 -14.94 33.84 -14.66
C VAL F 162 -15.66 33.44 -13.38
N VAL F 163 -14.89 32.97 -12.39
CA VAL F 163 -15.45 32.56 -11.10
C VAL F 163 -14.56 33.07 -9.99
N PHE F 164 -15.12 33.84 -9.06
CA PHE F 164 -14.45 34.21 -7.82
C PHE F 164 -14.92 33.26 -6.72
N THR F 165 -13.99 32.83 -5.87
CA THR F 165 -14.36 31.90 -4.82
C THR F 165 -13.46 32.06 -3.60
N GLY F 166 -13.95 31.59 -2.48
CA GLY F 166 -13.18 31.64 -1.24
C GLY F 166 -13.96 31.09 -0.08
N HIS F 167 -13.23 30.77 0.98
CA HIS F 167 -13.78 30.26 2.23
C HIS F 167 -13.56 31.28 3.33
N SER F 168 -14.60 31.52 4.13
CA SER F 168 -14.54 32.43 5.27
C SER F 168 -14.14 33.82 4.77
N LEU F 169 -13.09 34.44 5.31
CA LEU F 169 -12.65 35.74 4.84
C LEU F 169 -12.49 35.75 3.32
N GLY F 170 -12.05 34.64 2.74
CA GLY F 170 -11.88 34.59 1.30
C GLY F 170 -13.20 34.70 0.56
N GLY F 171 -14.27 34.12 1.11
CA GLY F 171 -15.57 34.26 0.50
C GLY F 171 -16.10 35.67 0.59
N ALA F 172 -15.78 36.37 1.67
CA ALA F 172 -16.20 37.77 1.80
C ALA F 172 -15.49 38.64 0.77
N LEU F 173 -14.19 38.41 0.57
CA LEU F 173 -13.47 39.15 -0.46
C LEU F 173 -13.98 38.81 -1.85
N ALA F 174 -14.24 37.53 -2.11
CA ALA F 174 -14.81 37.14 -3.40
C ALA F 174 -16.17 37.77 -3.62
N THR F 175 -16.96 37.91 -2.55
CA THR F 175 -18.28 38.50 -2.68
C THR F 175 -18.20 40.00 -2.97
N VAL F 176 -17.26 40.70 -2.32
CA VAL F 176 -17.12 42.13 -2.55
C VAL F 176 -16.48 42.40 -3.90
N ALA F 177 -15.52 41.56 -4.30
CA ALA F 177 -14.86 41.74 -5.58
C ALA F 177 -15.84 41.57 -6.73
N GLY F 178 -16.67 40.52 -6.68
CA GLY F 178 -17.62 40.29 -7.74
C GLY F 178 -18.63 41.40 -7.89
N ALA F 179 -19.14 41.90 -6.76
CA ALA F 179 -20.05 43.04 -6.82
C ALA F 179 -19.39 44.25 -7.47
N ASP F 180 -18.10 44.45 -7.20
CA ASP F 180 -17.40 45.62 -7.71
C ASP F 180 -17.11 45.51 -9.21
N LEU F 181 -16.70 44.32 -9.67
CA LEU F 181 -16.17 44.16 -11.01
C LEU F 181 -17.21 43.70 -12.04
N ARG F 182 -18.41 43.36 -11.62
CA ARG F 182 -19.45 43.02 -12.58
C ARG F 182 -19.88 44.26 -13.36
N GLY F 183 -20.45 44.02 -14.54
CA GLY F 183 -20.94 45.08 -15.38
C GLY F 183 -19.94 45.65 -16.34
N ASN F 184 -18.82 44.96 -16.58
CA ASN F 184 -17.78 45.44 -17.48
C ASN F 184 -17.56 44.49 -18.64
N GLY F 185 -18.62 43.77 -19.04
CA GLY F 185 -18.61 43.00 -20.27
C GLY F 185 -18.56 41.49 -20.11
N TYR F 186 -18.44 40.98 -18.88
CA TYR F 186 -18.32 39.55 -18.66
C TYR F 186 -19.02 39.17 -17.37
N ASP F 187 -19.54 37.96 -17.32
CA ASP F 187 -20.19 37.46 -16.12
C ASP F 187 -19.17 37.00 -15.08
N ILE F 188 -19.48 37.25 -13.81
CA ILE F 188 -18.67 36.80 -12.69
C ILE F 188 -19.57 36.00 -11.76
N ASP F 189 -19.32 34.70 -11.65
CA ASP F 189 -19.99 33.87 -10.65
C ASP F 189 -19.14 33.79 -9.39
N VAL F 190 -19.80 33.81 -8.24
CA VAL F 190 -19.12 33.77 -6.94
C VAL F 190 -19.64 32.57 -6.15
N PHE F 191 -18.71 31.79 -5.59
CA PHE F 191 -19.01 30.66 -4.71
C PHE F 191 -18.31 30.90 -3.37
N SER F 192 -19.06 31.33 -2.36
CA SER F 192 -18.51 31.55 -1.03
C SER F 192 -18.88 30.39 -0.11
N TYR F 193 -17.95 30.05 0.79
CA TYR F 193 -18.12 28.96 1.75
C TYR F 193 -17.88 29.49 3.16
N GLY F 194 -18.92 29.43 3.99
CA GLY F 194 -18.80 29.90 5.35
C GLY F 194 -18.45 31.37 5.46
N ALA F 195 -18.89 32.18 4.51
CA ALA F 195 -18.57 33.59 4.53
C ALA F 195 -19.34 34.30 5.63
N PRO F 196 -18.75 35.33 6.25
CA PRO F 196 -19.50 36.19 7.16
C PRO F 196 -20.38 37.17 6.38
N ARG F 197 -21.28 37.82 7.11
CA ARG F 197 -22.01 38.94 6.53
C ARG F 197 -21.03 40.05 6.16
N VAL F 198 -21.26 40.68 5.02
CA VAL F 198 -20.30 41.65 4.48
C VAL F 198 -20.81 43.08 4.51
N GLY F 199 -22.10 43.31 4.69
CA GLY F 199 -22.59 44.68 4.71
C GLY F 199 -23.96 44.83 5.32
N ASN F 200 -24.56 45.99 5.05
CA ASN F 200 -25.88 46.33 5.58
C ASN F 200 -26.96 45.70 4.70
N ARG F 201 -28.22 46.10 4.93
CA ARG F 201 -29.31 45.48 4.18
C ARG F 201 -29.28 45.89 2.71
N ALA F 202 -28.97 47.16 2.43
CA ALA F 202 -28.93 47.62 1.05
C ALA F 202 -27.93 46.81 0.24
N PHE F 203 -26.73 46.58 0.78
CA PHE F 203 -25.74 45.77 0.11
C PHE F 203 -26.22 44.32 -0.02
N ALA F 204 -26.93 43.83 0.99
CA ALA F 204 -27.45 42.47 0.94
C ALA F 204 -28.47 42.32 -0.19
N GLU F 205 -29.34 43.32 -0.36
CA GLU F 205 -30.29 43.30 -1.47
C GLU F 205 -29.57 43.39 -2.81
N PHE F 206 -28.65 44.33 -2.94
CA PHE F 206 -27.87 44.43 -4.18
C PHE F 206 -27.25 43.10 -4.54
N LEU F 207 -26.56 42.47 -3.59
CA LEU F 207 -25.95 41.18 -3.83
C LEU F 207 -26.98 40.13 -4.23
N THR F 208 -28.24 40.32 -3.85
CA THR F 208 -29.29 39.38 -4.22
C THR F 208 -29.73 39.55 -5.67
N VAL F 209 -29.69 40.78 -6.18
CA VAL F 209 -30.34 41.10 -7.45
C VAL F 209 -29.37 41.48 -8.56
N GLN F 210 -28.10 41.70 -8.25
CA GLN F 210 -27.18 42.26 -9.24
C GLN F 210 -27.13 41.39 -10.50
N THR F 211 -27.07 42.07 -11.64
CA THR F 211 -26.97 41.41 -12.94
C THR F 211 -25.51 41.12 -13.27
N GLY F 212 -25.30 40.15 -14.14
CA GLY F 212 -23.98 39.85 -14.65
C GLY F 212 -23.23 38.76 -13.91
N GLY F 213 -23.92 37.76 -13.39
CA GLY F 213 -23.29 36.69 -12.62
C GLY F 213 -24.15 36.33 -11.43
N THR F 214 -23.85 35.16 -10.84
CA THR F 214 -24.64 34.61 -9.74
C THR F 214 -23.75 34.41 -8.51
N LEU F 215 -24.32 34.66 -7.33
CA LEU F 215 -23.64 34.42 -6.06
C LEU F 215 -24.22 33.17 -5.40
N TYR F 216 -23.38 32.16 -5.22
CA TYR F 216 -23.74 30.95 -4.48
C TYR F 216 -23.12 31.06 -3.09
N ARG F 217 -23.94 31.43 -2.11
CA ARG F 217 -23.50 31.59 -0.72
C ARG F 217 -23.82 30.29 0.02
N ILE F 218 -22.77 29.57 0.42
CA ILE F 218 -22.89 28.21 0.95
C ILE F 218 -22.51 28.21 2.42
N THR F 219 -23.38 27.62 3.25
CA THR F 219 -23.18 27.54 4.68
C THR F 219 -23.26 26.09 5.13
N HIS F 220 -22.71 25.80 6.30
CA HIS F 220 -22.67 24.44 6.82
C HIS F 220 -23.25 24.39 8.22
N THR F 221 -24.27 23.55 8.41
CA THR F 221 -24.94 23.32 9.69
C THR F 221 -24.99 24.59 10.54
N ASN F 222 -24.35 24.58 11.72
CA ASN F 222 -24.38 25.71 12.64
C ASN F 222 -23.03 26.40 12.73
N ASP F 223 -22.29 26.43 11.62
CA ASP F 223 -21.07 27.23 11.52
C ASP F 223 -21.30 28.64 12.03
N ILE F 224 -20.39 29.09 12.91
CA ILE F 224 -20.57 30.38 13.56
C ILE F 224 -20.28 31.54 12.61
N VAL F 225 -19.36 31.36 11.67
CA VAL F 225 -18.87 32.50 10.89
C VAL F 225 -19.96 33.16 10.08
N PRO F 226 -20.83 32.44 9.37
CA PRO F 226 -21.93 33.11 8.66
C PRO F 226 -22.90 33.83 9.58
N ARG F 227 -22.78 33.68 10.89
CA ARG F 227 -23.57 34.44 11.85
C ARG F 227 -22.85 35.69 12.34
N LEU F 228 -21.68 36.00 11.78
CA LEU F 228 -20.90 37.17 12.16
C LEU F 228 -20.71 38.10 10.97
N PRO F 229 -20.69 39.42 11.20
CA PRO F 229 -21.03 40.10 12.46
C PRO F 229 -22.52 39.99 12.74
N PRO F 230 -22.92 40.03 14.01
CA PRO F 230 -24.33 39.81 14.34
C PRO F 230 -25.25 40.83 13.69
N ARG F 231 -26.51 40.43 13.53
CA ARG F 231 -27.51 41.34 12.98
C ARG F 231 -27.54 42.68 13.71
N GLU F 232 -27.25 42.66 15.01
CA GLU F 232 -27.42 43.86 15.83
C GLU F 232 -26.37 44.93 15.55
N PHE F 233 -25.30 44.60 14.83
CA PHE F 233 -24.35 45.61 14.38
C PHE F 233 -24.74 46.23 13.04
N GLY F 234 -25.88 45.86 12.49
CA GLY F 234 -26.33 46.41 11.23
C GLY F 234 -26.05 45.57 9.99
N TYR F 235 -25.81 44.28 10.15
CA TYR F 235 -25.40 43.41 9.05
C TYR F 235 -26.53 42.50 8.62
N SER F 236 -26.60 42.24 7.31
CA SER F 236 -27.62 41.40 6.71
C SER F 236 -26.95 40.44 5.72
N HIS F 237 -27.63 39.32 5.47
CA HIS F 237 -27.17 38.32 4.52
C HIS F 237 -27.97 38.39 3.24
N SER F 238 -27.27 38.25 2.12
CA SER F 238 -27.92 38.18 0.82
C SER F 238 -28.74 36.90 0.70
N SER F 239 -29.58 36.85 -0.32
CA SER F 239 -30.37 35.68 -0.66
C SER F 239 -29.99 35.19 -2.06
N PRO F 240 -30.00 33.87 -2.31
CA PRO F 240 -30.35 32.78 -1.39
C PRO F 240 -29.21 32.27 -0.53
N GLU F 241 -29.51 31.22 0.24
CA GLU F 241 -28.53 30.49 1.03
C GLU F 241 -28.62 29.01 0.66
N TYR F 242 -27.47 28.40 0.40
CA TYR F 242 -27.37 26.96 0.16
C TYR F 242 -26.78 26.34 1.41
N TRP F 243 -27.59 25.60 2.16
CA TRP F 243 -27.26 25.16 3.52
C TRP F 243 -26.96 23.67 3.51
N ILE F 244 -25.75 23.32 3.90
CA ILE F 244 -25.33 21.92 4.00
C ILE F 244 -25.77 21.37 5.36
N LYS F 245 -26.64 20.36 5.33
CA LYS F 245 -27.21 19.82 6.56
C LYS F 245 -26.45 18.61 7.11
N SER F 246 -25.62 17.96 6.30
CA SER F 246 -24.81 16.88 6.84
C SER F 246 -23.79 17.42 7.84
N GLY F 247 -23.26 16.53 8.66
CA GLY F 247 -22.45 16.91 9.79
C GLY F 247 -20.98 17.04 9.46
N THR F 248 -20.22 17.43 10.48
CA THR F 248 -18.78 17.59 10.34
C THR F 248 -18.12 16.23 10.16
N LEU F 249 -17.14 16.18 9.26
CA LEU F 249 -16.45 14.95 8.88
C LEU F 249 -17.39 13.94 8.21
N VAL F 250 -18.53 14.39 7.72
CA VAL F 250 -19.51 13.54 7.05
C VAL F 250 -19.54 13.92 5.58
N PRO F 251 -19.43 12.97 4.65
CA PRO F 251 -19.52 13.32 3.23
C PRO F 251 -20.84 13.99 2.90
N VAL F 252 -20.78 14.93 1.97
CA VAL F 252 -21.96 15.63 1.49
C VAL F 252 -22.47 14.94 0.23
N THR F 253 -23.78 14.80 0.13
CA THR F 253 -24.44 14.39 -1.10
C THR F 253 -25.38 15.51 -1.53
N ARG F 254 -25.83 15.47 -2.79
CA ARG F 254 -26.69 16.53 -3.27
C ARG F 254 -28.02 16.58 -2.54
N ASN F 255 -28.36 15.52 -1.81
CA ASN F 255 -29.60 15.50 -1.02
C ASN F 255 -29.44 16.18 0.33
N ASP F 256 -28.22 16.58 0.70
CA ASP F 256 -27.96 17.22 1.98
C ASP F 256 -27.92 18.75 1.89
N ILE F 257 -28.11 19.32 0.71
CA ILE F 257 -28.01 20.76 0.49
C ILE F 257 -29.41 21.29 0.19
N VAL F 258 -29.79 22.36 0.89
CA VAL F 258 -31.12 22.94 0.78
C VAL F 258 -31.00 24.41 0.44
N LYS F 259 -31.73 24.85 -0.58
CA LYS F 259 -31.77 26.26 -0.96
C LYS F 259 -32.80 26.97 -0.08
N ILE F 260 -32.41 28.13 0.45
CA ILE F 260 -33.25 28.92 1.33
C ILE F 260 -33.23 30.35 0.81
N GLU F 261 -34.40 30.86 0.46
CA GLU F 261 -34.52 32.21 -0.10
C GLU F 261 -35.01 33.19 0.96
N GLY F 262 -34.73 34.47 0.73
CA GLY F 262 -35.16 35.50 1.63
C GLY F 262 -34.03 36.21 2.32
N ILE F 263 -34.01 37.55 2.26
CA ILE F 263 -32.98 38.33 2.95
C ILE F 263 -33.03 38.01 4.44
N ASP F 264 -31.89 37.64 5.00
CA ASP F 264 -31.79 37.29 6.42
C ASP F 264 -32.74 36.14 6.78
N ALA F 265 -32.95 35.22 5.84
CA ALA F 265 -33.78 34.06 6.15
C ALA F 265 -33.24 33.30 7.35
N THR F 266 -34.15 32.72 8.11
CA THR F 266 -33.80 31.81 9.18
C THR F 266 -34.04 30.37 8.72
N GLY F 267 -33.79 29.42 9.62
CA GLY F 267 -34.04 28.02 9.32
C GLY F 267 -32.94 27.33 8.53
N GLY F 268 -31.89 28.06 8.15
CA GLY F 268 -30.69 27.44 7.62
C GLY F 268 -29.58 27.56 8.63
N ASN F 269 -28.46 28.17 8.24
CA ASN F 269 -27.41 28.46 9.21
C ASN F 269 -27.87 29.49 10.23
N ASN F 270 -28.75 30.40 9.82
CA ASN F 270 -29.18 31.52 10.67
C ASN F 270 -30.32 31.04 11.57
N GLN F 271 -29.96 30.30 12.61
CA GLN F 271 -30.91 29.81 13.58
C GLN F 271 -30.46 30.20 14.98
N PRO F 272 -31.40 30.35 15.92
CA PRO F 272 -31.07 30.77 17.29
C PRO F 272 -30.64 29.63 18.21
N ASN F 273 -29.75 28.78 17.70
CA ASN F 273 -29.21 27.67 18.46
C ASN F 273 -27.72 27.91 18.73
N ILE F 274 -27.08 26.92 19.34
CA ILE F 274 -25.66 27.05 19.71
C ILE F 274 -24.81 26.93 18.46
N PRO F 275 -23.87 27.85 18.23
CA PRO F 275 -22.99 27.74 17.06
C PRO F 275 -21.87 26.73 17.33
N ASP F 276 -21.08 26.49 16.29
CA ASP F 276 -20.02 25.48 16.34
C ASP F 276 -18.85 25.96 15.50
N ILE F 277 -17.64 25.70 15.98
CA ILE F 277 -16.43 26.16 15.31
C ILE F 277 -15.95 25.10 14.32
N PRO F 278 -15.86 23.82 14.70
CA PRO F 278 -15.38 22.81 13.75
C PRO F 278 -16.24 22.69 12.49
N ALA F 279 -17.54 22.97 12.57
CA ALA F 279 -18.35 22.94 11.36
C ALA F 279 -17.78 23.88 10.32
N HIS F 280 -17.15 24.97 10.75
CA HIS F 280 -16.60 25.96 9.83
C HIS F 280 -15.55 25.35 8.91
N LEU F 281 -14.87 24.30 9.36
CA LEU F 281 -13.75 23.73 8.60
C LEU F 281 -14.18 22.60 7.68
N TRP F 282 -15.45 22.22 7.70
CA TRP F 282 -15.92 21.08 6.91
C TRP F 282 -16.95 21.55 5.89
N TYR F 283 -16.47 21.81 4.67
CA TYR F 283 -17.31 22.21 3.54
C TYR F 283 -16.96 21.25 2.40
N PHE F 284 -17.62 20.08 2.40
CA PHE F 284 -17.32 18.98 1.48
C PHE F 284 -16.04 18.27 1.88
N GLY F 285 -15.11 19.01 2.47
CA GLY F 285 -13.93 18.42 3.08
C GLY F 285 -13.29 19.44 3.99
N LEU F 286 -12.10 19.10 4.49
CA LEU F 286 -11.39 20.03 5.36
C LEU F 286 -10.91 21.22 4.55
N ILE F 287 -11.28 22.41 5.01
CA ILE F 287 -10.93 23.67 4.36
CA ILE F 287 -10.93 23.67 4.36
C ILE F 287 -10.33 24.59 5.41
N GLY F 288 -9.25 25.27 5.04
CA GLY F 288 -8.54 26.14 5.95
C GLY F 288 -7.30 25.54 6.55
N THR F 289 -7.03 24.26 6.29
CA THR F 289 -5.99 23.53 7.00
C THR F 289 -4.78 23.18 6.13
N CYS F 290 -4.81 23.46 4.84
CA CYS F 290 -3.66 23.16 4.00
C CYS F 290 -2.50 24.08 4.37
N LEU F 291 -1.36 23.50 4.71
CA LEU F 291 -0.16 24.28 5.04
C LEU F 291 0.58 24.73 3.78
C1 OCA G . -0.32 22.53 22.44
C2 OCA G . -0.42 23.21 23.81
C3 OCA G . -0.17 24.72 23.71
C4 OCA G . 0.84 25.14 24.78
C5 OCA G . 0.36 26.38 25.52
C6 OCA G . 1.54 27.35 25.59
C7 OCA G . 1.43 28.39 26.69
C8 OCA G . -0.03 28.79 26.78
O1 OCA G . -0.91 23.00 21.44
CA CA H . 23.96 22.02 33.36
C1 NAG I . 28.01 23.56 30.94
C2 NAG I . 29.05 24.59 31.24
C3 NAG I . 30.31 23.93 31.82
C4 NAG I . 30.29 22.40 31.68
C5 NAG I . 28.93 21.75 31.97
C6 NAG I . 28.88 21.02 33.29
C7 NAG I . 28.90 26.58 29.81
C8 NAG I . 29.32 27.21 28.52
N2 NAG I . 29.38 25.35 30.04
O3 NAG I . 30.43 24.28 33.19
O4 NAG I . 30.70 22.05 30.35
O5 NAG I . 27.89 22.72 32.00
O6 NAG I . 27.62 20.37 33.45
O7 NAG I . 28.16 27.15 30.60
H2 NAG I . 28.72 25.20 31.91
H3 NAG I . 31.07 24.25 31.31
H4 NAG I . 30.91 22.06 32.35
H5 NAG I . 28.76 21.12 31.25
H61 NAG I . 29.01 21.65 34.01
H62 NAG I . 29.59 20.36 33.32
H81 NAG I . 29.02 28.14 28.50
H82 NAG I . 28.92 26.73 27.77
H83 NAG I . 30.28 27.18 28.45
HN2 NAG I . 29.91 25.00 29.46
HO3 NAG I . 31.11 23.91 33.51
HO4 NAG I . 30.82 21.22 30.30
HO6 NAG I . 27.56 19.73 32.91
O4 LTV J . -11.14 19.50 16.43
C21 LTV J . -10.48 20.46 16.78
O3 LTV J . -9.06 20.27 17.06
C20 LTV J . -8.58 19.98 18.37
C19 LTV J . -7.06 19.90 18.29
O2 LTV J . -6.65 18.53 18.36
C18 LTV J . -6.43 20.65 19.45
O1 LTV J . -5.10 20.21 19.65
C17 LTV J . -4.04 21.09 20.15
O LTV J . -2.98 20.59 20.51
C16 LTV J . -4.24 22.58 20.25
C15 LTV J . -5.40 22.90 21.19
C14 LTV J . -6.36 23.89 20.53
C13 LTV J . -7.20 24.59 21.59
C12 LTV J . -6.40 24.70 22.89
C11 LTV J . -6.05 26.16 23.21
C10 LTV J . -5.01 26.27 24.32
C9 LTV J . -4.50 27.71 24.39
C8 LTV J . -3.30 27.81 25.34
C7 LTV J . -2.30 28.86 24.85
C6 LTV J . -1.27 28.29 23.87
C5 LTV J . 0.01 29.12 23.80
C22 LTV J . -11.11 21.82 16.90
C23 LTV J . -10.81 22.42 18.26
C24 LTV J . -11.24 23.89 18.29
C25 LTV J . -11.65 24.28 19.71
C26 LTV J . -13.17 24.35 19.82
C27 LTV J . -13.64 23.78 21.14
C28 LTV J . -14.71 22.71 20.90
C29 LTV J . -14.43 21.93 19.62
C30 LTV J . -15.33 20.70 19.50
C31 LTV J . -16.75 21.07 19.07
C32 LTV J . -17.71 19.90 19.21
C33 LTV J . -17.85 19.08 17.92
C34 LTV J . -19.26 19.17 17.31
C35 LTV J . -19.29 20.25 16.24
P PO4 K . -15.57 14.46 24.25
O1 PO4 K . -15.72 14.04 22.81
O2 PO4 K . -16.47 13.61 25.11
O3 PO4 K . -15.98 15.91 24.39
O4 PO4 K . -14.14 14.29 24.69
C1 OCA L . 6.17 -22.63 -11.87
C2 OCA L . 5.97 -23.69 -10.80
C3 OCA L . 7.24 -24.53 -10.63
C4 OCA L . 7.16 -25.80 -11.47
C5 OCA L . 7.95 -26.88 -10.74
C6 OCA L . 9.24 -26.31 -10.12
C7 OCA L . 9.85 -27.29 -9.11
C8 OCA L . 10.84 -28.25 -9.76
O1 OCA L . 5.70 -22.84 -13.03
P PO4 M . 8.70 -11.81 -25.28
O1 PO4 M . 9.23 -13.09 -25.88
O2 PO4 M . 8.76 -11.90 -23.77
O3 PO4 M . 7.27 -11.59 -25.71
O4 PO4 M . 9.54 -10.66 -25.75
CA CA N . 9.80 -23.88 14.56
CA CA O . -2.28 -31.66 -5.62
C1 NAG P . 6.23 -26.84 17.91
C2 NAG P . 6.67 -28.07 18.68
C3 NAG P . 6.66 -27.79 20.18
C4 NAG P . 7.48 -26.54 20.48
C5 NAG P . 6.96 -25.38 19.64
C6 NAG P . 7.74 -24.10 19.80
C7 NAG P . 6.17 -30.26 17.68
C8 NAG P . 5.11 -31.30 17.42
N2 NAG P . 5.78 -29.19 18.37
O3 NAG P . 7.21 -28.90 20.87
O4 NAG P . 7.39 -26.21 21.86
O5 NAG P . 7.05 -25.74 18.26
O6 NAG P . 7.10 -23.03 19.12
O7 NAG P . 7.32 -30.39 17.26
H2 NAG P . 7.57 -28.31 18.43
H3 NAG P . 5.75 -27.65 20.48
H4 NAG P . 8.42 -26.70 20.26
H5 NAG P . 6.03 -25.20 19.88
H61 NAG P . 8.63 -24.22 19.44
H62 NAG P . 7.81 -23.88 20.75
H81 NAG P . 5.51 -32.07 16.99
H82 NAG P . 4.42 -30.93 16.84
H83 NAG P . 4.72 -31.57 18.27
HN2 NAG P . 4.92 -29.16 18.67
HO3 NAG P . 7.93 -28.65 21.32
HO4 NAG P . 8.06 -26.62 22.29
HO6 NAG P . 7.54 -22.32 19.22
O4 LTV Q . 3.33 -20.23 -14.57
C21 LTV Q . 3.47 -20.94 -15.56
O3 LTV Q . 2.60 -20.73 -16.71
C20 LTV Q . 3.09 -20.35 -17.99
C19 LTV Q . 2.05 -19.52 -18.72
O2 LTV Q . 1.90 -18.27 -18.03
C18 LTV Q . 2.53 -19.26 -20.14
O1 LTV Q . 1.93 -20.20 -21.03
C17 LTV Q . 2.30 -20.24 -22.43
O LTV Q . 1.73 -19.49 -23.22
C16 LTV Q . 3.35 -21.20 -22.92
C15 LTV Q . 2.63 -22.45 -23.45
C14 LTV Q . 3.61 -23.58 -23.69
C13 LTV Q . 4.63 -23.63 -22.56
C12 LTV Q . 6.03 -23.53 -23.15
C11 LTV Q . 6.09 -22.36 -24.13
C10 LTV Q . 7.11 -22.65 -25.24
C9 LTV Q . 8.42 -23.15 -24.63
C8 LTV Q . 9.40 -23.57 -25.72
C7 LTV Q . 10.84 -23.59 -25.20
C6 LTV Q . 11.71 -22.69 -26.06
C5 LTV Q . 13.17 -22.68 -25.60
C4 LTV Q . 13.93 -23.88 -26.15
C3 LTV Q . 15.42 -23.61 -26.21
C2 LTV Q . 15.96 -23.71 -27.63
C1 LTV Q . 15.83 -25.12 -28.19
C LTV Q . 14.46 -25.36 -28.79
C22 LTV Q . 4.52 -22.02 -15.55
C23 LTV Q . 5.06 -22.35 -16.94
C24 LTV Q . 6.31 -23.21 -16.76
C25 LTV Q . 6.71 -23.95 -18.04
C26 LTV Q . 8.22 -23.97 -18.17
C27 LTV Q . 8.84 -25.33 -17.85
C28 LTV Q . 8.64 -25.74 -16.40
C29 LTV Q . 9.16 -27.17 -16.22
C30 LTV Q . 9.44 -27.45 -14.75
C31 LTV Q . 8.30 -26.98 -13.87
C32 LTV Q . 8.64 -27.24 -12.40
C33 LTV Q . 7.58 -28.12 -11.74
C34 LTV Q . 6.77 -28.89 -12.77
C35 LTV Q . 5.65 -29.67 -12.07
C36 LTV Q . 5.69 -31.16 -12.35
C37 LTV Q . 4.58 -31.59 -13.30
P PO4 R . -14.91 -10.25 -20.61
O1 PO4 R . -15.01 -11.08 -21.88
O2 PO4 R . -15.45 -11.03 -19.45
O3 PO4 R . -15.72 -8.98 -20.79
O4 PO4 R . -13.46 -9.89 -20.36
C1 OCA S . -4.07 -33.53 -27.29
C2 OCA S . -3.17 -32.73 -26.35
C3 OCA S . -3.69 -31.31 -26.31
C4 OCA S . -4.78 -31.05 -25.27
C5 OCA S . -4.80 -29.54 -25.10
C6 OCA S . -3.36 -29.07 -25.28
C7 OCA S . -3.01 -27.96 -24.30
C8 OCA S . -1.50 -27.69 -24.24
O1 OCA S . -4.59 -34.61 -26.90
CA CA T . -28.31 -25.87 -23.98
CA CA U . -8.07 -37.32 -15.85
C1 NAG V . -32.06 -26.98 -21.23
C2 NAG V . -32.38 -26.05 -20.06
C3 NAG V . -33.82 -25.56 -20.17
C4 NAG V . -34.07 -24.94 -21.53
C5 NAG V . -33.63 -25.89 -22.65
C6 NAG V . -33.68 -25.26 -24.02
C7 NAG V . -31.29 -26.27 -17.87
C8 NAG V . -31.18 -27.07 -16.61
N2 NAG V . -32.17 -26.71 -18.78
O3 NAG V . -34.09 -24.62 -19.14
O4 NAG V . -35.45 -24.64 -21.70
O5 NAG V . -32.27 -26.29 -22.45
O6 NAG V . -33.15 -26.12 -25.02
O7 NAG V . -30.60 -25.27 -18.06
H2 NAG V . -31.79 -25.28 -20.11
H3 NAG V . -34.43 -26.33 -20.06
H4 NAG V . -33.55 -24.11 -21.60
H5 NAG V . -34.19 -26.67 -22.63
H61 NAG V . -33.18 -24.42 -24.02
H62 NAG V . -34.62 -25.06 -24.24
H81 NAG V . -30.53 -26.66 -16.01
H82 NAG V . -30.88 -27.99 -16.84
H83 NAG V . -32.05 -27.12 -16.18
HN2 NAG V . -32.65 -27.46 -18.59
HO3 NAG V . -34.95 -24.43 -19.13
HO4 NAG V . -35.56 -24.09 -22.38
HO6 NAG V . -32.61 -26.71 -24.62
O4 LTV W . -0.68 -36.51 -29.37
C21 LTV W . 0.35 -35.85 -29.32
O3 LTV W . 1.62 -36.52 -29.55
C20 LTV W . 1.65 -37.94 -29.57
C19 LTV W . 2.77 -38.50 -30.44
O2 LTV W . 2.53 -38.16 -31.81
C18 LTV W . 4.13 -37.96 -30.01
O1 LTV W . 5.11 -38.94 -30.32
C17 LTV W . 6.40 -38.55 -30.85
O LTV W . 6.91 -39.19 -31.77
C16 LTV W . 7.09 -37.36 -30.24
C15 LTV W . 7.92 -37.80 -29.04
C14 LTV W . 8.20 -36.61 -28.13
C13 LTV W . 8.81 -35.47 -28.92
C12 LTV W . 7.98 -34.21 -28.72
C11 LTV W . 8.84 -33.02 -28.29
C10 LTV W . 8.04 -32.08 -27.41
C9 LTV W . 8.82 -30.80 -27.11
C8 LTV W . 8.75 -29.84 -28.28
C7 LTV W . 9.78 -28.72 -28.16
C6 LTV W . 9.68 -27.78 -29.35
C5 LTV W . 9.98 -26.34 -28.96
C4 LTV W . 9.63 -25.40 -30.10
C3 LTV W . 9.72 -23.93 -29.68
C2 LTV W . 10.79 -23.18 -30.45
C1 LTV W . 12.12 -23.24 -29.71
C LTV W . 13.28 -23.00 -30.64
C22 LTV W . 0.30 -34.38 -29.01
C23 LTV W . 0.51 -34.15 -27.53
C24 LTV W . 0.85 -32.69 -27.25
C25 LTV W . 2.19 -32.27 -27.85
C26 LTV W . 2.86 -31.23 -26.95
C27 LTV W . 1.90 -30.07 -26.66
C28 LTV W . 2.31 -29.31 -25.40
C29 LTV W . 1.14 -29.15 -24.46
C30 LTV W . 0.05 -30.19 -24.73
C31 LTV W . -0.13 -31.11 -23.53
C32 LTV W . -0.66 -30.34 -22.32
C33 LTV W . -0.36 -31.06 -21.01
C34 LTV W . -1.28 -32.25 -20.79
C35 LTV W . -1.07 -32.89 -19.42
C1 OCA X . 13.76 -41.20 -18.72
C2 OCA X . 12.50 -41.33 -17.88
C3 OCA X . 11.41 -42.01 -18.71
C4 OCA X . 10.07 -41.35 -18.43
C5 OCA X . 8.99 -42.36 -18.80
C6 OCA X . 8.33 -42.82 -17.50
C7 OCA X . 7.37 -43.92 -17.93
C8 OCA X . 6.66 -43.60 -19.25
O1 OCA X . 13.80 -40.42 -19.72
CA CA Y . 7.54 -66.92 -17.72
C1 NAG Z . 3.16 -69.35 -15.85
C2 NAG Z . 1.90 -69.99 -16.39
C3 NAG Z . 2.00 -71.50 -16.31
C4 NAG Z . 3.27 -72.00 -16.98
C5 NAG Z . 4.49 -71.26 -16.45
C6 NAG Z . 5.76 -71.58 -17.20
C7 NAG Z . -0.29 -68.90 -16.29
C8 NAG Z . -1.41 -68.45 -15.39
N2 NAG Z . 0.73 -69.50 -15.68
O3 NAG Z . 0.85 -72.09 -16.93
O4 NAG Z . 3.43 -73.40 -16.75
O5 NAG Z . 4.30 -69.84 -16.56
O6 NAG Z . 6.79 -70.65 -16.92
O7 NAG Z . -0.32 -68.73 -17.50
H2 NAG Z . 1.81 -69.75 -17.34
H3 NAG Z . 2.02 -71.77 -15.37
H4 NAG Z . 3.20 -71.84 -17.95
H5 NAG Z . 4.60 -71.48 -15.50
H61 NAG Z . 5.57 -71.56 -18.17
H62 NAG Z . 6.07 -72.47 -16.95
H81 NAG Z . -2.15 -68.13 -15.94
H82 NAG Z . -1.09 -67.73 -14.81
H83 NAG Z . -1.71 -69.20 -14.84
HN2 NAG Z . 0.70 -69.62 -14.78
HO3 NAG Z . 0.91 -72.97 -16.87
HO4 NAG Z . 3.95 -73.75 -17.38
HO6 NAG Z . 6.45 -69.82 -16.90
O4 LTV AA . 15.31 -38.39 -16.05
C21 LTV AA . 15.03 -37.43 -16.75
O3 LTV AA . 15.24 -36.08 -16.25
C20 LTV AA . 16.52 -35.47 -16.30
C19 LTV AA . 16.84 -34.96 -14.90
O2 LTV AA . 17.33 -36.05 -14.12
C18 LTV AA . 17.89 -33.86 -15.01
O1 LTV AA . 17.42 -32.69 -14.34
C17 LTV AA . 17.80 -31.39 -14.84
O LTV AA . 18.56 -30.69 -14.18
C16 LTV AA . 17.25 -30.89 -16.14
C15 LTV AA . 16.03 -30.04 -15.86
C14 LTV AA . 15.00 -30.22 -16.96
C13 LTV AA . 15.68 -30.08 -18.32
C12 LTV AA . 16.60 -28.86 -18.37
C11 LTV AA . 16.91 -28.40 -19.79
C10 LTV AA . 16.79 -29.53 -20.81
C9 LTV AA . 15.34 -29.76 -21.23
C8 LTV AA . 15.05 -29.08 -22.56
C7 LTV AA . 13.84 -29.74 -23.22
C6 LTV AA . 13.81 -29.39 -24.70
C5 LTV AA . 15.23 -29.22 -25.21
C4 LTV AA . 15.42 -29.97 -26.52
C3 LTV AA . 14.66 -31.29 -26.49
C22 LTV AA . 14.47 -37.59 -18.14
C23 LTV AA . 13.80 -36.29 -18.52
C24 LTV AA . 14.07 -35.95 -19.98
C25 LTV AA . 12.78 -36.07 -20.78
C26 LTV AA . 12.78 -37.32 -21.63
C27 LTV AA . 11.38 -37.89 -21.78
C28 LTV AA . 10.33 -36.80 -21.91
C29 LTV AA . 9.06 -37.34 -22.56
C30 LTV AA . 8.78 -38.78 -22.12
C31 LTV AA . 8.79 -38.92 -20.59
C32 LTV AA . 7.55 -39.60 -20.05
C33 LTV AA . 7.50 -39.48 -18.54
C34 LTV AA . 6.09 -39.70 -18.01
C35 LTV AA . 5.27 -38.43 -18.17
C36 LTV AA . 5.74 -37.35 -17.20
C37 LTV AA . 5.29 -37.66 -15.78
C38 LTV AA . 5.11 -36.37 -15.01
C39 LTV AA . 5.76 -35.19 -15.71
C40 LTV AA . 5.10 -33.89 -15.31
C41 LTV AA . 4.27 -33.30 -16.46
C42 LTV AA . 3.19 -32.35 -15.94
C43 LTV AA . 1.96 -32.32 -16.85
C44 LTV AA . 2.23 -31.63 -18.18
C45 LTV AA . 3.60 -30.98 -18.18
P PO4 BA . 25.63 -31.99 1.97
O1 PO4 BA . 25.17 -33.37 1.60
O2 PO4 BA . 26.31 -31.36 0.78
O3 PO4 BA . 24.43 -31.15 2.36
O4 PO4 BA . 26.58 -32.07 3.12
C1 OCA CA . -4.95 43.27 24.96
C2 OCA CA . -5.00 43.65 23.49
C3 OCA CA . -5.94 42.71 22.76
C4 OCA CA . -6.54 43.39 21.55
C5 OCA CA . -6.02 42.66 20.31
C6 OCA CA . -5.78 43.71 19.24
C7 OCA CA . -6.99 43.83 18.32
C8 OCA CA . -6.78 42.94 17.10
O1 OCA CA . -4.57 42.13 25.32
CA CA DA . -0.98 66.94 13.59
C1 NAG EA . 2.34 67.97 10.14
C2 NAG EA . 2.15 68.09 8.63
C3 NAG EA . 2.29 69.54 8.21
C4 NAG EA . 1.31 70.41 8.99
C5 NAG EA . 1.46 70.19 10.49
C6 NAG EA . 0.38 70.86 11.29
C7 NAG EA . 2.71 66.42 6.93
C8 NAG EA . 3.81 65.62 6.28
N2 NAG EA . 3.09 67.25 7.91
O3 NAG EA . 2.05 69.65 6.81
O4 NAG EA . 1.55 71.79 8.69
O5 NAG EA . 1.38 68.78 10.80
O6 NAG EA . 0.29 70.32 12.61
O7 NAG EA . 1.55 66.32 6.57
H2 NAG EA . 1.25 67.79 8.42
H3 NAG EA . 3.21 69.85 8.39
H4 NAG EA . 0.41 70.17 8.72
H5 NAG EA . 2.34 70.52 10.76
H61 NAG EA . -0.48 70.75 10.84
H62 NAG EA . 0.57 71.82 11.36
H81 NAG EA . 3.45 65.08 5.56
H82 NAG EA . 4.22 65.03 6.96
H83 NAG EA . 4.49 66.23 5.93
HN2 NAG EA . 3.97 67.28 8.14
HO3 NAG EA . 2.20 70.49 6.54
HO4 NAG EA . 0.81 72.25 8.86
HO6 NAG EA . 0.40 69.44 12.56
O4 LTV FA . -4.25 40.70 27.93
C21 LTV FA . -4.84 39.66 27.67
O3 LTV FA . -4.62 38.49 28.49
C20 LTV FA . -4.78 38.57 29.90
C19 LTV FA . -3.68 37.73 30.56
O2 LTV FA . -3.58 38.06 31.95
C18 LTV FA . -4.00 36.25 30.39
O1 LTV FA . -4.80 35.79 31.47
C17 LTV FA . -4.93 34.35 31.71
O LTV FA . -4.88 33.92 32.85
C16 LTV FA . -5.12 33.42 30.54
C15 LTV FA . -6.61 33.33 30.20
C14 LTV FA . -6.83 32.61 28.88
C13 LTV FA . -8.30 32.61 28.52
C12 LTV FA . -9.12 32.09 29.68
C11 LTV FA . -10.56 31.81 29.26
C10 LTV FA . -11.55 32.78 29.91
C9 LTV FA . -12.09 32.24 31.22
C8 LTV FA . -13.61 32.40 31.30
C7 LTV FA . -14.31 31.41 30.36
C6 LTV FA . -15.54 32.04 29.71
C5 LTV FA . -16.82 31.47 30.29
C4 LTV FA . -17.62 32.56 31.00
C3 LTV FA . -19.07 32.16 31.23
C2 LTV FA . -19.35 31.91 32.71
C1 LTV FA . -20.80 32.21 33.07
C LTV FA . -21.62 30.95 33.27
C22 LTV FA . -5.81 39.58 26.51
C23 LTV FA . -7.09 38.90 26.99
C24 LTV FA . -7.75 38.00 25.94
C25 LTV FA . -8.00 38.74 24.63
C26 LTV FA . -9.11 38.04 23.86
C27 LTV FA . -9.43 38.81 22.58
C28 LTV FA . -8.14 39.23 21.89
C29 LTV FA . -8.41 39.72 20.48
C30 LTV FA . -8.06 41.19 20.30
C31 LTV FA . -6.59 41.34 19.90
C32 LTV FA . -6.18 40.21 18.96
C33 LTV FA . -4.67 40.05 18.96
C34 LTV FA . -4.21 38.73 18.37
C35 LTV FA . -4.51 37.56 19.30
C36 LTV FA . -3.67 36.34 18.94
C37 LTV FA . -3.93 35.21 19.94
C38 LTV FA . -5.27 35.38 20.64
C39 LTV FA . -6.01 34.05 20.74
C40 LTV FA . -7.38 34.18 21.41
C41 LTV FA . -8.02 35.54 21.12
C42 LTV FA . -9.54 35.50 21.23
C43 LTV FA . -10.18 34.79 20.05
C44 LTV FA . -11.55 34.22 20.39
C45 LTV FA . -11.40 32.94 21.19
P PO4 GA . 6.14 43.34 16.35
O1 PO4 GA . 4.82 42.96 15.73
O2 PO4 GA . 7.12 43.67 15.26
O3 PO4 GA . 5.95 44.54 17.24
O4 PO4 GA . 6.68 42.18 17.17
C1 OCA HA . -11.91 31.90 7.75
C2 OCA HA . -11.52 30.54 8.31
C3 OCA HA . -10.06 30.24 7.96
C4 OCA HA . -9.40 29.53 9.15
C5 OCA HA . -9.22 28.04 8.85
C6 OCA HA . -7.96 27.54 9.53
O1 OCA HA . -11.56 32.95 8.36
CA CA IA . -3.15 19.08 -12.70
C1 NAG JA . 0.47 19.37 -15.95
C2 NAG JA . 1.56 18.32 -15.82
C3 NAG JA . 1.62 17.49 -17.09
C4 NAG JA . 0.25 16.90 -17.39
C5 NAG JA . -0.83 17.98 -17.39
C6 NAG JA . -2.23 17.41 -17.47
C7 NAG JA . 3.66 18.57 -14.53
C8 NAG JA . 3.19 17.43 -13.68
N2 NAG JA . 2.85 18.93 -15.53
O3 NAG JA . 2.57 16.44 -16.92
O4 NAG JA . 0.28 16.28 -18.68
O5 NAG JA . -0.77 18.74 -16.17
O6 NAG JA . -3.14 18.13 -16.65
O7 NAG JA . 4.74 19.13 -14.34
H2 NAG JA . 1.34 17.73 -15.07
H3 NAG JA . 1.90 18.05 -17.82
H4 NAG JA . 0.03 16.23 -16.72
H5 NAG JA . -0.67 18.58 -18.15
H61 NAG JA . -2.21 16.48 -17.19
H62 NAG JA . -2.54 17.45 -18.40
H81 NAG JA . 3.88 17.23 -13.00
H82 NAG JA . 3.04 16.64 -14.23
H83 NAG JA . 2.37 17.69 -13.23
HN2 NAG JA . 3.12 19.62 -16.09
HO3 NAG JA . 2.70 16.03 -17.71
HO4 NAG JA . -0.24 15.57 -18.69
HO6 NAG JA . -2.70 18.79 -16.24
O4 LTV KA . -17.44 40.36 15.29
C21 LTV KA . -16.39 39.82 15.02
O3 LTV KA . -15.99 39.70 13.62
C20 LTV KA . -15.87 38.44 12.97
C19 LTV KA . -15.68 38.72 11.49
O2 LTV KA . -16.74 39.56 11.01
C18 LTV KA . -15.68 37.41 10.72
O1 LTV KA . -14.49 36.75 11.09
C17 LTV KA . -13.90 35.71 10.27
O LTV KA . -13.79 35.88 9.06
C16 LTV KA . -13.47 34.44 10.94
C15 LTV KA . -14.40 34.28 12.14
C14 LTV KA . -13.66 33.75 13.36
C13 LTV KA . -14.19 34.37 14.63
C12 LTV KA . -14.37 33.34 15.74
C11 LTV KA . -13.39 32.19 15.60
C10 LTV KA . -13.95 31.11 14.66
C9 LTV KA . -12.94 30.77 13.58
C8 LTV KA . -11.81 29.94 14.16
C7 LTV KA . -10.65 29.88 13.18
C6 LTV KA . -9.34 29.73 13.96
C5 LTV KA . -8.22 29.24 13.04
C4 LTV KA . -7.99 30.24 11.90
C3 LTV KA . -6.51 30.29 11.56
C2 LTV KA . -5.77 31.32 12.39
C1 LTV KA . -6.17 31.20 13.86
C22 LTV KA . -15.49 39.28 16.11
C23 LTV KA . -16.28 38.32 16.98
C24 LTV KA . -15.33 37.61 17.92
C25 LTV KA . -15.81 36.20 18.19
C26 LTV KA . -14.65 35.26 18.46
C27 LTV KA . -15.19 33.92 18.98
C28 LTV KA . -14.10 32.88 19.22
C29 LTV KA . -14.56 31.95 20.33
C30 LTV KA . -15.07 32.77 21.51
C31 LTV KA . -16.20 32.06 22.25
C32 LTV KA . -17.25 33.03 22.77
C33 LTV KA . -16.74 33.83 23.98
C34 LTV KA . -16.95 33.07 25.28
C35 LTV KA . -18.44 32.95 25.60
C36 LTV KA . -18.61 32.57 27.07
C37 LTV KA . -20.06 32.17 27.34
#